data_7M8R
#
_entry.id   7M8R
#
_cell.length_a   102.388
_cell.length_b   105.466
_cell.length_c   298.184
_cell.angle_alpha   90.000
_cell.angle_beta   90.000
_cell.angle_gamma   90.000
#
_symmetry.space_group_name_H-M   'P 21 21 21'
#
loop_
_entity.id
_entity.type
_entity.pdbx_description
1 polymer 'Methane monooxygenase component A alpha chain'
2 polymer 'Methane monooxygenase beta chain'
3 polymer 'Methane monooxygenase gamma chain'
4 polymer 'Methane monooxygenase regulatory protein B'
5 non-polymer 'FE (III) ION'
6 non-polymer 1,2-ETHANEDIOL
7 non-polymer 'BENZOIC ACID'
8 non-polymer 1,1,1-tris(fluoranyl)propan-2-one
9 non-polymer 'CHLORIDE ION'
10 water water
#
loop_
_entity_poly.entity_id
_entity_poly.type
_entity_poly.pdbx_seq_one_letter_code
_entity_poly.pdbx_strand_id
1 'polypeptide(L)'
;DALKVNRAPVGVEPQEVHKWLQSFNWDFKENRTKYPTKYHMANETKEQFKVIAKEYARMEAAKDERQFGTLLDGLTRLGA
GNKVHPRWGETMKVISNFLEVGEYNAIAASAMLWDSATAAEQKNGYLAQVLDEIRHTHQCAFINHYYSKHYHDPAGHNDA
RRTRAIGPLWKGMKRVFADGFISGDAVECSVNLQLVGEACFTNPLIVAVTEWASANGDEITPTVFLSVETDELRHMANGY
QTVVSIANDPASAKFLNTDLNNAFWTQQKYFTPVLGYLFEYGSKFKVEPWVKTWNRWVYEDWGGIWIGRLGKYGVESPAS
LRDAKRDAYWAHHDLALAAYAMWPLGFARLALPDEEDQAWFEANYPGWADHYGKIFNEWKKLGYEDPKSGFIPYQWLLAN
GHDVYIDRVSQVPFIPSLAKGTGSLRVHEFNGKKHSLTDDWGERQWLIEPERYECHNVFEQYEGRELSEVIAEGHGVRSD
GKTLIAQPHTRGDNLWTLEDIKRAGCVFPDPLAKF
;
A,E
2 'polypeptide(L)'
;PQSSQVTKRGLTDPERAAIIAAAVPDHALDTQRKYHYFIQPRWKRLSEYEQLSCYAQPNPDWIAGGLDWGDWTQKFHGGR
PSWGNESTELRTTDWYRHRDPARRWHHPYVKDKSEEARYTQRFLAAYSSEGSIRTIDPYWRDEILNKYFGALLYSEYGLF
NAHSSVGRDCLSDTIRQTAVFAALDKVDNAQMIQMERLFIAKLVPGFDASTDVPKKIWTTDPIYSGARATVQEIWQGVQD
WNEILWAGHAVYDATFGQFARREFFQRLATVYGDTLTPFFTAQSQTYFQTTRGAIDDLFVYCLANDSEFGAHNRTFLNAW
TEHYLASSVAALKDFVGLYAKVEKVAGATDRAGVSEALQRVFGDWKIDYADKIGFRVDVDQKVDAVLAGYKN
;
B,F
3 'polypeptide(L)'
;AKREPIHDNSIRTEWEAKIAKLTSVDQATKFIQDFRLAYTSPFRKSYDIDVDYQYIERKIEEKLSVLKTEKLPVADLITK
ATTGEDAAAVEATWIAKIKAAKSKYEAERIHIEFRQLYKPPVLPVNVFLRTDAALGTVLMEIRNTDYYGTPLEGLRKERG
VKVLHLQA
;
C,G
4 'polypeptide(L)'
;SAHNAYNAGIMQCTGKAFADEFFAEENQVVHESNAVVLVLMKSDEIDAIIEDIVLKGGKAKNPSIVVEDKAGF(FTR)
(FTR)IKADGAIEIDAAEAGELLGKPFSVYDLLINVSSTVGRAYTLGTKFTITSELMGLDRALTDI
;
D,H
#
loop_
_chem_comp.id
_chem_comp.type
_chem_comp.name
_chem_comp.formula
BEZ non-polymer 'BENZOIC ACID' 'C7 H6 O2'
CL non-polymer 'CHLORIDE ION' 'Cl -1'
EDO non-polymer 1,2-ETHANEDIOL 'C2 H6 O2'
FE non-polymer 'FE (III) ION' 'Fe 3'
W6X non-polymer 1,1,1-tris(fluoranyl)propan-2-one 'C3 H3 F3 O'
#
# COMPACT_ATOMS: atom_id res chain seq x y z
N ASP A 1 22.91 35.07 -8.59
CA ASP A 1 22.80 35.50 -9.98
C ASP A 1 22.52 34.32 -10.92
N ALA A 2 22.94 34.45 -12.17
CA ALA A 2 22.70 33.41 -13.17
C ALA A 2 23.67 32.24 -13.05
N LEU A 3 24.71 32.37 -12.24
CA LEU A 3 25.70 31.31 -12.09
C LEU A 3 25.74 30.70 -10.70
N LYS A 4 25.56 31.50 -9.65
CA LYS A 4 25.82 31.08 -8.29
C LYS A 4 24.52 30.94 -7.52
N VAL A 5 24.32 29.78 -6.90
CA VAL A 5 23.16 29.52 -6.06
C VAL A 5 23.53 28.42 -5.09
N ASN A 6 22.87 28.39 -3.94
CA ASN A 6 23.01 27.27 -3.02
C ASN A 6 22.25 26.06 -3.59
N ARG A 7 22.99 24.98 -3.87
CA ARG A 7 22.40 23.79 -4.45
C ARG A 7 22.24 22.67 -3.43
N ALA A 8 22.17 23.01 -2.15
CA ALA A 8 21.87 22.02 -1.13
C ALA A 8 20.45 21.49 -1.34
N PRO A 9 20.24 20.19 -1.17
CA PRO A 9 18.89 19.62 -1.34
C PRO A 9 17.97 20.05 -0.22
N VAL A 10 16.91 20.78 -0.56
CA VAL A 10 15.93 21.21 0.44
C VAL A 10 14.52 20.98 -0.12
N GLY A 11 13.59 20.76 0.79
CA GLY A 11 12.18 20.76 0.49
C GLY A 11 11.47 21.75 1.38
N VAL A 12 10.18 21.49 1.61
CA VAL A 12 9.37 22.28 2.54
C VAL A 12 8.52 21.31 3.32
N GLU A 13 8.68 21.29 4.61
CA GLU A 13 7.98 20.35 5.46
C GLU A 13 6.62 20.89 5.88
N PRO A 14 5.70 20.02 6.27
CA PRO A 14 4.32 20.47 6.53
C PRO A 14 4.23 21.62 7.54
N GLN A 15 5.03 21.58 8.60
CA GLN A 15 4.90 22.64 9.61
C GLN A 15 5.44 23.97 9.11
N GLU A 16 6.30 23.96 8.09
CA GLU A 16 6.74 25.22 7.49
C GLU A 16 5.59 25.91 6.78
N VAL A 17 4.72 25.15 6.12
CA VAL A 17 3.53 25.75 5.52
C VAL A 17 2.50 26.08 6.58
N HIS A 18 2.30 25.18 7.55
CA HIS A 18 1.25 25.37 8.54
C HIS A 18 1.43 26.66 9.32
N LYS A 19 2.67 27.09 9.49
CA LYS A 19 2.97 28.31 10.24
C LYS A 19 2.26 29.54 9.66
N TRP A 20 1.97 29.53 8.36
CA TRP A 20 1.37 30.67 7.69
C TRP A 20 -0.15 30.55 7.52
N LEU A 21 -0.75 29.44 7.97
CA LEU A 21 -2.18 29.21 7.72
C LEU A 21 -3.05 30.27 8.37
N GLN A 22 -2.71 30.67 9.61
CA GLN A 22 -3.55 31.63 10.33
C GLN A 22 -3.66 32.94 9.57
N SER A 23 -2.65 33.30 8.78
CA SER A 23 -2.70 34.50 7.96
C SER A 23 -3.54 34.34 6.70
N PHE A 24 -4.04 33.15 6.40
CA PHE A 24 -4.81 32.95 5.17
C PHE A 24 -6.20 33.61 5.25
N ASN A 25 -6.67 33.92 6.44
CA ASN A 25 -7.96 34.58 6.59
C ASN A 25 -7.80 36.09 6.44
N TRP A 26 -8.90 36.75 6.06
CA TRP A 26 -8.91 38.20 5.96
C TRP A 26 -10.24 38.72 6.49
N ASP A 27 -10.23 39.99 6.90
CA ASP A 27 -11.37 40.58 7.59
C ASP A 27 -12.34 41.20 6.59
N PHE A 28 -13.60 40.82 6.69
CA PHE A 28 -14.68 41.53 6.01
C PHE A 28 -15.94 41.36 6.84
N LYS A 29 -16.90 42.27 6.61
CA LYS A 29 -18.03 42.39 7.53
C LYS A 29 -18.84 41.10 7.63
N GLU A 30 -18.94 40.35 6.53
CA GLU A 30 -19.78 39.16 6.49
C GLU A 30 -19.08 37.91 6.99
N ASN A 31 -17.81 38.01 7.40
CA ASN A 31 -17.03 36.82 7.72
C ASN A 31 -17.42 36.31 9.10
N ARG A 32 -18.54 35.60 9.14
CA ARG A 32 -19.06 35.02 10.37
C ARG A 32 -19.86 33.77 10.02
N THR A 33 -20.11 32.94 11.03
CA THR A 33 -20.79 31.68 10.79
C THR A 33 -22.23 31.90 10.37
N LYS A 34 -22.76 30.93 9.62
CA LYS A 34 -24.13 30.97 9.15
C LYS A 34 -25.09 30.26 10.08
N TYR A 35 -24.59 29.62 11.15
CA TYR A 35 -25.43 28.75 11.94
C TYR A 35 -25.76 29.37 13.29
N PRO A 36 -26.96 29.08 13.83
CA PRO A 36 -27.33 29.63 15.14
C PRO A 36 -26.45 29.05 16.24
N THR A 37 -25.97 29.91 17.12
CA THR A 37 -25.17 29.48 18.25
C THR A 37 -25.36 30.43 19.41
N LYS A 38 -25.25 29.89 20.63
CA LYS A 38 -25.21 30.69 21.84
C LYS A 38 -23.82 31.23 22.15
N TYR A 39 -22.79 30.71 21.49
CA TYR A 39 -21.41 30.97 21.85
C TYR A 39 -20.79 31.96 20.88
N HIS A 40 -20.39 33.12 21.39
CA HIS A 40 -19.84 34.19 20.57
C HIS A 40 -18.49 34.68 21.08
N MET A 41 -17.81 33.86 21.88
CA MET A 41 -16.58 34.26 22.54
C MET A 41 -15.38 34.19 21.59
N ALA A 42 -14.24 34.67 22.08
CA ALA A 42 -13.01 34.66 21.30
C ALA A 42 -12.48 33.23 21.16
N ASN A 43 -12.15 32.84 19.94
CA ASN A 43 -11.81 31.45 19.64
C ASN A 43 -10.66 31.40 18.63
N GLU A 44 -9.61 32.18 18.86
CA GLU A 44 -8.46 32.22 17.97
C GLU A 44 -7.35 31.32 18.53
N THR A 45 -7.62 30.02 18.48
CA THR A 45 -6.77 29.00 19.09
C THR A 45 -5.82 28.39 18.06
N LYS A 46 -4.93 27.52 18.54
CA LYS A 46 -3.88 26.93 17.73
C LYS A 46 -4.05 25.43 17.61
N GLU A 47 -3.71 24.89 16.44
CA GLU A 47 -3.88 23.47 16.15
C GLU A 47 -2.79 22.65 16.82
N GLN A 48 -3.18 21.58 17.51
CA GLN A 48 -2.24 20.74 18.26
C GLN A 48 -1.59 19.68 17.39
N PHE A 49 -2.18 19.33 16.25
CA PHE A 49 -1.62 18.36 15.31
C PHE A 49 -1.56 19.07 13.96
N LYS A 50 -0.43 19.71 13.70
CA LYS A 50 -0.27 20.49 12.47
C LYS A 50 -0.33 19.58 11.26
N VAL A 51 -1.26 19.85 10.36
CA VAL A 51 -1.38 19.12 9.10
C VAL A 51 -1.66 20.11 7.97
N ILE A 52 -1.25 19.71 6.77
CA ILE A 52 -1.68 20.35 5.54
C ILE A 52 -2.24 19.24 4.66
N ALA A 53 -2.84 19.64 3.54
CA ALA A 53 -3.59 18.69 2.72
C ALA A 53 -2.70 17.54 2.26
N LYS A 54 -1.50 17.87 1.75
CA LYS A 54 -0.61 16.82 1.25
C LYS A 54 -0.21 15.86 2.34
N GLU A 55 0.08 16.37 3.54
CA GLU A 55 0.46 15.49 4.64
C GLU A 55 -0.74 14.72 5.17
N TYR A 56 -1.93 15.34 5.18
CA TYR A 56 -3.12 14.60 5.55
C TYR A 56 -3.28 13.37 4.67
N ALA A 57 -3.15 13.56 3.36
CA ALA A 57 -3.36 12.46 2.43
C ALA A 57 -2.32 11.38 2.61
N ARG A 58 -1.06 11.77 2.85
CA ARG A 58 0.00 10.78 3.01
C ARG A 58 -0.24 9.90 4.22
N MET A 59 -0.62 10.50 5.35
CA MET A 59 -0.85 9.74 6.57
C MET A 59 -1.98 8.73 6.39
N GLU A 60 -3.12 9.19 5.86
CA GLU A 60 -4.28 8.31 5.77
C GLU A 60 -4.06 7.21 4.74
N ALA A 61 -3.42 7.55 3.62
CA ALA A 61 -3.12 6.53 2.62
C ALA A 61 -2.19 5.45 3.18
N ALA A 62 -1.20 5.85 3.99
CA ALA A 62 -0.33 4.88 4.62
C ALA A 62 -1.12 3.96 5.55
N LYS A 63 -2.04 4.53 6.34
CA LYS A 63 -2.91 3.70 7.16
C LYS A 63 -3.72 2.73 6.31
N ASP A 64 -4.27 3.21 5.19
CA ASP A 64 -5.17 2.41 4.36
C ASP A 64 -4.45 1.22 3.75
N GLU A 65 -3.26 1.46 3.16
CA GLU A 65 -2.57 0.39 2.46
C GLU A 65 -2.33 -0.81 3.35
N ARG A 66 -1.99 -0.57 4.62
CA ARG A 66 -1.79 -1.66 5.56
C ARG A 66 -3.11 -2.34 5.89
N GLN A 67 -4.14 -1.56 6.19
CA GLN A 67 -5.46 -2.09 6.49
C GLN A 67 -5.96 -2.99 5.36
N PHE A 68 -5.93 -2.48 4.13
CA PHE A 68 -6.49 -3.24 3.02
C PHE A 68 -5.59 -4.40 2.61
N GLY A 69 -4.28 -4.28 2.77
CA GLY A 69 -3.42 -5.44 2.59
C GLY A 69 -3.81 -6.57 3.51
N THR A 70 -3.94 -6.28 4.81
CA THR A 70 -4.38 -7.29 5.76
C THR A 70 -5.72 -7.90 5.36
N LEU A 71 -6.67 -7.06 4.94
CA LEU A 71 -8.00 -7.55 4.62
C LEU A 71 -8.01 -8.39 3.35
N LEU A 72 -7.56 -7.80 2.24
CA LEU A 72 -7.74 -8.43 0.94
C LEU A 72 -6.74 -9.54 0.67
N ASP A 73 -5.59 -9.53 1.33
CA ASP A 73 -4.57 -10.53 1.09
C ASP A 73 -4.56 -11.55 2.23
N GLY A 74 -3.99 -11.16 3.37
CA GLY A 74 -3.79 -12.07 4.49
C GLY A 74 -5.04 -12.73 5.06
N LEU A 75 -5.98 -11.93 5.58
CA LEU A 75 -7.14 -12.53 6.22
C LEU A 75 -8.00 -13.30 5.23
N THR A 76 -8.01 -12.89 3.97
CA THR A 76 -8.77 -13.61 2.96
C THR A 76 -8.15 -14.98 2.69
N ARG A 77 -6.83 -15.03 2.58
CA ARG A 77 -6.14 -16.30 2.36
C ARG A 77 -6.35 -17.25 3.53
N LEU A 78 -6.49 -16.72 4.74
CA LEU A 78 -6.81 -17.54 5.91
C LEU A 78 -8.28 -17.96 5.96
N GLY A 79 -9.14 -17.43 5.10
CA GLY A 79 -10.56 -17.67 5.27
C GLY A 79 -11.11 -17.09 6.56
N ALA A 80 -10.49 -16.03 7.07
CA ALA A 80 -10.87 -15.47 8.36
C ALA A 80 -12.30 -14.94 8.37
N GLY A 81 -12.86 -14.61 7.19
CA GLY A 81 -14.21 -14.08 7.11
C GLY A 81 -15.28 -15.02 7.63
N ASN A 82 -15.04 -16.33 7.62
CA ASN A 82 -16.02 -17.29 8.10
C ASN A 82 -15.56 -18.01 9.36
N LYS A 83 -14.61 -17.43 10.09
CA LYS A 83 -14.13 -17.96 11.35
C LYS A 83 -14.72 -17.22 12.55
N VAL A 84 -15.76 -16.43 12.33
CA VAL A 84 -16.42 -15.64 13.35
C VAL A 84 -17.53 -16.46 13.99
N HIS A 85 -17.66 -16.40 15.30
CA HIS A 85 -18.82 -17.00 15.94
C HIS A 85 -20.08 -16.35 15.38
N PRO A 86 -21.09 -17.13 14.99
CA PRO A 86 -22.28 -16.53 14.35
C PRO A 86 -22.91 -15.40 15.16
N ARG A 87 -22.98 -15.54 16.49
CA ARG A 87 -23.50 -14.46 17.32
C ARG A 87 -22.76 -13.16 17.02
N TRP A 88 -21.43 -13.23 16.94
CA TRP A 88 -20.65 -12.02 16.74
C TRP A 88 -20.76 -11.51 15.31
N GLY A 89 -20.68 -12.41 14.33
CA GLY A 89 -20.92 -12.01 12.95
C GLY A 89 -22.24 -11.30 12.78
N GLU A 90 -23.28 -11.75 13.50
CA GLU A 90 -24.57 -11.07 13.46
C GLU A 90 -24.50 -9.71 14.13
N THR A 91 -23.76 -9.61 15.23
CA THR A 91 -23.63 -8.35 15.94
C THR A 91 -22.96 -7.29 15.08
N MET A 92 -22.04 -7.68 14.20
CA MET A 92 -21.34 -6.68 13.39
C MET A 92 -22.20 -6.12 12.28
N LYS A 93 -23.31 -6.78 11.92
CA LYS A 93 -24.29 -6.13 11.05
C LYS A 93 -24.81 -4.85 11.69
N VAL A 94 -25.10 -4.91 12.99
CA VAL A 94 -25.68 -3.78 13.70
C VAL A 94 -24.61 -2.75 14.05
N ILE A 95 -23.53 -3.21 14.71
CA ILE A 95 -22.52 -2.28 15.21
C ILE A 95 -21.92 -1.47 14.06
N SER A 96 -21.53 -2.14 12.99
CA SER A 96 -20.82 -1.44 11.92
C SER A 96 -21.74 -0.50 11.16
N ASN A 97 -22.96 -0.93 10.84
CA ASN A 97 -23.84 -0.06 10.07
C ASN A 97 -24.38 1.07 10.92
N PHE A 98 -24.70 0.80 12.20
CA PHE A 98 -25.17 1.86 13.07
C PHE A 98 -24.08 2.90 13.30
N LEU A 99 -22.86 2.44 13.61
CA LEU A 99 -21.73 3.37 13.75
C LEU A 99 -21.49 4.15 12.46
N GLU A 100 -21.71 3.50 11.31
CA GLU A 100 -21.57 4.17 10.02
C GLU A 100 -22.39 5.45 9.94
N VAL A 101 -23.63 5.44 10.45
CA VAL A 101 -24.42 6.66 10.39
C VAL A 101 -23.92 7.68 11.40
N GLY A 102 -23.35 7.22 12.51
CA GLY A 102 -22.69 8.15 13.43
C GLY A 102 -21.52 8.84 12.77
N GLU A 103 -20.67 8.05 12.09
CA GLU A 103 -19.58 8.63 11.31
C GLU A 103 -20.10 9.57 10.24
N TYR A 104 -21.16 9.17 9.54
CA TYR A 104 -21.67 10.00 8.45
C TYR A 104 -22.23 11.32 8.97
N ASN A 105 -22.98 11.26 10.08
CA ASN A 105 -23.45 12.50 10.69
C ASN A 105 -22.29 13.33 11.22
N ALA A 106 -21.21 12.67 11.67
CA ALA A 106 -20.06 13.40 12.16
C ALA A 106 -19.40 14.24 11.07
N ILE A 107 -19.51 13.81 9.81
CA ILE A 107 -19.06 14.64 8.70
C ILE A 107 -19.77 15.99 8.72
N ALA A 108 -21.11 15.96 8.85
CA ALA A 108 -21.90 17.18 8.85
C ALA A 108 -21.66 17.99 10.11
N ALA A 109 -21.59 17.35 11.27
CA ALA A 109 -21.29 18.07 12.50
C ALA A 109 -19.93 18.76 12.42
N SER A 110 -18.92 18.05 11.90
CA SER A 110 -17.59 18.66 11.79
C SER A 110 -17.59 19.82 10.81
N ALA A 111 -18.47 19.78 9.79
CA ALA A 111 -18.57 20.92 8.89
C ALA A 111 -19.20 22.13 9.59
N MET A 112 -20.13 21.88 10.52
CA MET A 112 -20.67 22.98 11.32
C MET A 112 -19.58 23.61 12.17
N LEU A 113 -18.76 22.78 12.80
CA LEU A 113 -17.61 23.28 13.55
C LEU A 113 -16.65 24.02 12.64
N TRP A 114 -16.39 23.45 11.47
CA TRP A 114 -15.64 24.16 10.43
C TRP A 114 -16.27 25.52 10.14
N ASP A 115 -17.61 25.55 9.97
CA ASP A 115 -18.26 26.81 9.63
C ASP A 115 -18.24 27.80 10.79
N SER A 116 -18.37 27.32 12.03
CA SER A 116 -18.43 28.23 13.16
C SER A 116 -17.05 28.64 13.67
N ALA A 117 -16.00 27.91 13.31
CA ALA A 117 -14.65 28.31 13.70
C ALA A 117 -14.30 29.65 13.07
N THR A 118 -13.56 30.47 13.81
CA THR A 118 -13.15 31.78 13.31
C THR A 118 -11.69 31.84 12.90
N ALA A 119 -10.81 31.08 13.56
CA ALA A 119 -9.40 31.06 13.20
C ALA A 119 -9.15 30.09 12.05
N ALA A 120 -8.26 30.50 11.14
CA ALA A 120 -7.96 29.68 9.97
C ALA A 120 -7.38 28.33 10.37
N GLU A 121 -6.58 28.28 11.42
CA GLU A 121 -6.01 27.01 11.87
C GLU A 121 -7.09 26.04 12.30
N GLN A 122 -8.10 26.52 13.03
CA GLN A 122 -9.19 25.65 13.45
C GLN A 122 -10.06 25.24 12.27
N LYS A 123 -10.29 26.16 11.34
CA LYS A 123 -10.98 25.79 10.10
C LYS A 123 -10.18 24.73 9.36
N ASN A 124 -8.86 24.81 9.42
CA ASN A 124 -8.02 23.80 8.77
C ASN A 124 -8.11 22.48 9.51
N GLY A 125 -8.11 22.52 10.85
CA GLY A 125 -8.18 21.28 11.61
C GLY A 125 -9.52 20.59 11.49
N TYR A 126 -10.60 21.36 11.40
CA TYR A 126 -11.92 20.74 11.30
C TYR A 126 -12.16 20.15 9.92
N LEU A 127 -11.54 20.71 8.87
CA LEU A 127 -11.64 20.08 7.56
C LEU A 127 -11.02 18.70 7.57
N ALA A 128 -9.85 18.55 8.22
CA ALA A 128 -9.23 17.24 8.35
C ALA A 128 -10.16 16.27 9.06
N GLN A 129 -10.85 16.75 10.10
CA GLN A 129 -11.83 15.92 10.79
C GLN A 129 -12.98 15.54 9.86
N VAL A 130 -13.50 16.51 9.09
CA VAL A 130 -14.54 16.22 8.11
C VAL A 130 -14.10 15.09 7.18
N LEU A 131 -12.86 15.19 6.69
CA LEU A 131 -12.29 14.16 5.83
C LEU A 131 -12.24 12.80 6.55
N ASP A 132 -11.81 12.80 7.82
CA ASP A 132 -11.72 11.56 8.58
C ASP A 132 -13.06 10.88 8.72
N GLU A 133 -14.12 11.66 8.97
CA GLU A 133 -15.43 11.05 9.17
C GLU A 133 -15.99 10.48 7.87
N ILE A 134 -15.59 11.04 6.71
CA ILE A 134 -15.84 10.36 5.45
C ILE A 134 -15.10 9.04 5.40
N ARG A 135 -13.81 9.06 5.75
CA ARG A 135 -13.01 7.83 5.78
C ARG A 135 -13.66 6.76 6.63
N HIS A 136 -14.15 7.15 7.82
CA HIS A 136 -14.76 6.19 8.74
C HIS A 136 -16.08 5.65 8.20
N THR A 137 -16.87 6.49 7.51
CA THR A 137 -18.07 5.99 6.85
C THR A 137 -17.73 4.84 5.91
N HIS A 138 -16.69 5.02 5.09
CA HIS A 138 -16.33 4.00 4.12
C HIS A 138 -15.66 2.80 4.79
N GLN A 139 -14.96 3.03 5.91
CA GLN A 139 -14.42 1.91 6.68
C GLN A 139 -15.52 1.04 7.26
N CYS A 140 -16.55 1.66 7.87
CA CYS A 140 -17.67 0.89 8.40
C CYS A 140 -18.41 0.16 7.28
N ALA A 141 -18.63 0.85 6.16
CA ALA A 141 -19.23 0.20 5.00
C ALA A 141 -18.37 -0.96 4.54
N PHE A 142 -17.04 -0.80 4.60
CA PHE A 142 -16.16 -1.84 4.06
C PHE A 142 -16.23 -3.11 4.89
N ILE A 143 -16.39 -2.99 6.21
CA ILE A 143 -16.53 -4.19 7.05
C ILE A 143 -17.73 -5.02 6.59
N ASN A 144 -18.91 -4.38 6.50
CA ASN A 144 -20.10 -5.12 6.07
C ASN A 144 -19.96 -5.58 4.62
N HIS A 145 -19.33 -4.75 3.78
CA HIS A 145 -18.96 -5.16 2.44
C HIS A 145 -18.15 -6.46 2.47
N TYR A 146 -17.09 -6.50 3.28
CA TYR A 146 -16.25 -7.70 3.39
C TYR A 146 -17.04 -8.88 3.94
N TYR A 147 -17.79 -8.65 5.03
CA TYR A 147 -18.65 -9.70 5.58
C TYR A 147 -19.62 -10.24 4.53
N SER A 148 -20.19 -9.35 3.71
CA SER A 148 -21.10 -9.80 2.66
C SER A 148 -20.43 -10.77 1.70
N LYS A 149 -19.12 -10.63 1.50
CA LYS A 149 -18.41 -11.47 0.54
C LYS A 149 -17.91 -12.78 1.15
N HIS A 150 -17.59 -12.81 2.45
CA HIS A 150 -16.84 -13.91 3.02
C HIS A 150 -17.50 -14.61 4.21
N TYR A 151 -18.60 -14.08 4.74
CA TYR A 151 -19.24 -14.62 5.94
C TYR A 151 -20.44 -15.46 5.54
N HIS A 152 -20.79 -16.43 6.40
CA HIS A 152 -21.79 -17.42 6.00
C HIS A 152 -23.21 -16.84 5.90
N ASP A 153 -23.46 -15.64 6.41
CA ASP A 153 -24.75 -14.99 6.25
C ASP A 153 -24.59 -13.55 5.78
N PRO A 154 -24.59 -13.32 4.46
CA PRO A 154 -24.49 -11.93 3.96
C PRO A 154 -25.76 -11.11 4.13
N ALA A 155 -26.92 -11.75 4.31
CA ALA A 155 -28.17 -11.01 4.44
C ALA A 155 -28.14 -10.15 5.68
N GLY A 156 -28.39 -8.85 5.51
CA GLY A 156 -28.31 -7.93 6.63
C GLY A 156 -27.00 -7.18 6.63
N HIS A 157 -25.89 -7.90 6.40
CA HIS A 157 -24.63 -7.24 6.07
C HIS A 157 -24.74 -6.50 4.75
N ASN A 158 -25.56 -6.99 3.83
CA ASN A 158 -25.59 -6.54 2.45
C ASN A 158 -26.67 -5.52 2.14
N ASP A 159 -27.52 -5.15 3.12
CA ASP A 159 -28.58 -4.20 2.78
C ASP A 159 -29.06 -3.37 3.97
N ALA A 160 -28.24 -3.16 5.00
CA ALA A 160 -28.72 -2.50 6.21
C ALA A 160 -29.20 -1.08 5.94
N ARG A 161 -28.64 -0.41 4.93
CA ARG A 161 -29.04 0.97 4.69
C ARG A 161 -30.49 1.12 4.27
N ARG A 162 -31.19 0.04 3.94
CA ARG A 162 -32.65 0.09 3.86
C ARG A 162 -33.34 -0.78 4.91
N THR A 163 -32.78 -1.94 5.27
CA THR A 163 -33.48 -2.80 6.21
C THR A 163 -33.40 -2.34 7.64
N ARG A 164 -32.49 -1.41 7.97
CA ARG A 164 -32.51 -0.83 9.31
C ARG A 164 -33.78 -0.05 9.58
N ALA A 165 -34.44 0.45 8.53
CA ALA A 165 -35.63 1.29 8.67
C ALA A 165 -36.84 0.54 9.22
N ILE A 166 -36.79 -0.79 9.29
CA ILE A 166 -37.95 -1.54 9.76
C ILE A 166 -38.10 -1.45 11.26
N GLY A 167 -36.99 -1.46 12.00
CA GLY A 167 -37.03 -1.74 13.42
C GLY A 167 -36.90 -0.55 14.34
N PRO A 168 -37.28 -0.76 15.61
CA PRO A 168 -37.27 0.35 16.58
C PRO A 168 -35.88 0.76 17.06
N LEU A 169 -34.91 -0.16 17.09
CA LEU A 169 -33.60 0.20 17.64
C LEU A 169 -32.88 1.21 16.75
N TRP A 170 -33.21 1.24 15.45
CA TRP A 170 -32.57 2.18 14.55
C TRP A 170 -33.01 3.62 14.80
N LYS A 171 -34.26 3.82 15.24
CA LYS A 171 -34.73 5.18 15.54
C LYS A 171 -33.83 5.85 16.57
N GLY A 172 -33.53 5.15 17.67
CA GLY A 172 -32.70 5.74 18.70
C GLY A 172 -31.28 5.98 18.23
N MET A 173 -30.80 5.16 17.28
CA MET A 173 -29.47 5.37 16.73
C MET A 173 -29.41 6.68 15.94
N LYS A 174 -30.50 7.06 15.27
CA LYS A 174 -30.53 8.31 14.52
C LYS A 174 -30.47 9.53 15.43
N ARG A 175 -30.65 9.37 16.73
CA ARG A 175 -30.46 10.50 17.64
C ARG A 175 -29.12 10.47 18.36
N VAL A 176 -28.70 9.31 18.83
CA VAL A 176 -27.63 9.23 19.83
C VAL A 176 -26.34 9.83 19.30
N PHE A 177 -25.94 9.47 18.08
CA PHE A 177 -24.73 10.00 17.46
C PHE A 177 -25.03 10.60 16.09
N ALA A 178 -26.20 11.18 15.93
CA ALA A 178 -26.60 11.70 14.62
C ALA A 178 -27.36 13.01 14.77
N ASP A 179 -28.70 12.95 14.78
CA ASP A 179 -29.50 14.14 15.02
C ASP A 179 -29.00 14.91 16.24
N GLY A 180 -28.57 14.20 17.28
CA GLY A 180 -28.05 14.86 18.47
C GLY A 180 -26.83 15.71 18.21
N PHE A 181 -26.02 15.37 17.20
CA PHE A 181 -24.88 16.19 16.85
C PHE A 181 -25.28 17.36 15.96
N ILE A 182 -25.98 17.08 14.85
CA ILE A 182 -26.07 18.06 13.77
C ILE A 182 -27.26 19.01 13.88
N SER A 183 -28.24 18.73 14.73
CA SER A 183 -29.46 19.52 14.79
C SER A 183 -29.48 20.35 16.07
N GLY A 184 -28.66 21.39 16.08
CA GLY A 184 -28.63 22.30 17.21
C GLY A 184 -27.50 23.31 17.09
N ASP A 185 -27.01 23.73 18.26
CA ASP A 185 -25.99 24.77 18.34
C ASP A 185 -24.68 24.28 17.71
N ALA A 186 -24.16 25.07 16.76
CA ALA A 186 -22.96 24.65 16.03
C ALA A 186 -21.74 24.61 16.93
N VAL A 187 -21.46 25.73 17.63
CA VAL A 187 -20.29 25.76 18.51
C VAL A 187 -20.44 24.73 19.62
N GLU A 188 -21.68 24.39 20.01
CA GLU A 188 -21.91 23.36 21.01
C GLU A 188 -21.47 21.98 20.54
N CYS A 189 -21.29 21.78 19.23
CA CYS A 189 -20.79 20.49 18.75
C CYS A 189 -19.45 20.14 19.37
N SER A 190 -18.66 21.15 19.76
CA SER A 190 -17.43 20.88 20.48
C SER A 190 -17.71 20.23 21.84
N VAL A 191 -18.93 20.36 22.35
CA VAL A 191 -19.29 19.75 23.62
C VAL A 191 -19.94 18.38 23.42
N ASN A 192 -20.91 18.27 22.52
CA ASN A 192 -21.64 17.00 22.43
C ASN A 192 -20.98 15.98 21.50
N LEU A 193 -20.52 16.40 20.32
CA LEU A 193 -19.81 15.48 19.45
C LEU A 193 -18.42 15.14 20.02
N GLN A 194 -17.72 16.13 20.55
CA GLN A 194 -16.30 15.98 20.83
C GLN A 194 -16.02 15.70 22.31
N LEU A 195 -16.34 16.65 23.20
CA LEU A 195 -16.04 16.45 24.61
C LEU A 195 -16.74 15.22 25.17
N VAL A 196 -17.96 14.95 24.71
CA VAL A 196 -18.68 13.75 25.14
C VAL A 196 -18.50 12.65 24.10
N GLY A 197 -19.03 12.84 22.90
CA GLY A 197 -19.00 11.81 21.87
C GLY A 197 -17.65 11.17 21.59
N GLU A 198 -16.68 11.97 21.15
CA GLU A 198 -15.40 11.41 20.74
C GLU A 198 -14.52 11.07 21.94
N ALA A 199 -14.47 11.95 22.94
CA ALA A 199 -13.56 11.76 24.07
C ALA A 199 -14.06 10.71 25.06
N CYS A 200 -15.37 10.44 25.10
CA CYS A 200 -15.93 9.47 26.05
C CYS A 200 -16.34 8.17 25.36
N PHE A 201 -17.25 8.23 24.38
CA PHE A 201 -17.96 7.03 23.97
C PHE A 201 -17.31 6.27 22.81
N THR A 202 -16.54 6.94 21.94
CA THR A 202 -15.89 6.19 20.87
C THR A 202 -14.91 5.16 21.42
N ASN A 203 -14.36 5.41 22.61
CA ASN A 203 -13.39 4.46 23.17
C ASN A 203 -14.00 3.09 23.43
N PRO A 204 -15.10 2.94 24.17
CA PRO A 204 -15.70 1.60 24.26
C PRO A 204 -16.37 1.16 22.96
N LEU A 205 -16.94 2.09 22.19
CA LEU A 205 -17.69 1.73 21.00
C LEU A 205 -16.78 1.24 19.87
N ILE A 206 -15.53 1.72 19.80
CA ILE A 206 -14.68 1.49 18.64
C ILE A 206 -13.38 0.79 19.03
N VAL A 207 -12.82 1.09 20.20
CA VAL A 207 -11.59 0.43 20.62
C VAL A 207 -11.94 -0.85 21.37
N ALA A 208 -12.70 -0.71 22.47
CA ALA A 208 -12.94 -1.85 23.35
C ALA A 208 -13.61 -2.99 22.62
N VAL A 209 -14.49 -2.67 21.66
CA VAL A 209 -15.24 -3.70 20.94
C VAL A 209 -14.30 -4.61 20.16
N THR A 210 -13.11 -4.12 19.78
CA THR A 210 -12.21 -4.96 18.98
C THR A 210 -11.73 -6.16 19.78
N GLU A 211 -11.67 -6.04 21.11
CA GLU A 211 -11.30 -7.20 21.92
C GLU A 211 -12.42 -8.22 21.98
N TRP A 212 -13.67 -7.77 21.95
CA TRP A 212 -14.78 -8.72 21.85
C TRP A 212 -14.80 -9.38 20.48
N ALA A 213 -14.50 -8.60 19.43
CA ALA A 213 -14.36 -9.19 18.10
C ALA A 213 -13.32 -10.30 18.10
N SER A 214 -12.12 -9.99 18.61
CA SER A 214 -11.04 -10.98 18.66
C SER A 214 -11.46 -12.22 19.43
N ALA A 215 -12.07 -12.02 20.60
CA ALA A 215 -12.46 -13.16 21.42
C ALA A 215 -13.38 -14.10 20.66
N ASN A 216 -14.23 -13.56 19.78
CA ASN A 216 -15.22 -14.35 19.07
C ASN A 216 -14.80 -14.69 17.64
N GLY A 217 -13.52 -14.52 17.29
CA GLY A 217 -13.00 -15.02 16.04
C GLY A 217 -12.95 -14.02 14.90
N ASP A 218 -13.27 -12.75 15.16
CA ASP A 218 -13.34 -11.72 14.13
C ASP A 218 -12.07 -10.88 14.18
N GLU A 219 -11.21 -11.05 13.18
CA GLU A 219 -10.03 -10.20 13.01
C GLU A 219 -10.22 -9.13 11.95
N ILE A 220 -11.37 -9.13 11.27
CA ILE A 220 -11.68 -8.08 10.30
C ILE A 220 -11.93 -6.76 11.02
N THR A 221 -12.85 -6.78 11.99
CA THR A 221 -13.20 -5.55 12.70
C THR A 221 -12.02 -4.89 13.42
N PRO A 222 -11.16 -5.61 14.16
CA PRO A 222 -10.01 -4.92 14.78
C PRO A 222 -9.12 -4.24 13.77
N THR A 223 -8.85 -4.91 12.65
CA THR A 223 -8.03 -4.34 11.58
C THR A 223 -8.54 -2.96 11.17
N VAL A 224 -9.86 -2.80 11.06
CA VAL A 224 -10.45 -1.56 10.56
C VAL A 224 -10.67 -0.57 11.69
N PHE A 225 -11.41 -1.00 12.73
CA PHE A 225 -11.79 -0.08 13.81
C PHE A 225 -10.58 0.55 14.48
N LEU A 226 -9.53 -0.24 14.75
CA LEU A 226 -8.35 0.31 15.38
C LEU A 226 -7.66 1.34 14.48
N SER A 227 -7.85 1.24 13.17
CA SER A 227 -7.38 2.29 12.28
C SER A 227 -8.29 3.51 12.34
N VAL A 228 -9.61 3.28 12.38
CA VAL A 228 -10.58 4.37 12.53
C VAL A 228 -10.17 5.29 13.68
N GLU A 229 -9.88 4.71 14.83
CA GLU A 229 -9.71 5.51 16.04
C GLU A 229 -8.41 6.31 16.03
N THR A 230 -7.41 5.90 15.26
CA THR A 230 -6.20 6.72 15.15
C THR A 230 -6.52 8.15 14.75
N ASP A 231 -7.58 8.34 13.96
CA ASP A 231 -7.99 9.69 13.59
C ASP A 231 -8.64 10.43 14.76
N GLU A 232 -9.08 9.72 15.79
CA GLU A 232 -9.90 10.35 16.82
C GLU A 232 -9.12 11.33 17.68
N LEU A 233 -7.81 11.16 17.79
CA LEU A 233 -7.06 12.01 18.70
C LEU A 233 -6.99 13.44 18.20
N ARG A 234 -6.97 13.64 16.88
CA ARG A 234 -7.14 15.00 16.35
C ARG A 234 -8.53 15.53 16.67
N HIS A 235 -9.53 14.67 16.67
CA HIS A 235 -10.91 15.13 16.88
C HIS A 235 -11.09 15.60 18.33
N MET A 236 -10.71 14.75 19.29
CA MET A 236 -10.70 15.18 20.69
C MET A 236 -9.93 16.48 20.86
N ALA A 237 -8.71 16.54 20.31
CA ALA A 237 -7.88 17.73 20.46
C ALA A 237 -8.56 18.95 19.83
N ASN A 238 -9.23 18.77 18.70
CA ASN A 238 -10.01 19.86 18.12
C ASN A 238 -11.05 20.37 19.11
N GLY A 239 -11.88 19.46 19.64
CA GLY A 239 -12.92 19.87 20.55
C GLY A 239 -12.40 20.51 21.82
N TYR A 240 -11.29 19.98 22.35
CA TYR A 240 -10.76 20.51 23.60
C TYR A 240 -10.39 21.98 23.48
N GLN A 241 -9.79 22.36 22.34
CA GLN A 241 -9.39 23.75 22.13
C GLN A 241 -10.60 24.69 22.25
N THR A 242 -11.71 24.33 21.61
CA THR A 242 -12.90 25.17 21.67
C THR A 242 -13.49 25.22 23.07
N VAL A 243 -13.47 24.11 23.79
CA VAL A 243 -13.97 24.08 25.16
C VAL A 243 -13.16 25.00 26.06
N VAL A 244 -11.86 25.14 25.79
CA VAL A 244 -11.05 26.10 26.54
C VAL A 244 -11.51 27.52 26.23
N SER A 245 -11.86 27.81 24.98
CA SER A 245 -12.38 29.12 24.63
C SER A 245 -13.67 29.43 25.39
N ILE A 246 -14.57 28.45 25.47
CA ILE A 246 -15.84 28.66 26.17
C ILE A 246 -15.59 28.89 27.66
N ALA A 247 -14.73 28.07 28.27
CA ALA A 247 -14.48 28.18 29.70
C ALA A 247 -13.81 29.51 30.05
N ASN A 248 -12.93 30.01 29.18
CA ASN A 248 -12.20 31.22 29.49
C ASN A 248 -13.07 32.47 29.41
N ASP A 249 -14.24 32.39 28.79
CA ASP A 249 -15.14 33.54 28.70
C ASP A 249 -16.32 33.32 29.62
N PRO A 250 -16.57 34.20 30.60
CA PRO A 250 -17.68 33.97 31.53
C PRO A 250 -19.05 33.96 30.86
N ALA A 251 -19.23 34.76 29.80
CA ALA A 251 -20.53 34.81 29.14
C ALA A 251 -20.86 33.47 28.48
N SER A 252 -19.89 32.85 27.82
CA SER A 252 -20.15 31.57 27.16
C SER A 252 -20.04 30.40 28.12
N ALA A 253 -19.21 30.51 29.15
CA ALA A 253 -19.07 29.41 30.10
C ALA A 253 -20.33 29.19 30.92
N LYS A 254 -21.21 30.19 31.01
CA LYS A 254 -22.47 30.01 31.72
C LYS A 254 -23.38 28.99 31.04
N PHE A 255 -23.15 28.69 29.77
CA PHE A 255 -23.94 27.70 29.03
C PHE A 255 -23.32 26.30 29.05
N LEU A 256 -22.06 26.17 29.48
CA LEU A 256 -21.31 24.94 29.24
C LEU A 256 -21.86 23.77 30.05
N ASN A 257 -22.13 23.98 31.34
CA ASN A 257 -22.53 22.86 32.20
C ASN A 257 -23.86 22.27 31.77
N THR A 258 -24.83 23.11 31.41
CA THR A 258 -26.11 22.60 30.95
C THR A 258 -25.94 21.83 29.64
N ASP A 259 -25.15 22.36 28.71
CA ASP A 259 -24.93 21.66 27.45
C ASP A 259 -24.18 20.36 27.66
N LEU A 260 -23.25 20.33 28.62
CA LEU A 260 -22.54 19.09 28.90
C LEU A 260 -23.47 18.02 29.43
N ASN A 261 -24.37 18.39 30.34
CA ASN A 261 -25.25 17.40 30.95
C ASN A 261 -26.25 16.86 29.94
N ASN A 262 -26.82 17.72 29.11
CA ASN A 262 -27.75 17.24 28.09
C ASN A 262 -27.06 16.33 27.09
N ALA A 263 -25.85 16.70 26.66
CA ALA A 263 -25.08 15.85 25.76
C ALA A 263 -24.82 14.48 26.38
N PHE A 264 -24.37 14.46 27.64
CA PHE A 264 -24.03 13.19 28.27
C PHE A 264 -25.27 12.30 28.42
N TRP A 265 -26.37 12.86 28.90
CA TRP A 265 -27.57 12.04 29.04
C TRP A 265 -28.08 11.60 27.68
N THR A 266 -28.11 12.51 26.70
CA THR A 266 -28.58 12.17 25.37
C THR A 266 -27.83 10.98 24.79
N GLN A 267 -26.50 10.96 24.96
CA GLN A 267 -25.73 9.89 24.36
C GLN A 267 -25.76 8.63 25.22
N GLN A 268 -25.63 8.75 26.54
CA GLN A 268 -25.63 7.56 27.37
C GLN A 268 -26.98 6.86 27.34
N LYS A 269 -28.08 7.61 27.16
CA LYS A 269 -29.41 7.03 27.20
C LYS A 269 -29.55 5.87 26.22
N TYR A 270 -28.96 6.00 25.04
CA TYR A 270 -28.99 4.94 24.03
C TYR A 270 -27.73 4.09 24.04
N PHE A 271 -26.55 4.72 24.09
CA PHE A 271 -25.30 3.98 23.99
C PHE A 271 -25.19 2.92 25.08
N THR A 272 -25.55 3.28 26.31
CA THR A 272 -25.33 2.38 27.43
C THR A 272 -26.15 1.09 27.31
N PRO A 273 -27.48 1.12 27.09
CA PRO A 273 -28.18 -0.18 26.96
C PRO A 273 -27.91 -0.89 25.65
N VAL A 274 -27.78 -0.17 24.54
CA VAL A 274 -27.66 -0.84 23.24
C VAL A 274 -26.30 -1.51 23.09
N LEU A 275 -25.22 -0.81 23.44
CA LEU A 275 -23.90 -1.41 23.30
C LEU A 275 -23.69 -2.53 24.31
N GLY A 276 -24.20 -2.36 25.53
CA GLY A 276 -24.12 -3.43 26.51
C GLY A 276 -24.87 -4.68 26.04
N TYR A 277 -26.02 -4.49 25.42
CA TYR A 277 -26.78 -5.61 24.87
C TYR A 277 -26.01 -6.26 23.72
N LEU A 278 -25.46 -5.45 22.81
CA LEU A 278 -24.70 -6.01 21.69
C LEU A 278 -23.47 -6.77 22.16
N PHE A 279 -22.77 -6.24 23.17
CA PHE A 279 -21.58 -6.93 23.68
C PHE A 279 -21.95 -8.26 24.34
N GLU A 280 -22.85 -8.23 25.32
CA GLU A 280 -23.05 -9.39 26.17
C GLU A 280 -23.96 -10.43 25.53
N TYR A 281 -25.04 -10.00 24.88
CA TYR A 281 -25.95 -10.94 24.25
C TYR A 281 -25.57 -11.26 22.82
N GLY A 282 -24.85 -10.37 22.15
CA GLY A 282 -24.41 -10.62 20.79
C GLY A 282 -23.04 -11.26 20.70
N SER A 283 -22.61 -11.93 21.77
CA SER A 283 -21.32 -12.62 21.77
C SER A 283 -21.49 -14.01 22.37
N LYS A 284 -20.58 -14.91 21.98
CA LYS A 284 -20.41 -16.15 22.73
C LYS A 284 -19.42 -15.94 23.87
N PHE A 285 -18.17 -15.63 23.55
CA PHE A 285 -17.13 -15.40 24.54
C PHE A 285 -17.17 -13.94 24.97
N LYS A 286 -17.23 -13.72 26.28
CA LYS A 286 -17.33 -12.39 26.84
C LYS A 286 -15.99 -11.95 27.41
N VAL A 287 -15.63 -10.69 27.15
CA VAL A 287 -14.35 -10.16 27.61
C VAL A 287 -14.43 -9.80 29.09
N GLU A 288 -15.48 -9.10 29.48
CA GLU A 288 -15.70 -8.64 30.84
C GLU A 288 -17.14 -8.16 30.95
N PRO A 289 -17.66 -8.02 32.16
CA PRO A 289 -18.99 -7.42 32.30
C PRO A 289 -19.03 -6.03 31.68
N TRP A 290 -20.10 -5.76 30.92
CA TRP A 290 -20.27 -4.46 30.31
C TRP A 290 -20.18 -3.33 31.32
N VAL A 291 -20.75 -3.53 32.51
CA VAL A 291 -20.76 -2.48 33.53
C VAL A 291 -19.34 -2.15 33.97
N LYS A 292 -18.44 -3.12 33.95
CA LYS A 292 -17.04 -2.83 34.26
C LYS A 292 -16.37 -2.08 33.10
N THR A 293 -16.71 -2.44 31.86
CA THR A 293 -16.26 -1.66 30.71
C THR A 293 -16.71 -0.22 30.83
N TRP A 294 -17.99 -0.03 31.14
CA TRP A 294 -18.55 1.30 31.33
C TRP A 294 -17.82 2.03 32.46
N ASN A 295 -17.63 1.35 33.59
CA ASN A 295 -16.98 1.97 34.73
C ASN A 295 -15.56 2.42 34.38
N ARG A 296 -14.82 1.55 33.69
CA ARG A 296 -13.43 1.87 33.32
C ARG A 296 -13.37 3.06 32.37
N TRP A 297 -14.12 3.01 31.26
CA TRP A 297 -13.97 4.02 30.23
C TRP A 297 -14.81 5.27 30.52
N VAL A 298 -16.10 5.09 30.84
CA VAL A 298 -16.98 6.24 31.00
C VAL A 298 -16.76 6.91 32.35
N TYR A 299 -17.02 6.19 33.44
CA TYR A 299 -17.08 6.85 34.74
C TYR A 299 -15.70 7.22 35.27
N GLU A 300 -14.75 6.29 35.24
CA GLU A 300 -13.46 6.55 35.89
C GLU A 300 -12.51 7.34 34.99
N ASP A 301 -12.31 6.89 33.75
CA ASP A 301 -11.27 7.48 32.93
C ASP A 301 -11.73 8.76 32.24
N TRP A 302 -12.84 8.72 31.49
CA TRP A 302 -13.36 9.96 30.92
C TRP A 302 -13.87 10.89 32.02
N GLY A 303 -14.63 10.33 32.97
CA GLY A 303 -15.12 11.15 34.06
C GLY A 303 -14.02 11.79 34.88
N GLY A 304 -12.91 11.07 35.05
CA GLY A 304 -11.82 11.57 35.87
C GLY A 304 -10.80 12.41 35.11
N ILE A 305 -10.35 11.92 33.96
CA ILE A 305 -9.26 12.58 33.25
C ILE A 305 -9.75 13.80 32.48
N TRP A 306 -11.00 13.80 32.01
CA TRP A 306 -11.55 14.96 31.31
C TRP A 306 -12.43 15.81 32.22
N ILE A 307 -13.51 15.25 32.75
CA ILE A 307 -14.47 16.06 33.47
C ILE A 307 -13.98 16.39 34.89
N GLY A 308 -13.35 15.42 35.56
CA GLY A 308 -12.82 15.69 36.88
C GLY A 308 -11.71 16.73 36.87
N ARG A 309 -10.81 16.64 35.89
CA ARG A 309 -9.74 17.63 35.76
C ARG A 309 -10.30 19.00 35.43
N LEU A 310 -11.27 19.06 34.51
CA LEU A 310 -11.92 20.32 34.17
C LEU A 310 -12.79 20.87 35.31
N GLY A 311 -13.04 20.06 36.35
CA GLY A 311 -13.72 20.57 37.53
C GLY A 311 -12.96 21.69 38.21
N LYS A 312 -11.63 21.73 38.04
CA LYS A 312 -10.84 22.85 38.53
C LYS A 312 -11.27 24.18 37.92
N TYR A 313 -11.96 24.14 36.79
CA TYR A 313 -12.31 25.35 36.04
C TYR A 313 -13.82 25.47 35.86
N GLY A 314 -14.58 24.95 36.82
CA GLY A 314 -16.01 25.20 36.88
C GLY A 314 -16.89 24.23 36.13
N VAL A 315 -16.33 23.21 35.51
CA VAL A 315 -17.12 22.21 34.81
C VAL A 315 -17.56 21.17 35.84
N GLU A 316 -18.87 20.93 35.91
CA GLU A 316 -19.45 20.10 36.95
C GLU A 316 -19.67 18.67 36.45
N SER A 317 -19.50 17.72 37.38
CA SER A 317 -19.92 16.36 37.12
C SER A 317 -21.38 16.34 36.68
N PRO A 318 -21.71 15.69 35.57
CA PRO A 318 -23.09 15.74 35.06
C PRO A 318 -24.10 15.27 36.09
N ALA A 319 -25.14 16.09 36.30
CA ALA A 319 -26.16 15.78 37.29
C ALA A 319 -26.84 14.45 37.01
N SER A 320 -26.86 14.02 35.75
CA SER A 320 -27.50 12.77 35.36
C SER A 320 -26.59 11.56 35.54
N LEU A 321 -25.43 11.72 36.19
CA LEU A 321 -24.49 10.61 36.28
C LEU A 321 -25.03 9.45 37.11
N ARG A 322 -25.66 9.74 38.24
CA ARG A 322 -26.23 8.68 39.07
C ARG A 322 -27.24 7.85 38.28
N ASP A 323 -28.15 8.53 37.57
CA ASP A 323 -29.10 7.82 36.72
C ASP A 323 -28.37 7.03 35.63
N ALA A 324 -27.30 7.61 35.07
CA ALA A 324 -26.52 6.91 34.07
C ALA A 324 -25.93 5.63 34.62
N LYS A 325 -25.29 5.70 35.80
CA LYS A 325 -24.68 4.52 36.40
C LYS A 325 -25.70 3.42 36.62
N ARG A 326 -26.92 3.77 37.03
CA ARG A 326 -27.97 2.76 37.14
C ARG A 326 -28.28 2.12 35.79
N ASP A 327 -28.22 2.91 34.71
CA ASP A 327 -28.40 2.34 33.38
C ASP A 327 -27.26 1.40 33.02
N ALA A 328 -26.03 1.76 33.41
CA ALA A 328 -24.89 0.93 33.08
C ALA A 328 -25.01 -0.48 33.65
N TYR A 329 -25.76 -0.63 34.74
CA TYR A 329 -25.84 -1.92 35.42
C TYR A 329 -26.99 -2.78 34.90
N TRP A 330 -28.16 -2.20 34.61
CA TRP A 330 -29.34 -2.99 34.24
C TRP A 330 -29.93 -2.67 32.88
N ALA A 331 -29.68 -1.47 32.32
CA ALA A 331 -30.46 -1.05 31.15
C ALA A 331 -30.29 -1.97 29.95
N HIS A 332 -29.11 -2.55 29.77
CA HIS A 332 -28.89 -3.42 28.61
C HIS A 332 -29.60 -4.76 28.78
N HIS A 333 -29.82 -5.19 30.04
CA HIS A 333 -30.67 -6.35 30.25
C HIS A 333 -32.13 -6.03 29.96
N ASP A 334 -32.60 -4.86 30.40
CA ASP A 334 -33.92 -4.40 30.02
C ASP A 334 -34.06 -4.39 28.51
N LEU A 335 -33.07 -3.81 27.83
CA LEU A 335 -33.11 -3.71 26.37
C LEU A 335 -33.16 -5.08 25.71
N ALA A 336 -32.43 -6.05 26.27
CA ALA A 336 -32.44 -7.40 25.70
C ALA A 336 -33.83 -7.98 25.67
N LEU A 337 -34.65 -7.69 26.68
CA LEU A 337 -36.04 -8.15 26.68
C LEU A 337 -36.79 -7.61 25.47
N ALA A 338 -36.69 -6.29 25.24
CA ALA A 338 -37.30 -5.68 24.06
C ALA A 338 -36.73 -6.26 22.78
N ALA A 339 -35.40 -6.42 22.71
CA ALA A 339 -34.75 -6.86 21.48
C ALA A 339 -35.14 -8.29 21.13
N TYR A 340 -35.08 -9.21 22.09
CA TYR A 340 -35.47 -10.59 21.81
C TYR A 340 -36.97 -10.70 21.52
N ALA A 341 -37.80 -9.89 22.19
CA ALA A 341 -39.25 -10.01 22.01
C ALA A 341 -39.69 -9.53 20.64
N MET A 342 -38.99 -8.55 20.06
CA MET A 342 -39.38 -7.97 18.79
C MET A 342 -38.38 -8.30 17.68
N TRP A 343 -37.71 -9.46 17.79
CA TRP A 343 -36.66 -9.86 16.86
C TRP A 343 -37.04 -9.80 15.39
N PRO A 344 -38.31 -10.06 14.97
CA PRO A 344 -38.60 -10.02 13.53
C PRO A 344 -38.46 -8.64 12.90
N LEU A 345 -38.35 -7.58 13.70
CA LEU A 345 -38.21 -6.24 13.14
C LEU A 345 -36.75 -5.85 12.89
N GLY A 346 -35.79 -6.69 13.28
CA GLY A 346 -34.38 -6.40 13.07
C GLY A 346 -33.87 -6.97 11.76
N PHE A 347 -32.53 -6.93 11.62
CA PHE A 347 -31.87 -7.54 10.48
C PHE A 347 -30.70 -8.41 10.92
N ALA A 348 -30.77 -8.96 12.13
CA ALA A 348 -29.73 -9.85 12.64
C ALA A 348 -30.37 -11.10 13.22
N ARG A 349 -29.58 -12.16 13.30
CA ARG A 349 -30.01 -13.42 13.89
C ARG A 349 -29.52 -13.48 15.34
N LEU A 350 -30.44 -13.73 16.26
CA LEU A 350 -30.19 -13.64 17.70
C LEU A 350 -30.05 -15.03 18.31
N ALA A 351 -29.43 -15.09 19.48
CA ALA A 351 -29.27 -16.33 20.22
C ALA A 351 -29.62 -16.10 21.69
N LEU A 352 -30.63 -16.80 22.19
CA LEU A 352 -30.91 -16.80 23.62
C LEU A 352 -29.67 -17.26 24.38
N PRO A 353 -29.39 -16.69 25.55
CA PRO A 353 -28.22 -17.13 26.32
C PRO A 353 -28.30 -18.61 26.67
N ASP A 354 -27.20 -19.32 26.45
CA ASP A 354 -27.15 -20.74 26.79
C ASP A 354 -26.84 -20.88 28.28
N GLU A 355 -26.66 -22.12 28.74
CA GLU A 355 -26.48 -22.35 30.16
C GLU A 355 -25.20 -21.71 30.69
N GLU A 356 -24.13 -21.75 29.90
CA GLU A 356 -22.89 -21.07 30.31
C GLU A 356 -23.07 -19.57 30.35
N ASP A 357 -23.79 -19.01 29.36
CA ASP A 357 -24.08 -17.59 29.38
C ASP A 357 -24.87 -17.21 30.61
N GLN A 358 -25.91 -17.99 30.92
CA GLN A 358 -26.78 -17.68 32.06
C GLN A 358 -26.01 -17.64 33.37
N ALA A 359 -25.13 -18.63 33.58
CA ALA A 359 -24.30 -18.62 34.79
C ALA A 359 -23.40 -17.39 34.82
N TRP A 360 -22.92 -16.96 33.65
CA TRP A 360 -22.08 -15.76 33.59
C TRP A 360 -22.88 -14.51 33.94
N PHE A 361 -24.08 -14.38 33.37
CA PHE A 361 -24.93 -13.23 33.68
C PHE A 361 -25.25 -13.18 35.17
N GLU A 362 -25.59 -14.33 35.77
CA GLU A 362 -26.01 -14.34 37.17
C GLU A 362 -24.85 -14.07 38.10
N ALA A 363 -23.66 -14.60 37.79
CA ALA A 363 -22.51 -14.35 38.64
C ALA A 363 -22.11 -12.88 38.62
N ASN A 364 -22.25 -12.22 37.47
CA ASN A 364 -21.82 -10.84 37.33
C ASN A 364 -22.93 -9.84 37.55
N TYR A 365 -24.19 -10.27 37.47
CA TYR A 365 -25.34 -9.42 37.78
C TYR A 365 -26.30 -10.23 38.65
N PRO A 366 -26.00 -10.37 39.94
CA PRO A 366 -26.87 -11.16 40.81
C PRO A 366 -28.30 -10.63 40.80
N GLY A 367 -29.24 -11.55 40.59
CA GLY A 367 -30.63 -11.23 40.35
C GLY A 367 -31.05 -11.44 38.91
N TRP A 368 -30.10 -11.60 38.00
CA TRP A 368 -30.42 -11.75 36.59
C TRP A 368 -31.18 -13.04 36.33
N ALA A 369 -30.77 -14.12 37.00
CA ALA A 369 -31.38 -15.42 36.74
C ALA A 369 -32.87 -15.41 37.06
N ASP A 370 -33.26 -14.75 38.16
CA ASP A 370 -34.65 -14.77 38.59
C ASP A 370 -35.54 -13.82 37.81
N HIS A 371 -34.98 -12.77 37.22
CA HIS A 371 -35.77 -11.80 36.47
C HIS A 371 -35.70 -12.07 34.97
N TYR A 372 -34.52 -11.83 34.39
CA TYR A 372 -34.38 -11.99 32.94
C TYR A 372 -34.27 -13.45 32.53
N GLY A 373 -33.51 -14.25 33.28
CA GLY A 373 -33.26 -15.62 32.88
C GLY A 373 -34.52 -16.47 32.83
N LYS A 374 -35.41 -16.31 33.81
CA LYS A 374 -36.63 -17.11 33.81
C LYS A 374 -37.53 -16.76 32.63
N ILE A 375 -37.51 -15.51 32.21
CA ILE A 375 -38.29 -15.09 31.04
C ILE A 375 -37.73 -15.73 29.77
N PHE A 376 -36.41 -15.62 29.57
CA PHE A 376 -35.79 -16.21 28.39
C PHE A 376 -36.01 -17.72 28.34
N ASN A 377 -35.94 -18.40 29.50
CA ASN A 377 -36.16 -19.84 29.50
C ASN A 377 -37.61 -20.20 29.23
N GLU A 378 -38.55 -19.37 29.65
CA GLU A 378 -39.95 -19.63 29.35
C GLU A 378 -40.23 -19.44 27.86
N TRP A 379 -39.70 -18.36 27.28
CA TRP A 379 -39.84 -18.15 25.84
C TRP A 379 -39.29 -19.33 25.05
N LYS A 380 -38.14 -19.86 25.47
CA LYS A 380 -37.58 -21.02 24.79
C LYS A 380 -38.53 -22.21 24.89
N LYS A 381 -39.06 -22.47 26.09
CA LYS A 381 -40.04 -23.54 26.26
C LYS A 381 -41.23 -23.36 25.32
N LEU A 382 -41.67 -22.12 25.10
CA LEU A 382 -42.83 -21.84 24.27
C LEU A 382 -42.54 -21.92 22.78
N GLY A 383 -41.30 -22.16 22.39
CA GLY A 383 -40.94 -22.29 21.00
C GLY A 383 -40.35 -21.05 20.37
N TYR A 384 -39.64 -20.22 21.15
CA TYR A 384 -39.05 -18.98 20.65
C TYR A 384 -38.28 -19.18 19.36
N GLU A 385 -37.57 -20.30 19.25
CA GLU A 385 -36.69 -20.56 18.12
C GLU A 385 -37.36 -21.33 16.99
N ASP A 386 -38.52 -21.93 17.25
CA ASP A 386 -39.12 -22.91 16.34
C ASP A 386 -40.06 -22.22 15.37
N PRO A 387 -39.80 -22.24 14.07
CA PRO A 387 -40.65 -21.53 13.11
C PRO A 387 -42.08 -22.05 13.04
N LYS A 388 -42.35 -23.24 13.57
CA LYS A 388 -43.69 -23.80 13.56
C LYS A 388 -44.47 -23.49 14.83
N SER A 389 -43.88 -22.77 15.77
CA SER A 389 -44.53 -22.54 17.06
C SER A 389 -45.64 -21.49 16.97
N GLY A 390 -45.55 -20.55 16.05
CA GLY A 390 -46.47 -19.43 16.06
C GLY A 390 -46.29 -18.54 17.26
N PHE A 391 -45.10 -18.51 17.84
CA PHE A 391 -44.83 -17.77 19.07
C PHE A 391 -43.84 -16.64 18.80
N ILE A 392 -44.28 -15.41 19.05
CA ILE A 392 -43.40 -14.24 19.05
C ILE A 392 -43.61 -13.55 20.39
N PRO A 393 -42.54 -13.23 21.13
CA PRO A 393 -42.72 -12.84 22.54
C PRO A 393 -43.38 -11.49 22.73
N TYR A 394 -43.40 -10.61 21.73
CA TYR A 394 -44.04 -9.31 21.92
C TYR A 394 -45.52 -9.47 22.27
N GLN A 395 -46.22 -10.40 21.60
CA GLN A 395 -47.61 -10.70 21.97
C GLN A 395 -47.71 -11.21 23.39
N TRP A 396 -46.75 -12.04 23.82
CA TRP A 396 -46.72 -12.56 25.17
C TRP A 396 -46.57 -11.44 26.19
N LEU A 397 -45.71 -10.46 25.90
CA LEU A 397 -45.58 -9.29 26.77
C LEU A 397 -46.93 -8.63 26.97
N LEU A 398 -47.62 -8.31 25.86
CA LEU A 398 -48.88 -7.61 25.94
C LEU A 398 -49.92 -8.43 26.70
N ALA A 399 -49.97 -9.74 26.47
CA ALA A 399 -50.95 -10.58 27.13
C ALA A 399 -50.75 -10.67 28.63
N ASN A 400 -49.58 -10.23 29.14
CA ASN A 400 -49.30 -10.24 30.56
C ASN A 400 -49.08 -8.83 31.10
N GLY A 401 -49.53 -7.81 30.37
CA GLY A 401 -49.43 -6.45 30.86
C GLY A 401 -48.06 -5.81 30.77
N HIS A 402 -47.16 -6.38 29.98
CA HIS A 402 -45.80 -5.83 29.87
C HIS A 402 -45.66 -4.99 28.61
N ASP A 403 -46.42 -3.91 28.58
CA ASP A 403 -46.44 -3.01 27.42
C ASP A 403 -45.07 -2.45 27.13
N VAL A 404 -44.79 -2.24 25.84
CA VAL A 404 -43.57 -1.58 25.37
C VAL A 404 -43.92 -0.17 24.94
N TYR A 405 -43.14 0.81 25.41
CA TYR A 405 -43.32 2.22 25.09
C TYR A 405 -42.07 2.76 24.42
N ILE A 406 -42.25 3.82 23.63
CA ILE A 406 -41.15 4.50 22.94
C ILE A 406 -41.04 5.90 23.49
N ASP A 407 -39.85 6.25 24.00
CA ASP A 407 -39.58 7.61 24.47
C ASP A 407 -39.63 8.59 23.30
N ARG A 408 -40.50 9.60 23.41
CA ARG A 408 -40.64 10.57 22.34
C ARG A 408 -39.33 11.29 22.04
N VAL A 409 -38.48 11.46 23.04
CA VAL A 409 -37.23 12.21 22.87
C VAL A 409 -36.14 11.29 22.31
N SER A 410 -35.79 10.24 23.06
CA SER A 410 -34.61 9.43 22.73
C SER A 410 -34.92 8.25 21.82
N GLN A 411 -36.19 7.87 21.67
CA GLN A 411 -36.66 6.72 20.90
C GLN A 411 -36.32 5.38 21.55
N VAL A 412 -35.76 5.37 22.76
CA VAL A 412 -35.37 4.11 23.40
C VAL A 412 -36.62 3.41 23.93
N PRO A 413 -36.78 2.11 23.67
CA PRO A 413 -37.94 1.40 24.22
C PRO A 413 -37.88 1.32 25.74
N PHE A 414 -39.06 1.23 26.35
CA PHE A 414 -39.18 1.19 27.81
C PHE A 414 -40.30 0.23 28.19
N ILE A 415 -39.98 -0.73 29.05
CA ILE A 415 -40.97 -1.67 29.56
C ILE A 415 -41.07 -1.47 31.08
N PRO A 416 -41.86 -0.50 31.54
CA PRO A 416 -41.81 -0.14 32.97
C PRO A 416 -42.13 -1.31 33.92
N SER A 417 -42.94 -2.27 33.49
CA SER A 417 -43.29 -3.37 34.38
C SER A 417 -42.17 -4.41 34.51
N LEU A 418 -41.12 -4.34 33.70
CA LEU A 418 -40.02 -5.27 33.79
C LEU A 418 -38.66 -4.60 33.94
N ALA A 419 -38.55 -3.30 33.75
CA ALA A 419 -37.26 -2.64 33.73
C ALA A 419 -36.67 -2.55 35.13
N LYS A 420 -35.35 -2.71 35.22
CA LYS A 420 -34.61 -2.42 36.45
C LYS A 420 -33.66 -1.24 36.29
N GLY A 421 -33.49 -0.73 35.09
CA GLY A 421 -32.71 0.47 34.87
C GLY A 421 -33.52 1.73 35.18
N THR A 422 -32.90 2.87 34.86
CA THR A 422 -33.53 4.15 35.18
C THR A 422 -34.69 4.43 34.26
N GLY A 423 -35.83 4.79 34.84
CA GLY A 423 -36.97 5.18 34.05
C GLY A 423 -38.29 5.12 34.77
N SER A 424 -39.19 6.04 34.43
CA SER A 424 -40.58 5.97 34.86
C SER A 424 -41.43 6.64 33.80
N LEU A 425 -42.60 6.05 33.53
CA LEU A 425 -43.42 6.50 32.43
C LEU A 425 -44.14 7.81 32.78
N ARG A 426 -44.09 8.77 31.85
CA ARG A 426 -44.90 9.97 31.91
C ARG A 426 -45.64 10.09 30.60
N VAL A 427 -46.96 10.15 30.66
CA VAL A 427 -47.78 10.30 29.46
C VAL A 427 -48.52 11.64 29.55
N HIS A 428 -48.24 12.53 28.60
CA HIS A 428 -48.91 13.82 28.52
C HIS A 428 -49.70 13.90 27.23
N GLU A 429 -50.83 14.60 27.27
CA GLU A 429 -51.52 15.02 26.08
C GLU A 429 -51.21 16.50 25.83
N PHE A 430 -50.95 16.84 24.58
CA PHE A 430 -50.69 18.23 24.22
C PHE A 430 -51.25 18.46 22.83
N ASN A 431 -52.18 19.41 22.72
CA ASN A 431 -52.78 19.78 21.44
C ASN A 431 -53.32 18.56 20.72
N GLY A 432 -53.92 17.63 21.47
CA GLY A 432 -54.56 16.47 20.90
C GLY A 432 -53.66 15.30 20.60
N LYS A 433 -52.39 15.35 21.00
CA LYS A 433 -51.44 14.28 20.76
C LYS A 433 -50.94 13.75 22.10
N LYS A 434 -50.87 12.42 22.21
CA LYS A 434 -50.31 11.78 23.39
C LYS A 434 -48.82 11.52 23.20
N HIS A 435 -48.06 11.70 24.28
CA HIS A 435 -46.61 11.54 24.25
C HIS A 435 -46.19 10.76 25.49
N SER A 436 -45.26 9.82 25.31
CA SER A 436 -44.69 9.05 26.40
C SER A 436 -43.23 9.42 26.58
N LEU A 437 -42.88 9.92 27.77
CA LEU A 437 -41.52 10.23 28.17
C LEU A 437 -41.13 9.29 29.31
N THR A 438 -39.82 9.06 29.47
CA THR A 438 -39.36 8.01 30.37
C THR A 438 -38.31 8.41 31.40
N ASP A 439 -37.88 9.67 31.45
CA ASP A 439 -36.94 10.07 32.50
C ASP A 439 -37.01 11.58 32.68
N ASP A 440 -36.42 12.05 33.80
CA ASP A 440 -36.51 13.46 34.16
C ASP A 440 -35.76 14.36 33.20
N TRP A 441 -34.72 13.83 32.56
CA TRP A 441 -33.87 14.66 31.71
C TRP A 441 -34.50 14.85 30.34
N GLY A 442 -34.97 13.75 29.74
CA GLY A 442 -35.67 13.84 28.48
C GLY A 442 -37.03 14.52 28.59
N GLU A 443 -37.69 14.39 29.74
CA GLU A 443 -38.98 15.07 29.89
C GLU A 443 -38.80 16.58 29.91
N ARG A 444 -37.76 17.06 30.60
CA ARG A 444 -37.47 18.50 30.58
C ARG A 444 -37.20 18.98 29.17
N GLN A 445 -36.41 18.20 28.41
CA GLN A 445 -36.09 18.58 27.04
C GLN A 445 -37.35 18.70 26.19
N TRP A 446 -38.26 17.74 26.34
CA TRP A 446 -39.48 17.77 25.54
C TRP A 446 -40.43 18.87 26.00
N LEU A 447 -40.53 19.09 27.31
CA LEU A 447 -41.40 20.14 27.82
C LEU A 447 -40.93 21.52 27.35
N ILE A 448 -39.62 21.73 27.31
CA ILE A 448 -39.09 23.04 26.94
C ILE A 448 -39.08 23.21 25.42
N GLU A 449 -38.77 22.14 24.68
CA GLU A 449 -38.53 22.23 23.24
C GLU A 449 -39.37 21.21 22.47
N PRO A 450 -40.70 21.30 22.55
CA PRO A 450 -41.52 20.28 21.89
C PRO A 450 -41.34 20.24 20.38
N GLU A 451 -41.02 21.37 19.74
CA GLU A 451 -40.89 21.38 18.29
C GLU A 451 -39.63 20.69 17.80
N ARG A 452 -38.68 20.43 18.69
CA ARG A 452 -37.48 19.69 18.31
C ARG A 452 -37.71 18.19 18.31
N TYR A 453 -38.80 17.72 18.93
CA TYR A 453 -38.99 16.29 19.21
C TYR A 453 -40.37 15.84 18.71
N GLU A 454 -40.47 15.63 17.41
CA GLU A 454 -41.71 15.22 16.78
C GLU A 454 -41.55 13.88 16.05
N CYS A 455 -40.63 13.05 16.52
CA CYS A 455 -40.28 11.83 15.80
C CYS A 455 -41.39 10.79 15.92
N HIS A 456 -41.94 10.37 14.78
CA HIS A 456 -42.88 9.27 14.75
C HIS A 456 -42.21 7.99 15.26
N ASN A 457 -42.94 7.19 16.03
CA ASN A 457 -42.44 5.91 16.52
C ASN A 457 -43.07 4.77 15.73
N VAL A 458 -42.54 3.56 15.94
CA VAL A 458 -42.96 2.42 15.13
C VAL A 458 -44.44 2.12 15.32
N PHE A 459 -44.95 2.33 16.53
CA PHE A 459 -46.37 2.03 16.79
C PHE A 459 -47.27 3.00 16.07
N GLU A 460 -46.86 4.27 15.95
CA GLU A 460 -47.65 5.25 15.23
C GLU A 460 -47.67 4.97 13.73
N GLN A 461 -46.55 4.52 13.17
CA GLN A 461 -46.51 4.23 11.73
C GLN A 461 -47.14 2.88 11.41
N TYR A 462 -46.96 1.88 12.28
CA TYR A 462 -47.40 0.51 12.01
C TYR A 462 -48.75 0.17 12.61
N GLU A 463 -49.44 1.12 13.25
CA GLU A 463 -50.62 0.82 14.04
C GLU A 463 -51.66 0.03 13.25
N GLY A 464 -52.13 -1.06 13.84
CA GLY A 464 -53.14 -1.90 13.24
C GLY A 464 -52.65 -2.82 12.14
N ARG A 465 -51.38 -2.77 11.78
CA ARG A 465 -50.84 -3.58 10.71
C ARG A 465 -50.23 -4.87 11.24
N GLU A 466 -50.34 -5.93 10.43
CA GLU A 466 -49.78 -7.22 10.79
C GLU A 466 -48.27 -7.24 10.54
N LEU A 467 -47.58 -8.00 11.38
CA LEU A 467 -46.12 -7.93 11.44
C LEU A 467 -45.48 -8.33 10.10
N SER A 468 -45.93 -9.45 9.52
CA SER A 468 -45.29 -9.93 8.31
C SER A 468 -45.46 -8.95 7.15
N GLU A 469 -46.52 -8.14 7.17
CA GLU A 469 -46.73 -7.16 6.10
C GLU A 469 -45.73 -6.01 6.20
N VAL A 470 -45.48 -5.54 7.41
CA VAL A 470 -44.47 -4.49 7.61
C VAL A 470 -43.10 -4.99 7.16
N ILE A 471 -42.75 -6.22 7.54
CA ILE A 471 -41.44 -6.76 7.21
C ILE A 471 -41.28 -6.88 5.70
N ALA A 472 -42.27 -7.48 5.05
CA ALA A 472 -42.19 -7.66 3.60
C ALA A 472 -42.08 -6.33 2.89
N GLU A 473 -42.90 -5.35 3.29
CA GLU A 473 -42.87 -4.03 2.67
C GLU A 473 -41.52 -3.36 2.85
N GLY A 474 -40.88 -3.57 4.00
CA GLY A 474 -39.57 -3.01 4.25
C GLY A 474 -38.40 -3.83 3.74
N HIS A 475 -38.66 -4.90 2.98
CA HIS A 475 -37.64 -5.74 2.34
C HIS A 475 -36.80 -6.52 3.35
N GLY A 476 -37.41 -6.92 4.47
CA GLY A 476 -36.70 -7.67 5.49
C GLY A 476 -36.61 -9.15 5.20
N VAL A 477 -36.35 -9.51 3.94
CA VAL A 477 -36.28 -10.90 3.52
C VAL A 477 -34.97 -11.15 2.78
N ARG A 478 -34.60 -12.43 2.73
CA ARG A 478 -33.45 -12.87 1.97
C ARG A 478 -33.80 -12.93 0.48
N SER A 479 -32.82 -13.35 -0.33
CA SER A 479 -32.99 -13.25 -1.78
C SER A 479 -34.11 -14.16 -2.31
N ASP A 480 -34.53 -15.16 -1.56
CA ASP A 480 -35.67 -15.96 -2.02
C ASP A 480 -36.99 -15.22 -1.89
N GLY A 481 -37.00 -14.07 -1.21
CA GLY A 481 -38.19 -13.25 -1.07
C GLY A 481 -39.15 -13.67 0.03
N LYS A 482 -38.82 -14.69 0.81
N LYS A 482 -38.82 -14.70 0.82
CA LYS A 482 -39.75 -15.19 1.82
CA LYS A 482 -39.75 -15.22 1.80
C LYS A 482 -39.09 -15.42 3.17
C LYS A 482 -39.09 -15.43 3.17
N THR A 483 -37.82 -15.83 3.17
CA THR A 483 -37.14 -16.11 4.42
C THR A 483 -36.70 -14.82 5.07
N LEU A 484 -37.01 -14.68 6.35
CA LEU A 484 -36.64 -13.47 7.07
C LEU A 484 -35.13 -13.33 7.18
N ILE A 485 -34.63 -12.10 7.03
CA ILE A 485 -33.25 -11.81 7.40
C ILE A 485 -33.05 -12.08 8.88
N ALA A 486 -33.90 -11.49 9.72
CA ALA A 486 -33.83 -11.69 11.15
C ALA A 486 -34.27 -13.11 11.53
N GLN A 487 -33.67 -13.64 12.60
CA GLN A 487 -33.99 -14.98 13.07
C GLN A 487 -33.91 -15.01 14.59
N PRO A 488 -34.63 -15.92 15.24
CA PRO A 488 -34.52 -16.09 16.70
C PRO A 488 -33.47 -17.10 17.14
N HIS A 489 -32.63 -17.59 16.23
CA HIS A 489 -31.56 -18.52 16.53
C HIS A 489 -30.48 -18.31 15.49
N THR A 490 -29.31 -18.87 15.75
CA THR A 490 -28.17 -18.69 14.85
C THR A 490 -27.79 -19.96 14.11
N ARG A 491 -28.66 -20.97 14.09
CA ARG A 491 -28.37 -22.19 13.35
C ARG A 491 -28.71 -22.01 11.87
N GLY A 492 -28.17 -22.93 11.06
CA GLY A 492 -28.38 -22.90 9.63
C GLY A 492 -29.63 -23.61 9.14
N ASP A 493 -30.43 -24.15 10.04
CA ASP A 493 -31.65 -24.89 9.70
C ASP A 493 -32.84 -24.26 10.40
N ASN A 494 -34.03 -24.57 9.90
CA ASN A 494 -35.31 -24.13 10.49
C ASN A 494 -35.36 -22.60 10.58
N LEU A 495 -35.10 -21.96 9.45
CA LEU A 495 -35.20 -20.51 9.40
C LEU A 495 -36.66 -20.09 9.20
N TRP A 496 -37.01 -18.94 9.78
CA TRP A 496 -38.38 -18.44 9.72
C TRP A 496 -38.63 -17.72 8.40
N THR A 497 -39.86 -17.87 7.90
CA THR A 497 -40.33 -17.16 6.72
C THR A 497 -41.44 -16.20 7.12
N LEU A 498 -41.85 -15.38 6.14
CA LEU A 498 -42.97 -14.46 6.35
C LEU A 498 -44.23 -15.23 6.77
N GLU A 499 -44.46 -16.40 6.18
CA GLU A 499 -45.62 -17.20 6.58
C GLU A 499 -45.53 -17.62 8.03
N ASP A 500 -44.32 -17.95 8.50
CA ASP A 500 -44.17 -18.33 9.90
C ASP A 500 -44.54 -17.18 10.82
N ILE A 501 -44.10 -15.97 10.47
CA ILE A 501 -44.50 -14.78 11.23
C ILE A 501 -46.00 -14.59 11.17
N LYS A 502 -46.59 -14.77 9.98
CA LYS A 502 -48.02 -14.52 9.78
C LYS A 502 -48.86 -15.40 10.72
N ARG A 503 -48.44 -16.65 10.93
CA ARG A 503 -49.22 -17.55 11.77
C ARG A 503 -49.36 -17.03 13.19
N ALA A 504 -48.42 -16.20 13.66
CA ALA A 504 -48.53 -15.67 15.01
C ALA A 504 -49.60 -14.59 15.12
N GLY A 505 -50.01 -13.99 14.01
CA GLY A 505 -51.07 -12.99 14.04
C GLY A 505 -50.75 -11.77 14.88
N CYS A 506 -49.50 -11.30 14.83
CA CYS A 506 -49.09 -10.15 15.61
C CYS A 506 -49.49 -8.86 14.88
N VAL A 507 -50.26 -8.01 15.57
CA VAL A 507 -50.71 -6.74 15.02
C VAL A 507 -50.28 -5.62 15.98
N PHE A 508 -49.84 -4.50 15.43
CA PHE A 508 -49.26 -3.44 16.25
C PHE A 508 -50.37 -2.65 16.96
N PRO A 509 -50.26 -2.46 18.26
CA PRO A 509 -51.27 -1.67 18.97
C PRO A 509 -50.91 -0.20 19.03
N ASP A 510 -51.75 0.58 19.71
CA ASP A 510 -51.44 1.93 20.14
C ASP A 510 -51.15 1.87 21.63
N PRO A 511 -49.89 1.85 22.06
CA PRO A 511 -49.61 1.67 23.49
C PRO A 511 -50.18 2.76 24.38
N LEU A 512 -50.53 3.92 23.85
CA LEU A 512 -51.04 5.01 24.66
C LEU A 512 -52.56 5.12 24.59
N ALA A 513 -53.23 4.20 23.91
CA ALA A 513 -54.69 4.23 23.85
C ALA A 513 -55.31 4.10 25.23
N LYS A 514 -54.65 3.40 26.16
CA LYS A 514 -55.16 3.14 27.50
C LYS A 514 -55.11 4.36 28.40
N PHE A 515 -54.55 5.47 27.95
CA PHE A 515 -54.43 6.65 28.79
C PHE A 515 -55.38 7.74 28.32
N PRO B 1 2.59 -10.52 35.12
CA PRO B 1 1.16 -10.77 35.03
C PRO B 1 0.33 -9.49 35.09
N GLN B 2 -0.50 -9.26 34.08
CA GLN B 2 -1.33 -8.07 34.03
C GLN B 2 -2.62 -8.30 34.80
N SER B 3 -3.25 -7.19 35.22
CA SER B 3 -4.44 -7.29 36.06
C SER B 3 -5.63 -7.85 35.29
N SER B 4 -5.72 -7.60 33.99
CA SER B 4 -6.86 -8.05 33.20
C SER B 4 -6.54 -9.36 32.50
N GLN B 5 -7.59 -10.11 32.20
CA GLN B 5 -7.43 -11.38 31.48
C GLN B 5 -6.84 -11.15 30.10
N VAL B 6 -5.90 -12.01 29.71
CA VAL B 6 -5.38 -11.99 28.35
C VAL B 6 -6.39 -12.76 27.49
N THR B 7 -7.17 -12.03 26.70
CA THR B 7 -8.24 -12.63 25.92
C THR B 7 -7.67 -13.58 24.88
N LYS B 8 -8.23 -14.79 24.82
CA LYS B 8 -7.86 -15.75 23.80
C LYS B 8 -8.52 -15.41 22.47
N ARG B 9 -7.75 -15.45 21.38
CA ARG B 9 -8.26 -15.17 20.05
C ARG B 9 -9.07 -16.36 19.53
N GLY B 10 -10.33 -16.11 19.17
CA GLY B 10 -11.14 -17.16 18.59
C GLY B 10 -10.59 -17.69 17.28
N LEU B 11 -9.83 -16.87 16.55
CA LEU B 11 -9.26 -17.33 15.29
C LEU B 11 -8.17 -18.37 15.48
N THR B 12 -7.39 -18.26 16.57
CA THR B 12 -6.21 -19.10 16.75
C THR B 12 -6.22 -19.98 17.98
N ASP B 13 -6.97 -19.64 19.02
CA ASP B 13 -7.04 -20.50 20.20
C ASP B 13 -7.75 -21.81 19.83
N PRO B 14 -7.13 -22.97 20.05
CA PRO B 14 -7.75 -24.21 19.58
C PRO B 14 -9.11 -24.47 20.20
N GLU B 15 -9.28 -24.19 21.50
CA GLU B 15 -10.55 -24.48 22.14
C GLU B 15 -11.66 -23.57 21.60
N ARG B 16 -11.36 -22.28 21.44
CA ARG B 16 -12.38 -21.35 20.96
C ARG B 16 -12.62 -21.48 19.46
N ALA B 17 -11.57 -21.80 18.69
CA ALA B 17 -11.78 -22.06 17.27
C ALA B 17 -12.63 -23.32 17.07
N ALA B 18 -12.42 -24.34 17.90
CA ALA B 18 -13.25 -25.55 17.80
C ALA B 18 -14.70 -25.25 18.15
N ILE B 19 -14.93 -24.43 19.18
CA ILE B 19 -16.30 -24.07 19.53
C ILE B 19 -16.95 -23.29 18.40
N ILE B 20 -16.20 -22.37 17.79
CA ILE B 20 -16.75 -21.56 16.70
C ILE B 20 -17.08 -22.44 15.50
N ALA B 21 -16.18 -23.37 15.15
CA ALA B 21 -16.42 -24.24 14.00
C ALA B 21 -17.66 -25.11 14.20
N ALA B 22 -17.97 -25.47 15.44
CA ALA B 22 -19.16 -26.28 15.69
C ALA B 22 -20.43 -25.44 15.52
N ALA B 23 -20.34 -24.14 15.75
CA ALA B 23 -21.52 -23.27 15.70
C ALA B 23 -21.80 -22.76 14.28
N VAL B 24 -20.78 -22.71 13.42
CA VAL B 24 -20.92 -22.12 12.09
C VAL B 24 -21.62 -23.10 11.16
N PRO B 25 -22.73 -22.71 10.53
CA PRO B 25 -23.42 -23.61 9.60
C PRO B 25 -22.52 -24.05 8.47
N ASP B 26 -22.78 -25.25 7.95
CA ASP B 26 -21.98 -25.80 6.88
C ASP B 26 -22.40 -25.30 5.49
N HIS B 27 -23.25 -24.29 5.42
CA HIS B 27 -23.66 -23.70 4.15
C HIS B 27 -23.98 -22.23 4.38
N ALA B 28 -23.89 -21.45 3.30
CA ALA B 28 -24.25 -20.05 3.37
C ALA B 28 -25.78 -19.91 3.51
N LEU B 29 -26.20 -18.90 4.25
CA LEU B 29 -27.63 -18.70 4.53
C LEU B 29 -28.28 -17.75 3.55
N ASP B 30 -27.50 -17.14 2.66
CA ASP B 30 -28.02 -16.47 1.47
C ASP B 30 -26.90 -16.40 0.46
N THR B 31 -27.27 -16.31 -0.82
CA THR B 31 -26.32 -16.25 -1.91
C THR B 31 -26.12 -14.85 -2.47
N GLN B 32 -26.77 -13.85 -1.89
CA GLN B 32 -26.64 -12.47 -2.35
C GLN B 32 -25.47 -11.85 -1.61
N ARG B 33 -24.30 -11.82 -2.25
CA ARG B 33 -23.08 -11.32 -1.62
C ARG B 33 -22.68 -9.94 -2.09
N LYS B 34 -23.44 -9.33 -3.00
CA LYS B 34 -23.14 -7.99 -3.47
C LYS B 34 -23.63 -7.00 -2.42
N TYR B 35 -22.69 -6.25 -1.83
CA TYR B 35 -23.03 -5.26 -0.81
C TYR B 35 -23.91 -4.16 -1.40
N HIS B 36 -25.09 -3.99 -0.81
CA HIS B 36 -26.13 -3.06 -1.25
C HIS B 36 -26.40 -3.21 -2.74
N TYR B 37 -26.76 -4.45 -3.07
CA TYR B 37 -27.15 -4.90 -4.40
C TYR B 37 -28.28 -4.08 -5.02
N PHE B 38 -29.09 -3.40 -4.21
CA PHE B 38 -30.25 -2.72 -4.75
C PHE B 38 -29.95 -1.32 -5.26
N ILE B 39 -28.74 -0.80 -5.05
CA ILE B 39 -28.37 0.47 -5.65
C ILE B 39 -28.52 0.39 -7.16
N GLN B 40 -29.11 1.43 -7.75
CA GLN B 40 -29.23 1.53 -9.20
C GLN B 40 -27.88 1.92 -9.78
N PRO B 41 -27.22 1.02 -10.51
CA PRO B 41 -25.89 1.33 -11.03
C PRO B 41 -25.95 2.45 -12.06
N ARG B 42 -25.02 3.40 -11.94
CA ARG B 42 -24.91 4.43 -12.97
C ARG B 42 -24.25 3.89 -14.23
N TRP B 43 -23.31 2.95 -14.08
CA TRP B 43 -22.54 2.40 -15.18
C TRP B 43 -22.96 0.94 -15.40
N LYS B 44 -22.25 0.25 -16.28
CA LYS B 44 -22.68 -1.08 -16.71
C LYS B 44 -22.65 -2.10 -15.58
N ARG B 45 -21.81 -1.88 -14.57
CA ARG B 45 -21.80 -2.71 -13.38
C ARG B 45 -21.72 -1.81 -12.16
N LEU B 46 -22.32 -2.27 -11.06
CA LEU B 46 -22.23 -1.55 -9.80
C LEU B 46 -20.78 -1.45 -9.37
N SER B 47 -20.37 -0.24 -8.96
CA SER B 47 -18.98 0.02 -8.59
C SER B 47 -18.81 0.00 -7.08
N GLU B 48 -17.60 -0.35 -6.65
CA GLU B 48 -17.29 -0.32 -5.22
C GLU B 48 -17.50 1.08 -4.65
N TYR B 49 -17.16 2.11 -5.43
CA TYR B 49 -17.45 3.50 -5.05
C TYR B 49 -18.91 3.68 -4.67
N GLU B 50 -19.81 3.15 -5.49
CA GLU B 50 -21.24 3.28 -5.19
C GLU B 50 -21.62 2.47 -3.97
N GLN B 51 -21.17 1.21 -3.90
CA GLN B 51 -21.48 0.35 -2.76
C GLN B 51 -21.12 1.01 -1.43
N LEU B 52 -19.95 1.65 -1.37
CA LEU B 52 -19.49 2.23 -0.11
C LEU B 52 -20.15 3.57 0.19
N SER B 53 -20.58 4.30 -0.84
CA SER B 53 -21.10 5.65 -0.65
C SER B 53 -22.62 5.73 -0.60
N CYS B 54 -23.32 5.01 -1.47
CA CYS B 54 -24.72 5.32 -1.76
C CYS B 54 -25.65 4.86 -0.65
N TYR B 55 -26.52 5.78 -0.22
CA TYR B 55 -27.54 5.59 0.83
C TYR B 55 -26.93 5.57 2.23
N ALA B 56 -25.66 5.95 2.38
CA ALA B 56 -25.12 6.21 3.71
C ALA B 56 -25.89 7.35 4.40
N GLN B 57 -26.39 8.30 3.62
CA GLN B 57 -27.21 9.35 4.21
C GLN B 57 -28.60 8.81 4.53
N PRO B 58 -29.06 8.94 5.77
CA PRO B 58 -30.33 8.31 6.20
C PRO B 58 -31.56 9.16 5.89
N ASN B 59 -31.76 9.45 4.61
CA ASN B 59 -32.87 10.36 4.30
C ASN B 59 -34.21 9.62 4.33
N PRO B 60 -35.26 10.26 4.82
CA PRO B 60 -36.60 9.68 4.78
C PRO B 60 -37.25 9.96 3.42
N ASP B 61 -38.45 9.42 3.23
CA ASP B 61 -39.06 9.49 1.91
C ASP B 61 -39.54 10.88 1.53
N TRP B 62 -39.62 11.82 2.48
CA TRP B 62 -40.02 13.18 2.13
C TRP B 62 -38.84 14.04 1.70
N ILE B 63 -37.63 13.48 1.65
CA ILE B 63 -36.52 14.08 0.93
C ILE B 63 -36.25 13.17 -0.27
N ALA B 64 -36.50 13.69 -1.47
CA ALA B 64 -36.55 12.92 -2.71
C ALA B 64 -35.40 11.92 -2.81
N GLY B 65 -35.76 10.63 -2.90
CA GLY B 65 -34.82 9.55 -3.03
C GLY B 65 -34.62 8.73 -1.77
N GLY B 66 -35.04 9.24 -0.62
CA GLY B 66 -34.77 8.54 0.62
C GLY B 66 -35.61 7.29 0.79
N LEU B 67 -35.03 6.31 1.50
CA LEU B 67 -35.69 5.03 1.71
C LEU B 67 -36.22 4.87 3.13
N ASP B 68 -35.96 5.83 4.03
CA ASP B 68 -36.43 5.74 5.39
C ASP B 68 -37.82 6.37 5.49
N TRP B 69 -38.31 6.55 6.71
CA TRP B 69 -39.63 7.13 6.92
C TRP B 69 -39.63 7.89 8.24
N GLY B 70 -40.62 8.78 8.37
CA GLY B 70 -40.83 9.48 9.61
C GLY B 70 -39.99 10.73 9.74
N ASP B 71 -40.28 11.49 10.79
CA ASP B 71 -39.56 12.73 11.07
C ASP B 71 -38.22 12.43 11.73
N TRP B 72 -37.34 13.42 11.70
CA TRP B 72 -36.09 13.29 12.42
C TRP B 72 -36.35 13.15 13.91
N THR B 73 -35.40 12.55 14.62
CA THR B 73 -35.55 12.33 16.04
C THR B 73 -35.29 13.60 16.84
N GLN B 74 -34.53 14.53 16.29
CA GLN B 74 -34.21 15.78 16.97
C GLN B 74 -33.93 16.84 15.92
N LYS B 75 -34.55 18.01 16.08
CA LYS B 75 -34.40 19.09 15.13
C LYS B 75 -33.85 20.33 15.83
N PHE B 76 -33.47 21.32 15.02
CA PHE B 76 -33.05 22.61 15.58
C PHE B 76 -34.18 23.23 16.38
N HIS B 77 -33.80 24.08 17.34
CA HIS B 77 -34.76 24.98 17.96
C HIS B 77 -35.54 25.71 16.88
N GLY B 78 -36.87 25.64 16.95
CA GLY B 78 -37.69 26.25 15.93
C GLY B 78 -38.31 25.24 14.97
N GLY B 79 -37.52 24.24 14.59
CA GLY B 79 -38.06 23.17 13.79
C GLY B 79 -37.28 22.81 12.54
N ARG B 80 -36.16 23.50 12.28
CA ARG B 80 -35.37 23.19 11.10
C ARG B 80 -34.97 21.72 11.13
N PRO B 81 -35.27 20.94 10.08
CA PRO B 81 -34.90 19.52 10.09
C PRO B 81 -33.41 19.32 9.99
N SER B 82 -32.97 18.12 10.40
CA SER B 82 -31.55 17.75 10.29
C SER B 82 -31.03 17.98 8.88
N TRP B 83 -31.72 17.41 7.90
CA TRP B 83 -31.60 17.78 6.51
C TRP B 83 -33.01 18.06 5.99
N GLY B 84 -33.12 19.00 5.05
CA GLY B 84 -34.44 19.38 4.60
C GLY B 84 -34.44 20.01 3.21
N ASN B 85 -35.63 20.06 2.62
CA ASN B 85 -35.79 20.64 1.30
C ASN B 85 -35.59 22.16 1.30
N GLU B 86 -35.72 22.81 2.45
CA GLU B 86 -35.49 24.25 2.55
C GLU B 86 -34.04 24.64 2.31
N SER B 87 -33.12 23.69 2.19
CA SER B 87 -31.70 24.00 2.09
C SER B 87 -31.27 24.49 0.71
N THR B 88 -32.12 24.35 -0.31
CA THR B 88 -31.73 24.76 -1.66
C THR B 88 -32.99 25.01 -2.48
N GLU B 89 -32.85 25.89 -3.47
CA GLU B 89 -33.93 26.17 -4.41
C GLU B 89 -34.13 25.05 -5.44
N LEU B 90 -33.10 24.25 -5.70
CA LEU B 90 -33.19 23.24 -6.74
C LEU B 90 -33.96 22.03 -6.26
N ARG B 91 -34.58 21.34 -7.20
CA ARG B 91 -35.42 20.19 -6.91
C ARG B 91 -35.02 19.03 -7.82
N THR B 92 -35.32 17.82 -7.36
CA THR B 92 -34.97 16.63 -8.11
C THR B 92 -35.87 15.49 -7.66
N THR B 93 -35.97 14.46 -8.50
CA THR B 93 -36.69 13.26 -8.12
C THR B 93 -35.86 12.33 -7.24
N ASP B 94 -34.56 12.56 -7.11
CA ASP B 94 -33.70 11.69 -6.30
C ASP B 94 -32.37 12.38 -6.06
N TRP B 95 -32.14 12.83 -4.83
CA TRP B 95 -30.87 13.51 -4.55
C TRP B 95 -29.68 12.57 -4.59
N TYR B 96 -29.89 11.25 -4.62
CA TYR B 96 -28.82 10.26 -4.62
C TYR B 96 -28.22 10.04 -6.01
N ARG B 97 -28.80 10.63 -7.07
CA ARG B 97 -28.41 10.28 -8.42
C ARG B 97 -26.98 10.65 -8.75
N HIS B 98 -26.46 11.73 -8.15
CA HIS B 98 -25.12 12.23 -8.49
C HIS B 98 -24.07 11.13 -8.35
N ARG B 99 -23.14 11.10 -9.32
CA ARG B 99 -22.00 10.18 -9.31
C ARG B 99 -20.77 10.95 -9.75
N ASP B 100 -19.73 10.93 -8.93
CA ASP B 100 -18.43 11.45 -9.34
C ASP B 100 -17.89 10.55 -10.46
N PRO B 101 -17.60 11.09 -11.64
CA PRO B 101 -17.03 10.24 -12.71
C PRO B 101 -15.68 9.66 -12.36
N ALA B 102 -14.94 10.28 -11.44
CA ALA B 102 -13.70 9.69 -10.95
C ALA B 102 -13.95 8.63 -9.87
N ARG B 103 -15.19 8.46 -9.43
CA ARG B 103 -15.56 7.40 -8.49
C ARG B 103 -14.72 7.44 -7.22
N ARG B 104 -14.52 8.66 -6.71
CA ARG B 104 -13.68 8.86 -5.53
C ARG B 104 -14.49 8.64 -4.25
N TRP B 105 -14.23 7.52 -3.58
CA TRP B 105 -14.51 7.46 -2.16
C TRP B 105 -13.21 7.85 -1.46
N HIS B 106 -13.16 7.76 -0.12
CA HIS B 106 -12.03 8.38 0.59
C HIS B 106 -10.70 7.78 0.18
N HIS B 107 -10.61 6.44 0.03
CA HIS B 107 -9.31 5.82 -0.15
C HIS B 107 -8.64 6.19 -1.48
N PRO B 108 -9.27 6.00 -2.65
CA PRO B 108 -8.59 6.45 -3.89
C PRO B 108 -8.25 7.93 -3.88
N TYR B 109 -9.02 8.75 -3.17
CA TYR B 109 -8.73 10.18 -3.12
C TYR B 109 -7.43 10.46 -2.36
N VAL B 110 -7.27 9.92 -1.16
CA VAL B 110 -6.03 10.18 -0.43
C VAL B 110 -4.87 9.40 -1.02
N LYS B 111 -5.13 8.22 -1.59
CA LYS B 111 -4.09 7.49 -2.28
C LYS B 111 -3.45 8.34 -3.39
N ASP B 112 -4.29 8.99 -4.20
CA ASP B 112 -3.77 9.81 -5.29
C ASP B 112 -3.04 11.04 -4.77
N LYS B 113 -3.61 11.71 -3.75
CA LYS B 113 -2.95 12.91 -3.24
C LYS B 113 -1.69 12.56 -2.46
N SER B 114 -1.59 11.35 -1.90
CA SER B 114 -0.35 10.94 -1.27
C SER B 114 0.78 10.86 -2.27
N GLU B 115 0.50 10.34 -3.47
CA GLU B 115 1.50 10.30 -4.53
C GLU B 115 2.02 11.70 -4.83
N GLU B 116 1.10 12.64 -5.06
CA GLU B 116 1.51 14.00 -5.33
C GLU B 116 2.27 14.62 -4.16
N ALA B 117 1.95 14.20 -2.94
CA ALA B 117 2.61 14.77 -1.76
C ALA B 117 4.07 14.34 -1.71
N ARG B 118 4.33 13.05 -1.90
CA ARG B 118 5.70 12.55 -1.76
C ARG B 118 6.54 12.92 -2.98
N TYR B 119 5.98 12.80 -4.19
CA TYR B 119 6.73 13.18 -5.38
C TYR B 119 7.12 14.66 -5.34
N THR B 120 6.22 15.52 -4.85
CA THR B 120 6.53 16.94 -4.71
C THR B 120 7.81 17.15 -3.92
N GLN B 121 7.96 16.49 -2.77
CA GLN B 121 9.15 16.71 -1.97
C GLN B 121 10.40 16.15 -2.63
N ARG B 122 10.27 15.01 -3.33
CA ARG B 122 11.40 14.51 -4.10
C ARG B 122 11.78 15.49 -5.21
N PHE B 123 10.79 16.10 -5.86
CA PHE B 123 11.09 17.04 -6.93
C PHE B 123 11.78 18.29 -6.40
N LEU B 124 11.34 18.80 -5.24
CA LEU B 124 11.94 20.01 -4.70
C LEU B 124 13.37 19.77 -4.26
N ALA B 125 13.64 18.61 -3.64
CA ALA B 125 15.01 18.29 -3.25
C ALA B 125 15.92 18.23 -4.46
N ALA B 126 15.42 17.70 -5.58
CA ALA B 126 16.23 17.63 -6.78
C ALA B 126 16.32 18.98 -7.49
N TYR B 127 15.22 19.74 -7.50
CA TYR B 127 15.23 21.04 -8.17
C TYR B 127 16.20 22.00 -7.48
N SER B 128 16.22 22.01 -6.15
CA SER B 128 17.21 22.78 -5.42
C SER B 128 18.61 22.29 -5.73
N SER B 129 18.80 20.96 -5.78
CA SER B 129 20.12 20.42 -6.14
C SER B 129 20.50 20.77 -7.57
N GLU B 130 19.51 20.98 -8.44
CA GLU B 130 19.78 21.28 -9.84
C GLU B 130 20.24 22.71 -10.05
N GLY B 131 19.80 23.65 -9.20
CA GLY B 131 20.09 25.05 -9.42
C GLY B 131 19.30 25.69 -10.53
N SER B 132 18.17 25.09 -10.93
CA SER B 132 17.44 25.55 -12.11
C SER B 132 16.79 26.91 -11.91
N ILE B 133 16.65 27.39 -10.67
CA ILE B 133 16.11 28.71 -10.41
C ILE B 133 17.00 29.82 -10.94
N ARG B 134 18.25 29.51 -11.31
CA ARG B 134 19.19 30.53 -11.75
C ARG B 134 18.73 31.26 -13.01
N THR B 135 17.90 30.63 -13.84
CA THR B 135 17.54 31.20 -15.14
C THR B 135 16.17 31.87 -15.13
N ILE B 136 15.50 31.96 -13.98
CA ILE B 136 14.19 32.61 -13.94
C ILE B 136 14.36 34.12 -14.04
N ASP B 137 13.46 34.75 -14.77
CA ASP B 137 13.48 36.21 -14.86
C ASP B 137 13.29 36.82 -13.47
N PRO B 138 14.23 37.64 -13.00
CA PRO B 138 14.14 38.11 -11.61
C PRO B 138 12.94 39.00 -11.35
N TYR B 139 12.59 39.86 -12.30
CA TYR B 139 11.44 40.75 -12.10
C TYR B 139 10.15 39.95 -12.01
N TRP B 140 9.99 38.94 -12.89
CA TRP B 140 8.85 38.04 -12.79
C TRP B 140 8.82 37.35 -11.43
N ARG B 141 9.97 36.82 -11.01
CA ARG B 141 10.05 36.10 -9.73
C ARG B 141 9.65 36.99 -8.57
N ASP B 142 10.24 38.18 -8.49
CA ASP B 142 10.11 39.04 -7.32
C ASP B 142 8.87 39.92 -7.35
N GLU B 143 8.50 40.45 -8.52
CA GLU B 143 7.48 41.49 -8.58
C GLU B 143 6.12 41.00 -9.04
N ILE B 144 6.06 39.94 -9.85
CA ILE B 144 4.80 39.39 -10.36
C ILE B 144 4.44 38.09 -9.64
N LEU B 145 5.31 37.08 -9.70
CA LEU B 145 5.06 35.79 -9.08
C LEU B 145 4.85 35.92 -7.58
N ASN B 146 5.89 36.34 -6.84
CA ASN B 146 5.83 36.31 -5.39
C ASN B 146 4.63 37.07 -4.84
N LYS B 147 4.30 38.21 -5.47
CA LYS B 147 3.30 39.10 -4.93
C LYS B 147 1.89 38.76 -5.40
N TYR B 148 1.71 38.52 -6.69
CA TYR B 148 0.37 38.34 -7.23
C TYR B 148 -0.04 36.88 -7.34
N PHE B 149 0.90 35.96 -7.56
CA PHE B 149 0.57 34.55 -7.39
C PHE B 149 0.35 34.23 -5.91
N GLY B 150 1.13 34.82 -5.03
CA GLY B 150 0.87 34.68 -3.61
C GLY B 150 -0.48 35.24 -3.20
N ALA B 151 -0.84 36.41 -3.75
CA ALA B 151 -2.15 36.97 -3.43
C ALA B 151 -3.27 36.06 -3.90
N LEU B 152 -3.03 35.30 -4.97
CA LEU B 152 -4.05 34.40 -5.49
C LEU B 152 -4.41 33.31 -4.50
N LEU B 153 -3.51 32.97 -3.57
CA LEU B 153 -3.81 31.95 -2.59
C LEU B 153 -5.07 32.28 -1.79
N TYR B 154 -5.34 33.57 -1.60
CA TYR B 154 -6.51 33.97 -0.82
C TYR B 154 -7.81 33.72 -1.58
N SER B 155 -7.76 33.70 -2.91
CA SER B 155 -8.92 33.29 -3.68
C SER B 155 -9.20 31.81 -3.51
N GLU B 156 -8.15 30.98 -3.58
CA GLU B 156 -8.32 29.55 -3.36
C GLU B 156 -8.78 29.28 -1.94
N TYR B 157 -8.26 30.03 -0.97
CA TYR B 157 -8.63 29.82 0.42
C TYR B 157 -10.09 30.17 0.66
N GLY B 158 -10.56 31.26 0.06
CA GLY B 158 -11.96 31.63 0.21
C GLY B 158 -12.90 30.64 -0.44
N LEU B 159 -12.51 30.09 -1.59
CA LEU B 159 -13.33 29.07 -2.23
C LEU B 159 -13.37 27.80 -1.38
N PHE B 160 -12.25 27.49 -0.70
CA PHE B 160 -12.23 26.35 0.21
C PHE B 160 -13.25 26.54 1.33
N ASN B 161 -13.27 27.73 1.94
CA ASN B 161 -14.18 27.96 3.06
C ASN B 161 -15.63 28.05 2.62
N ALA B 162 -15.89 28.36 1.36
CA ALA B 162 -17.27 28.39 0.86
C ALA B 162 -17.96 27.04 1.03
N HIS B 163 -17.19 25.95 1.11
CA HIS B 163 -17.76 24.62 1.21
C HIS B 163 -18.19 24.22 2.62
N SER B 164 -17.89 25.04 3.65
CA SER B 164 -18.17 24.63 5.02
C SER B 164 -19.67 24.40 5.23
N SER B 165 -20.51 25.34 4.80
CA SER B 165 -21.95 25.13 4.94
C SER B 165 -22.46 24.08 3.97
N VAL B 166 -21.80 23.92 2.82
CA VAL B 166 -22.17 22.85 1.89
C VAL B 166 -21.97 21.49 2.55
N GLY B 167 -20.83 21.29 3.21
CA GLY B 167 -20.58 20.03 3.89
C GLY B 167 -21.64 19.70 4.92
N ARG B 168 -22.26 20.72 5.52
CA ARG B 168 -23.31 20.46 6.50
C ARG B 168 -24.67 20.27 5.84
N ASP B 169 -24.98 21.08 4.83
CA ASP B 169 -26.36 21.22 4.37
C ASP B 169 -26.75 20.26 3.26
N CYS B 170 -25.80 19.82 2.43
CA CYS B 170 -26.17 19.12 1.20
C CYS B 170 -26.86 17.80 1.51
N LEU B 171 -27.59 17.29 0.52
CA LEU B 171 -28.66 16.34 0.77
C LEU B 171 -28.36 14.89 0.35
N SER B 172 -27.15 14.58 -0.10
CA SER B 172 -26.85 13.18 -0.36
C SER B 172 -25.38 12.90 -0.14
N ASP B 173 -25.07 11.61 -0.07
CA ASP B 173 -23.73 11.15 0.29
C ASP B 173 -22.70 11.46 -0.79
N THR B 174 -23.00 11.10 -2.05
CA THR B 174 -22.05 11.34 -3.13
C THR B 174 -21.84 12.83 -3.35
N ILE B 175 -22.87 13.65 -3.08
CA ILE B 175 -22.70 15.09 -3.20
C ILE B 175 -21.78 15.59 -2.11
N ARG B 176 -21.94 15.08 -0.89
CA ARG B 176 -21.11 15.51 0.24
C ARG B 176 -19.64 15.16 -0.02
N GLN B 177 -19.37 13.96 -0.54
CA GLN B 177 -18.00 13.57 -0.85
C GLN B 177 -17.42 14.47 -1.94
N THR B 178 -18.16 14.67 -3.03
CA THR B 178 -17.74 15.61 -4.07
C THR B 178 -17.41 16.98 -3.49
N ALA B 179 -18.26 17.48 -2.58
CA ALA B 179 -18.05 18.82 -2.04
C ALA B 179 -16.82 18.88 -1.15
N VAL B 180 -16.62 17.88 -0.29
CA VAL B 180 -15.52 17.94 0.66
C VAL B 180 -14.18 17.75 -0.05
N PHE B 181 -14.11 16.84 -1.02
CA PHE B 181 -12.87 16.67 -1.78
C PHE B 181 -12.51 17.93 -2.56
N ALA B 182 -13.53 18.63 -3.08
CA ALA B 182 -13.28 19.89 -3.77
C ALA B 182 -12.70 20.92 -2.82
N ALA B 183 -13.21 20.97 -1.59
CA ALA B 183 -12.74 21.93 -0.60
C ALA B 183 -11.28 21.67 -0.25
N LEU B 184 -10.93 20.41 0.00
CA LEU B 184 -9.54 20.08 0.32
C LEU B 184 -8.62 20.47 -0.83
N ASP B 185 -9.02 20.18 -2.07
CA ASP B 185 -8.20 20.55 -3.22
C ASP B 185 -7.99 22.05 -3.28
N LYS B 186 -9.00 22.84 -2.91
CA LYS B 186 -8.85 24.29 -2.91
C LYS B 186 -7.87 24.75 -1.83
N VAL B 187 -8.01 24.23 -0.61
CA VAL B 187 -7.06 24.66 0.42
C VAL B 187 -5.68 24.11 0.11
N ASP B 188 -5.61 22.95 -0.58
CA ASP B 188 -4.33 22.45 -1.06
C ASP B 188 -3.67 23.46 -2.01
N ASN B 189 -4.46 23.98 -2.96
CA ASN B 189 -3.97 25.01 -3.86
C ASN B 189 -3.33 26.16 -3.10
N ALA B 190 -4.04 26.68 -2.09
CA ALA B 190 -3.50 27.78 -1.30
C ALA B 190 -2.22 27.37 -0.58
N GLN B 191 -2.19 26.17 -0.01
CA GLN B 191 -1.00 25.73 0.70
C GLN B 191 0.16 25.46 -0.25
N MET B 192 -0.13 25.04 -1.48
CA MET B 192 0.93 24.76 -2.44
C MET B 192 1.55 26.05 -2.98
N ILE B 193 0.73 27.10 -3.17
CA ILE B 193 1.28 28.40 -3.56
C ILE B 193 2.23 28.90 -2.49
N GLN B 194 1.81 28.84 -1.23
CA GLN B 194 2.70 29.26 -0.14
C GLN B 194 3.91 28.35 -0.04
N MET B 195 3.76 27.07 -0.38
CA MET B 195 4.92 26.17 -0.37
C MET B 195 5.94 26.60 -1.43
N GLU B 196 5.48 26.96 -2.64
CA GLU B 196 6.41 27.42 -3.65
C GLU B 196 7.14 28.69 -3.21
N ARG B 197 6.41 29.61 -2.56
CA ARG B 197 7.04 30.83 -2.07
C ARG B 197 8.08 30.53 -1.00
N LEU B 198 7.73 29.67 -0.04
CA LEU B 198 8.69 29.30 1.00
C LEU B 198 9.90 28.61 0.40
N PHE B 199 9.70 27.83 -0.67
CA PHE B 199 10.80 27.12 -1.30
C PHE B 199 11.76 28.08 -2.02
N ILE B 200 11.21 29.07 -2.73
CA ILE B 200 12.06 30.05 -3.40
C ILE B 200 12.87 30.85 -2.38
N ALA B 201 12.29 31.13 -1.21
CA ALA B 201 13.00 31.87 -0.19
C ALA B 201 14.24 31.13 0.27
N LYS B 202 14.23 29.80 0.22
CA LYS B 202 15.41 29.02 0.56
C LYS B 202 16.52 29.13 -0.49
N LEU B 203 16.18 29.54 -1.71
CA LEU B 203 17.14 29.58 -2.80
C LEU B 203 17.59 30.98 -3.19
N VAL B 204 16.80 32.00 -2.88
CA VAL B 204 17.06 33.36 -3.34
C VAL B 204 17.22 34.26 -2.12
N PRO B 205 18.44 34.68 -1.77
CA PRO B 205 18.62 35.58 -0.62
C PRO B 205 17.85 36.87 -0.82
N GLY B 206 17.14 37.29 0.23
CA GLY B 206 16.32 38.48 0.18
C GLY B 206 14.91 38.26 -0.33
N PHE B 207 14.57 37.06 -0.77
CA PHE B 207 13.22 36.75 -1.21
C PHE B 207 12.35 36.48 0.01
N ASP B 208 11.30 37.28 0.18
CA ASP B 208 10.45 37.25 1.37
C ASP B 208 9.20 36.44 1.07
N ALA B 209 9.05 35.30 1.74
CA ALA B 209 7.88 34.44 1.57
C ALA B 209 6.80 34.72 2.61
N SER B 210 6.91 35.81 3.35
CA SER B 210 5.83 36.23 4.22
C SER B 210 4.56 36.48 3.40
N THR B 211 3.41 36.17 4.00
CA THR B 211 2.14 36.43 3.31
C THR B 211 1.70 37.88 3.43
N ASP B 212 2.52 38.75 4.03
CA ASP B 212 2.11 40.13 4.27
C ASP B 212 1.81 40.88 2.97
N VAL B 213 2.75 40.85 2.04
CA VAL B 213 2.58 41.55 0.76
C VAL B 213 1.46 40.89 -0.05
N PRO B 214 1.40 39.56 -0.20
CA PRO B 214 0.23 38.96 -0.88
C PRO B 214 -1.09 39.35 -0.25
N LYS B 215 -1.18 39.33 1.08
CA LYS B 215 -2.45 39.65 1.75
C LYS B 215 -2.85 41.10 1.53
N LYS B 216 -1.90 42.03 1.65
CA LYS B 216 -2.20 43.43 1.35
C LYS B 216 -2.67 43.60 -0.09
N ILE B 217 -2.11 42.82 -1.00
CA ILE B 217 -2.50 42.92 -2.40
C ILE B 217 -3.92 42.36 -2.60
N TRP B 218 -4.21 41.22 -1.97
CA TRP B 218 -5.55 40.64 -2.09
C TRP B 218 -6.61 41.56 -1.50
N THR B 219 -6.34 42.17 -0.35
CA THR B 219 -7.36 42.95 0.34
C THR B 219 -7.47 44.39 -0.15
N THR B 220 -6.43 44.94 -0.78
CA THR B 220 -6.45 46.37 -1.13
C THR B 220 -6.06 46.69 -2.57
N ASP B 221 -5.40 45.79 -3.30
CA ASP B 221 -4.98 46.14 -4.67
C ASP B 221 -6.18 46.04 -5.61
N PRO B 222 -6.40 47.04 -6.46
CA PRO B 222 -7.55 46.99 -7.38
C PRO B 222 -7.53 45.81 -8.32
N ILE B 223 -6.36 45.21 -8.57
CA ILE B 223 -6.26 44.07 -9.47
C ILE B 223 -7.10 42.89 -8.98
N TYR B 224 -7.21 42.72 -7.67
CA TYR B 224 -7.99 41.64 -7.08
C TYR B 224 -9.30 42.12 -6.46
N SER B 225 -9.71 43.36 -6.74
CA SER B 225 -10.89 43.92 -6.09
C SER B 225 -12.15 43.16 -6.50
N GLY B 226 -12.37 42.97 -7.79
CA GLY B 226 -13.54 42.23 -8.24
C GLY B 226 -13.51 40.78 -7.80
N ALA B 227 -12.32 40.17 -7.79
CA ALA B 227 -12.22 38.76 -7.42
C ALA B 227 -12.56 38.55 -5.95
N ARG B 228 -12.02 39.39 -5.07
CA ARG B 228 -12.29 39.23 -3.65
C ARG B 228 -13.76 39.46 -3.33
N ALA B 229 -14.38 40.43 -4.01
CA ALA B 229 -15.81 40.67 -3.80
C ALA B 229 -16.63 39.44 -4.17
N THR B 230 -16.28 38.78 -5.28
CA THR B 230 -17.02 37.59 -5.69
C THR B 230 -16.84 36.46 -4.68
N VAL B 231 -15.60 36.18 -4.29
CA VAL B 231 -15.34 35.11 -3.34
C VAL B 231 -16.06 35.37 -2.02
N GLN B 232 -16.06 36.62 -1.56
CA GLN B 232 -16.73 36.93 -0.30
C GLN B 232 -18.22 36.68 -0.40
N GLU B 233 -18.81 36.94 -1.57
CA GLU B 233 -20.23 36.69 -1.73
C GLU B 233 -20.52 35.20 -1.78
N ILE B 234 -19.74 34.45 -2.58
CA ILE B 234 -19.97 33.01 -2.72
C ILE B 234 -19.79 32.32 -1.37
N TRP B 235 -18.75 32.70 -0.64
CA TRP B 235 -18.44 32.04 0.63
C TRP B 235 -19.44 32.42 1.72
N GLN B 236 -19.66 33.71 1.94
CA GLN B 236 -20.39 34.14 3.12
C GLN B 236 -21.72 34.83 2.84
N GLY B 237 -22.05 35.11 1.58
CA GLY B 237 -23.28 35.82 1.26
C GLY B 237 -24.49 34.95 1.01
N VAL B 238 -24.31 33.65 0.81
CA VAL B 238 -25.41 32.74 0.50
C VAL B 238 -25.24 31.46 1.30
N GLN B 239 -26.34 30.70 1.42
CA GLN B 239 -26.26 29.39 2.06
C GLN B 239 -26.90 28.28 1.24
N ASP B 240 -27.66 28.60 0.19
CA ASP B 240 -28.09 27.60 -0.78
C ASP B 240 -26.86 26.85 -1.26
N TRP B 241 -26.75 25.56 -0.91
CA TRP B 241 -25.51 24.84 -1.16
C TRP B 241 -25.31 24.51 -2.63
N ASN B 242 -26.39 24.44 -3.42
CA ASN B 242 -26.22 24.30 -4.85
C ASN B 242 -25.74 25.61 -5.47
N GLU B 243 -26.25 26.74 -4.98
CA GLU B 243 -25.78 28.03 -5.47
C GLU B 243 -24.28 28.19 -5.19
N ILE B 244 -23.84 27.77 -4.01
CA ILE B 244 -22.42 27.89 -3.67
C ILE B 244 -21.56 27.03 -4.60
N LEU B 245 -21.92 25.76 -4.76
CA LEU B 245 -21.15 24.87 -5.62
C LEU B 245 -21.13 25.38 -7.05
N TRP B 246 -22.29 25.79 -7.57
CA TRP B 246 -22.37 26.24 -8.96
C TRP B 246 -21.59 27.53 -9.17
N ALA B 247 -21.90 28.56 -8.37
CA ALA B 247 -21.23 29.84 -8.53
C ALA B 247 -19.72 29.71 -8.26
N GLY B 248 -19.35 28.91 -7.27
CA GLY B 248 -17.94 28.71 -6.95
C GLY B 248 -17.14 28.08 -8.07
N HIS B 249 -17.54 26.87 -8.48
CA HIS B 249 -16.73 26.09 -9.42
C HIS B 249 -17.09 26.28 -10.88
N ALA B 250 -18.39 26.40 -11.18
CA ALA B 250 -18.83 26.38 -12.57
C ALA B 250 -18.82 27.75 -13.21
N VAL B 251 -18.74 28.82 -12.43
CA VAL B 251 -18.74 30.17 -12.98
C VAL B 251 -17.45 30.90 -12.60
N TYR B 252 -17.31 31.25 -11.31
CA TYR B 252 -16.18 32.06 -10.88
C TYR B 252 -14.85 31.35 -11.16
N ASP B 253 -14.68 30.14 -10.62
CA ASP B 253 -13.40 29.47 -10.77
C ASP B 253 -13.17 29.01 -12.20
N ALA B 254 -14.26 28.70 -12.93
CA ALA B 254 -14.12 28.25 -14.31
C ALA B 254 -13.70 29.37 -15.25
N THR B 255 -13.96 30.63 -14.88
CA THR B 255 -13.56 31.76 -15.70
C THR B 255 -12.40 32.51 -15.06
N PHE B 256 -12.61 33.16 -13.91
CA PHE B 256 -11.52 33.94 -13.33
C PHE B 256 -10.37 33.04 -12.87
N GLY B 257 -10.69 32.00 -12.11
CA GLY B 257 -9.63 31.13 -11.60
C GLY B 257 -8.83 30.46 -12.70
N GLN B 258 -9.51 30.03 -13.76
CA GLN B 258 -8.82 29.42 -14.89
C GLN B 258 -7.93 30.42 -15.60
N PHE B 259 -8.41 31.66 -15.77
CA PHE B 259 -7.56 32.68 -16.40
C PHE B 259 -6.34 32.97 -15.53
N ALA B 260 -6.57 33.25 -14.24
CA ALA B 260 -5.47 33.58 -13.35
C ALA B 260 -4.45 32.45 -13.28
N ARG B 261 -4.92 31.22 -13.01
CA ARG B 261 -4.00 30.11 -12.80
C ARG B 261 -3.34 29.67 -14.11
N ARG B 262 -4.15 29.41 -15.14
CA ARG B 262 -3.64 28.78 -16.35
C ARG B 262 -3.18 29.80 -17.40
N GLU B 263 -3.97 30.83 -17.65
CA GLU B 263 -3.63 31.78 -18.69
C GLU B 263 -2.54 32.73 -18.25
N PHE B 264 -2.54 33.14 -16.98
CA PHE B 264 -1.56 34.11 -16.52
C PHE B 264 -0.33 33.40 -15.94
N PHE B 265 -0.46 32.83 -14.75
CA PHE B 265 0.74 32.39 -14.04
C PHE B 265 1.38 31.17 -14.70
N GLN B 266 0.58 30.17 -15.08
CA GLN B 266 1.17 29.00 -15.72
C GLN B 266 1.73 29.33 -17.09
N ARG B 267 0.96 30.05 -17.91
CA ARG B 267 1.40 30.33 -19.28
C ARG B 267 2.58 31.30 -19.30
N LEU B 268 2.50 32.37 -18.51
CA LEU B 268 3.56 33.36 -18.55
C LEU B 268 4.83 32.87 -17.86
N ALA B 269 4.70 31.87 -16.96
CA ALA B 269 5.89 31.22 -16.43
C ALA B 269 6.75 30.66 -17.57
N THR B 270 6.10 30.08 -18.57
CA THR B 270 6.79 29.52 -19.73
C THR B 270 7.13 30.56 -20.78
N VAL B 271 7.10 31.84 -20.42
CA VAL B 271 7.49 32.93 -21.30
C VAL B 271 8.62 33.69 -20.63
N TYR B 272 8.67 33.65 -19.28
CA TYR B 272 9.67 34.35 -18.51
C TYR B 272 10.71 33.42 -17.89
N GLY B 273 10.80 32.19 -18.37
CA GLY B 273 11.86 31.30 -17.92
C GLY B 273 11.65 30.69 -16.55
N ASP B 274 10.40 30.54 -16.11
CA ASP B 274 10.08 30.01 -14.79
C ASP B 274 9.90 28.50 -14.92
N THR B 275 10.91 27.74 -14.49
CA THR B 275 10.86 26.29 -14.51
C THR B 275 10.26 25.68 -13.25
N LEU B 276 9.86 26.50 -12.29
CA LEU B 276 9.34 25.99 -11.01
C LEU B 276 7.82 26.03 -10.94
N THR B 277 7.24 27.19 -11.24
CA THR B 277 5.79 27.35 -11.15
C THR B 277 5.00 26.32 -11.96
N PRO B 278 5.41 25.91 -13.17
CA PRO B 278 4.64 24.87 -13.88
C PRO B 278 4.46 23.57 -13.11
N PHE B 279 5.40 23.22 -12.24
CA PHE B 279 5.21 22.02 -11.43
C PHE B 279 4.03 22.18 -10.48
N PHE B 280 3.84 23.39 -9.94
CA PHE B 280 2.76 23.63 -9.00
C PHE B 280 1.42 23.86 -9.71
N THR B 281 1.40 24.62 -10.79
CA THR B 281 0.13 24.81 -11.51
C THR B 281 -0.36 23.51 -12.14
N ALA B 282 0.54 22.56 -12.39
CA ALA B 282 0.11 21.26 -12.87
C ALA B 282 -0.82 20.57 -11.88
N GLN B 283 -0.62 20.80 -10.58
CA GLN B 283 -1.48 20.18 -9.58
C GLN B 283 -2.83 20.87 -9.50
N SER B 284 -2.84 22.21 -9.41
CA SER B 284 -4.12 22.92 -9.32
C SER B 284 -4.97 22.71 -10.57
N GLN B 285 -4.34 22.58 -11.73
CA GLN B 285 -5.11 22.36 -12.96
C GLN B 285 -5.61 20.92 -13.05
N THR B 286 -4.81 19.96 -12.57
CA THR B 286 -5.34 18.60 -12.48
C THR B 286 -6.52 18.53 -11.53
N TYR B 287 -6.43 19.23 -10.40
CA TYR B 287 -7.54 19.24 -9.44
C TYR B 287 -8.78 19.91 -10.04
N PHE B 288 -8.57 20.98 -10.82
CA PHE B 288 -9.71 21.67 -11.41
C PHE B 288 -10.50 20.74 -12.32
N GLN B 289 -9.81 20.02 -13.20
CA GLN B 289 -10.51 19.16 -14.15
C GLN B 289 -11.20 18.00 -13.43
N THR B 290 -10.57 17.46 -12.39
CA THR B 290 -11.24 16.43 -11.59
C THR B 290 -12.47 17.01 -10.90
N THR B 291 -12.36 18.20 -10.32
CA THR B 291 -13.50 18.84 -9.69
C THR B 291 -14.58 19.14 -10.73
N ARG B 292 -14.19 19.58 -11.93
CA ARG B 292 -15.16 19.88 -12.96
C ARG B 292 -15.96 18.64 -13.34
N GLY B 293 -15.28 17.50 -13.42
CA GLY B 293 -15.98 16.26 -13.76
C GLY B 293 -17.15 15.99 -12.84
N ALA B 294 -16.95 16.16 -11.53
CA ALA B 294 -18.01 15.89 -10.56
C ALA B 294 -19.05 17.02 -10.54
N ILE B 295 -18.60 18.27 -10.52
CA ILE B 295 -19.52 19.41 -10.56
C ILE B 295 -20.43 19.31 -11.79
N ASP B 296 -19.85 18.96 -12.94
CA ASP B 296 -20.62 18.85 -14.17
C ASP B 296 -21.69 17.76 -14.05
N ASP B 297 -21.39 16.66 -13.39
CA ASP B 297 -22.40 15.60 -13.23
C ASP B 297 -23.55 16.06 -12.36
N LEU B 298 -23.24 16.74 -11.25
CA LEU B 298 -24.30 17.19 -10.34
C LEU B 298 -25.26 18.14 -11.04
N PHE B 299 -24.73 19.12 -11.78
CA PHE B 299 -25.59 20.17 -12.30
C PHE B 299 -26.11 19.89 -13.71
N VAL B 300 -25.34 19.21 -14.55
CA VAL B 300 -25.79 18.96 -15.92
C VAL B 300 -26.56 17.65 -16.02
N TYR B 301 -25.89 16.53 -15.71
CA TYR B 301 -26.55 15.22 -15.85
C TYR B 301 -27.75 15.11 -14.93
N CYS B 302 -27.61 15.52 -13.67
CA CYS B 302 -28.64 15.29 -12.66
C CYS B 302 -29.70 16.40 -12.61
N LEU B 303 -29.28 17.63 -12.32
CA LEU B 303 -30.23 18.68 -11.97
C LEU B 303 -30.81 19.41 -13.18
N ALA B 304 -29.98 19.73 -14.18
CA ALA B 304 -30.47 20.43 -15.36
C ALA B 304 -31.24 19.50 -16.31
N ASN B 305 -31.19 18.20 -16.08
CA ASN B 305 -31.93 17.25 -16.91
C ASN B 305 -32.82 16.32 -16.10
N ASP B 306 -33.00 16.61 -14.81
CA ASP B 306 -33.97 15.88 -13.99
C ASP B 306 -35.33 15.86 -14.70
N SER B 307 -35.93 14.66 -14.77
CA SER B 307 -37.10 14.47 -15.62
C SER B 307 -38.27 15.37 -15.21
N GLU B 308 -38.31 15.82 -13.95
CA GLU B 308 -39.41 16.64 -13.48
C GLU B 308 -39.03 18.09 -13.21
N PHE B 309 -37.76 18.36 -12.90
CA PHE B 309 -37.39 19.69 -12.44
C PHE B 309 -36.27 20.31 -13.27
N GLY B 310 -35.89 19.68 -14.37
CA GLY B 310 -34.83 20.18 -15.23
C GLY B 310 -34.99 21.63 -15.61
N ALA B 311 -36.09 21.97 -16.28
CA ALA B 311 -36.31 23.36 -16.69
C ALA B 311 -36.47 24.26 -15.48
N HIS B 312 -37.16 23.79 -14.45
CA HIS B 312 -37.25 24.52 -13.18
C HIS B 312 -35.85 24.84 -12.65
N ASN B 313 -34.96 23.86 -12.70
CA ASN B 313 -33.61 24.08 -12.17
C ASN B 313 -32.80 24.99 -13.08
N ARG B 314 -32.98 24.87 -14.40
CA ARG B 314 -32.26 25.73 -15.32
C ARG B 314 -32.64 27.19 -15.13
N THR B 315 -33.88 27.46 -14.69
CA THR B 315 -34.29 28.83 -14.40
C THR B 315 -33.43 29.43 -13.30
N PHE B 316 -33.20 28.67 -12.21
CA PHE B 316 -32.34 29.17 -11.15
C PHE B 316 -30.89 29.21 -11.58
N LEU B 317 -30.42 28.17 -12.28
CA LEU B 317 -29.03 28.16 -12.74
C LEU B 317 -28.76 29.31 -13.69
N ASN B 318 -29.72 29.63 -14.56
N ASN B 318 -29.71 29.62 -14.58
CA ASN B 318 -29.54 30.75 -15.49
CA ASN B 318 -29.55 30.75 -15.49
C ASN B 318 -29.51 32.08 -14.75
C ASN B 318 -29.48 32.06 -14.72
N ALA B 319 -30.33 32.22 -13.72
CA ALA B 319 -30.32 33.45 -12.92
C ALA B 319 -28.99 33.59 -12.17
N TRP B 320 -28.49 32.50 -11.59
CA TRP B 320 -27.22 32.54 -10.88
C TRP B 320 -26.09 32.84 -11.86
N THR B 321 -26.06 32.15 -12.99
CA THR B 321 -25.02 32.36 -13.99
C THR B 321 -24.98 33.82 -14.42
N GLU B 322 -26.15 34.41 -14.69
CA GLU B 322 -26.19 35.84 -15.04
C GLU B 322 -25.51 36.69 -13.98
N HIS B 323 -25.85 36.44 -12.71
CA HIS B 323 -25.29 37.25 -11.64
C HIS B 323 -23.79 37.03 -11.50
N TYR B 324 -23.37 35.77 -11.36
CA TYR B 324 -21.96 35.48 -11.05
C TYR B 324 -21.06 35.59 -12.27
N LEU B 325 -21.59 35.48 -13.49
CA LEU B 325 -20.75 35.77 -14.65
C LEU B 325 -20.43 37.26 -14.72
N ALA B 326 -21.41 38.12 -14.43
CA ALA B 326 -21.13 39.55 -14.35
C ALA B 326 -20.08 39.83 -13.29
N SER B 327 -20.18 39.16 -12.13
CA SER B 327 -19.16 39.32 -11.09
C SER B 327 -17.79 38.88 -11.58
N SER B 328 -17.74 37.79 -12.35
CA SER B 328 -16.45 37.26 -12.82
C SER B 328 -15.86 38.12 -13.93
N VAL B 329 -16.71 38.61 -14.84
CA VAL B 329 -16.25 39.54 -15.86
C VAL B 329 -15.65 40.79 -15.20
N ALA B 330 -16.33 41.32 -14.19
CA ALA B 330 -15.78 42.45 -13.45
C ALA B 330 -14.47 42.09 -12.79
N ALA B 331 -14.38 40.89 -12.20
CA ALA B 331 -13.13 40.44 -11.59
C ALA B 331 -12.02 40.34 -12.64
N LEU B 332 -12.33 39.73 -13.80
CA LEU B 332 -11.34 39.62 -14.86
C LEU B 332 -10.94 41.00 -15.40
N LYS B 333 -11.92 41.91 -15.52
CA LYS B 333 -11.61 43.26 -15.97
C LYS B 333 -10.63 43.94 -15.02
N ASP B 334 -10.83 43.78 -13.70
CA ASP B 334 -9.86 44.29 -12.74
C ASP B 334 -8.51 43.57 -12.90
N PHE B 335 -8.54 42.26 -13.08
CA PHE B 335 -7.31 41.47 -13.03
C PHE B 335 -6.35 41.82 -14.16
N VAL B 336 -6.88 42.06 -15.37
CA VAL B 336 -6.02 42.28 -16.53
C VAL B 336 -5.23 43.56 -16.46
N GLY B 337 -5.51 44.43 -15.47
CA GLY B 337 -4.63 45.56 -15.22
C GLY B 337 -3.23 45.14 -14.83
N LEU B 338 -3.05 43.90 -14.41
CA LEU B 338 -1.73 43.38 -14.06
C LEU B 338 -0.81 43.27 -15.28
N TYR B 339 -1.38 43.15 -16.48
CA TYR B 339 -0.54 43.10 -17.67
C TYR B 339 0.27 44.37 -17.87
N ALA B 340 -0.20 45.50 -17.33
CA ALA B 340 0.57 46.73 -17.39
C ALA B 340 1.88 46.65 -16.60
N LYS B 341 2.06 45.61 -15.79
CA LYS B 341 3.24 45.47 -14.96
C LYS B 341 4.24 44.46 -15.49
N VAL B 342 3.89 43.70 -16.53
CA VAL B 342 4.73 42.63 -17.02
C VAL B 342 5.44 43.07 -18.29
N GLU B 343 6.57 42.43 -18.57
CA GLU B 343 7.33 42.72 -19.78
C GLU B 343 6.55 42.25 -21.00
N LYS B 344 6.47 43.11 -22.01
CA LYS B 344 5.66 42.79 -23.19
C LYS B 344 6.28 41.64 -23.98
N VAL B 345 5.43 40.68 -24.33
CA VAL B 345 5.81 39.55 -25.17
C VAL B 345 4.73 39.39 -26.23
N ALA B 346 5.13 39.44 -27.50
CA ALA B 346 4.16 39.39 -28.58
C ALA B 346 3.42 38.05 -28.58
N GLY B 347 2.11 38.12 -28.75
CA GLY B 347 1.27 36.94 -28.70
C GLY B 347 0.98 36.43 -27.31
N ALA B 348 1.45 37.11 -26.27
CA ALA B 348 1.29 36.62 -24.90
C ALA B 348 0.72 37.70 -23.99
N THR B 349 1.38 38.84 -23.91
CA THR B 349 0.98 39.90 -23.00
C THR B 349 0.52 41.17 -23.72
N ASP B 350 0.58 41.20 -25.04
CA ASP B 350 -0.03 42.31 -25.78
C ASP B 350 -1.54 42.08 -25.90
N ARG B 351 -2.23 43.07 -26.45
CA ARG B 351 -3.68 43.01 -26.53
C ARG B 351 -4.15 41.76 -27.27
N ALA B 352 -3.50 41.44 -28.39
CA ALA B 352 -3.87 40.23 -29.14
C ALA B 352 -3.70 38.99 -28.27
N GLY B 353 -2.58 38.88 -27.56
CA GLY B 353 -2.37 37.72 -26.70
C GLY B 353 -3.42 37.60 -25.61
N VAL B 354 -3.67 38.70 -24.89
CA VAL B 354 -4.69 38.70 -23.85
C VAL B 354 -6.06 38.40 -24.44
N SER B 355 -6.33 38.93 -25.63
CA SER B 355 -7.63 38.69 -26.28
C SER B 355 -7.83 37.21 -26.57
N GLU B 356 -6.80 36.53 -27.07
CA GLU B 356 -6.91 35.11 -27.35
C GLU B 356 -7.03 34.29 -26.06
N ALA B 357 -6.43 34.76 -24.96
CA ALA B 357 -6.57 34.06 -23.70
C ALA B 357 -8.01 34.15 -23.19
N LEU B 358 -8.58 35.36 -23.19
CA LEU B 358 -9.97 35.52 -22.78
C LEU B 358 -10.91 34.78 -23.73
N GLN B 359 -10.55 34.66 -25.01
CA GLN B 359 -11.38 33.89 -25.94
C GLN B 359 -11.37 32.41 -25.59
N ARG B 360 -10.22 31.89 -25.15
CA ARG B 360 -10.16 30.50 -24.69
C ARG B 360 -10.99 30.31 -23.43
N VAL B 361 -10.81 31.18 -22.44
CA VAL B 361 -11.49 31.01 -21.16
C VAL B 361 -13.00 31.09 -21.33
N PHE B 362 -13.48 32.13 -22.03
CA PHE B 362 -14.92 32.27 -22.22
C PHE B 362 -15.44 31.25 -23.23
N GLY B 363 -14.64 30.94 -24.26
CA GLY B 363 -15.05 29.93 -25.22
C GLY B 363 -15.14 28.54 -24.60
N ASP B 364 -14.11 28.15 -23.85
CA ASP B 364 -14.18 26.86 -23.14
C ASP B 364 -15.37 26.84 -22.18
N TRP B 365 -15.59 27.93 -21.46
CA TRP B 365 -16.68 27.98 -20.49
C TRP B 365 -18.03 27.80 -21.17
N LYS B 366 -18.24 28.46 -22.31
CA LYS B 366 -19.50 28.33 -23.02
C LYS B 366 -19.76 26.87 -23.38
N ILE B 367 -18.74 26.18 -23.89
CA ILE B 367 -18.87 24.78 -24.25
C ILE B 367 -19.09 23.92 -23.01
N ASP B 368 -18.32 24.16 -21.94
CA ASP B 368 -18.32 23.25 -20.80
C ASP B 368 -19.53 23.45 -19.90
N TYR B 369 -20.05 24.66 -19.81
CA TYR B 369 -21.09 24.93 -18.83
C TYR B 369 -22.30 25.65 -19.40
N ALA B 370 -22.06 26.75 -20.11
CA ALA B 370 -23.18 27.59 -20.58
C ALA B 370 -24.09 26.82 -21.52
N ASP B 371 -23.50 26.16 -22.54
CA ASP B 371 -24.32 25.44 -23.51
C ASP B 371 -25.12 24.31 -22.87
N LYS B 372 -24.63 23.77 -21.75
CA LYS B 372 -25.24 22.58 -21.16
C LYS B 372 -26.43 22.90 -20.25
N ILE B 373 -26.61 24.17 -19.87
CA ILE B 373 -27.77 24.58 -19.08
C ILE B 373 -28.65 25.55 -19.84
N GLY B 374 -28.36 25.80 -21.11
CA GLY B 374 -29.17 26.70 -21.91
C GLY B 374 -28.94 28.17 -21.69
N PHE B 375 -27.77 28.56 -21.18
CA PHE B 375 -27.46 29.97 -20.92
C PHE B 375 -26.81 30.56 -22.16
N ARG B 376 -27.49 31.51 -22.80
CA ARG B 376 -26.93 32.18 -23.96
C ARG B 376 -25.82 33.14 -23.54
N VAL B 377 -24.73 33.15 -24.29
CA VAL B 377 -23.61 34.02 -23.96
C VAL B 377 -22.87 34.41 -25.24
N ASP B 378 -22.62 35.71 -25.38
CA ASP B 378 -21.81 36.23 -26.47
C ASP B 378 -20.36 36.31 -25.99
N VAL B 379 -19.52 35.40 -26.48
CA VAL B 379 -18.14 35.33 -25.99
C VAL B 379 -17.39 36.61 -26.31
N ASP B 380 -17.49 37.08 -27.56
CA ASP B 380 -16.79 38.31 -27.95
C ASP B 380 -17.24 39.50 -27.11
N GLN B 381 -18.50 39.51 -26.69
CA GLN B 381 -18.97 40.59 -25.82
C GLN B 381 -18.29 40.50 -24.46
N LYS B 382 -18.12 39.29 -23.93
CA LYS B 382 -17.44 39.15 -22.65
C LYS B 382 -15.94 39.42 -22.79
N VAL B 383 -15.34 39.05 -23.92
CA VAL B 383 -13.93 39.34 -24.13
C VAL B 383 -13.71 40.84 -24.19
N ASP B 384 -14.54 41.53 -24.98
CA ASP B 384 -14.39 42.98 -25.11
C ASP B 384 -14.72 43.71 -23.82
N ALA B 385 -15.63 43.17 -23.00
CA ALA B 385 -15.89 43.77 -21.70
C ALA B 385 -14.66 43.70 -20.79
N VAL B 386 -13.95 42.58 -20.80
CA VAL B 386 -12.74 42.46 -19.99
C VAL B 386 -11.63 43.35 -20.55
N LEU B 387 -11.47 43.36 -21.87
CA LEU B 387 -10.39 44.15 -22.48
C LEU B 387 -10.53 45.63 -22.20
N ALA B 388 -11.72 46.08 -21.81
CA ALA B 388 -11.89 47.46 -21.38
C ALA B 388 -10.98 47.81 -20.20
N GLY B 389 -10.58 46.80 -19.42
CA GLY B 389 -9.65 46.99 -18.32
C GLY B 389 -8.19 46.79 -18.67
N TYR B 390 -7.89 46.57 -19.94
CA TYR B 390 -6.52 46.33 -20.37
C TYR B 390 -5.89 47.64 -20.85
N LYS B 391 -4.75 47.99 -20.27
CA LYS B 391 -4.04 49.21 -20.63
C LYS B 391 -3.21 48.97 -21.89
N ASN B 392 -3.59 49.62 -22.99
CA ASN B 392 -2.93 49.41 -24.28
C ASN B 392 -1.49 49.90 -24.30
N ALA C 1 -56.36 3.76 13.81
CA ALA C 1 -56.91 2.43 13.61
C ALA C 1 -55.91 1.53 12.89
N LYS C 2 -56.08 1.36 11.59
CA LYS C 2 -55.19 0.54 10.77
C LYS C 2 -54.51 1.45 9.75
N ARG C 3 -53.21 1.65 9.90
CA ARG C 3 -52.46 2.45 8.95
C ARG C 3 -52.36 1.73 7.60
N GLU C 4 -52.34 2.51 6.53
CA GLU C 4 -52.05 2.00 5.20
C GLU C 4 -50.54 1.82 5.05
N PRO C 5 -50.06 1.33 3.91
CA PRO C 5 -48.61 1.24 3.70
C PRO C 5 -47.93 2.60 3.80
N ILE C 6 -46.63 2.55 4.11
CA ILE C 6 -45.88 3.75 4.46
C ILE C 6 -45.79 4.71 3.27
N HIS C 7 -45.34 4.22 2.13
CA HIS C 7 -44.85 5.08 1.06
C HIS C 7 -45.86 5.29 -0.07
N ASP C 8 -46.91 4.48 -0.13
CA ASP C 8 -47.93 4.62 -1.17
C ASP C 8 -49.28 4.27 -0.53
N ASN C 9 -50.12 5.29 -0.33
CA ASN C 9 -51.38 5.06 0.35
C ASN C 9 -52.43 6.06 -0.17
N SER C 10 -53.67 5.87 0.29
CA SER C 10 -54.77 6.66 -0.26
C SER C 10 -54.72 8.10 0.22
N ILE C 11 -54.14 8.36 1.38
CA ILE C 11 -54.05 9.74 1.87
C ILE C 11 -53.10 10.55 1.00
N ARG C 12 -51.93 9.98 0.68
CA ARG C 12 -50.97 10.70 -0.15
C ARG C 12 -51.51 10.85 -1.58
N THR C 13 -52.07 9.78 -2.12
CA THR C 13 -52.67 9.84 -3.46
C THR C 13 -53.72 10.93 -3.55
N GLU C 14 -54.63 10.97 -2.57
CA GLU C 14 -55.71 11.96 -2.60
C GLU C 14 -55.16 13.37 -2.55
N TRP C 15 -54.15 13.60 -1.71
CA TRP C 15 -53.58 14.94 -1.61
C TRP C 15 -52.81 15.35 -2.85
N GLU C 16 -52.16 14.40 -3.52
CA GLU C 16 -51.50 14.72 -4.78
C GLU C 16 -52.52 15.13 -5.84
N ALA C 17 -53.75 14.63 -5.75
CA ALA C 17 -54.79 15.07 -6.68
C ALA C 17 -55.22 16.50 -6.39
N LYS C 18 -55.31 16.89 -5.12
CA LYS C 18 -55.61 18.27 -4.79
C LYS C 18 -54.51 19.20 -5.27
N ILE C 19 -53.25 18.80 -5.08
CA ILE C 19 -52.12 19.65 -5.42
C ILE C 19 -52.04 19.87 -6.92
N ALA C 20 -52.32 18.83 -7.71
CA ALA C 20 -52.20 18.94 -9.16
C ALA C 20 -53.16 19.98 -9.73
N LYS C 21 -54.18 20.40 -8.99
CA LYS C 21 -55.15 21.35 -9.48
C LYS C 21 -54.77 22.80 -9.22
N LEU C 22 -53.67 23.04 -8.50
CA LEU C 22 -53.21 24.41 -8.30
C LEU C 22 -52.65 24.96 -9.61
N THR C 23 -53.01 26.21 -9.91
CA THR C 23 -52.69 26.79 -11.21
C THR C 23 -51.96 28.12 -11.14
N SER C 24 -51.92 28.79 -9.99
CA SER C 24 -51.25 30.07 -9.88
C SER C 24 -50.39 30.11 -8.62
N VAL C 25 -49.47 31.08 -8.60
CA VAL C 25 -48.57 31.23 -7.45
C VAL C 25 -49.36 31.66 -6.22
N ASP C 26 -50.26 32.63 -6.37
CA ASP C 26 -51.06 33.08 -5.23
C ASP C 26 -51.86 31.94 -4.63
N GLN C 27 -52.40 31.07 -5.48
CA GLN C 27 -53.25 29.99 -5.01
C GLN C 27 -52.46 28.93 -4.26
N ALA C 28 -51.29 28.55 -4.79
CA ALA C 28 -50.48 27.54 -4.12
C ALA C 28 -49.81 28.10 -2.88
N THR C 29 -49.60 29.41 -2.81
CA THR C 29 -49.04 30.01 -1.59
C THR C 29 -50.02 29.93 -0.43
N LYS C 30 -51.27 30.31 -0.66
CA LYS C 30 -52.30 30.19 0.37
C LYS C 30 -52.52 28.73 0.74
N PHE C 31 -52.47 27.85 -0.26
CA PHE C 31 -52.57 26.41 -0.04
C PHE C 31 -51.47 25.93 0.92
N ILE C 32 -50.21 26.31 0.65
CA ILE C 32 -49.11 25.76 1.44
C ILE C 32 -49.07 26.41 2.82
N GLN C 33 -49.42 27.70 2.90
CA GLN C 33 -49.48 28.36 4.20
C GLN C 33 -50.57 27.77 5.08
N ASP C 34 -51.77 27.58 4.51
CA ASP C 34 -52.85 26.99 5.28
C ASP C 34 -52.51 25.56 5.71
N PHE C 35 -51.88 24.79 4.82
CA PHE C 35 -51.51 23.42 5.13
C PHE C 35 -50.53 23.36 6.30
N ARG C 36 -49.47 24.17 6.24
CA ARG C 36 -48.47 24.15 7.29
C ARG C 36 -49.04 24.62 8.62
N LEU C 37 -49.95 25.59 8.59
CA LEU C 37 -50.65 25.99 9.81
C LEU C 37 -51.53 24.87 10.34
N ALA C 38 -52.17 24.12 9.44
CA ALA C 38 -53.10 23.08 9.88
C ALA C 38 -52.38 21.84 10.38
N TYR C 39 -51.26 21.47 9.77
CA TYR C 39 -50.73 20.12 9.91
C TYR C 39 -49.29 19.99 10.38
N THR C 40 -48.56 21.09 10.61
CA THR C 40 -47.17 20.98 11.04
C THR C 40 -46.98 21.66 12.39
N SER C 41 -45.89 21.26 13.08
CA SER C 41 -45.41 21.81 14.34
C SER C 41 -46.24 21.33 15.52
N PRO C 42 -45.79 21.54 16.76
CA PRO C 42 -46.62 21.15 17.92
C PRO C 42 -47.89 21.95 18.06
N PHE C 43 -48.03 23.08 17.35
CA PHE C 43 -49.24 23.89 17.41
C PHE C 43 -50.10 23.70 16.17
N ARG C 44 -49.91 22.61 15.44
CA ARG C 44 -50.77 22.31 14.31
C ARG C 44 -52.21 22.18 14.75
N LYS C 45 -53.12 22.29 13.80
CA LYS C 45 -54.53 22.19 14.15
C LYS C 45 -55.03 20.76 14.15
N SER C 46 -54.34 19.84 13.47
CA SER C 46 -54.83 18.48 13.31
C SER C 46 -53.68 17.50 13.09
N TYR C 47 -53.75 16.36 13.78
CA TYR C 47 -52.83 15.25 13.57
C TYR C 47 -53.42 14.16 12.68
N ASP C 48 -54.44 14.50 11.89
CA ASP C 48 -55.16 13.49 11.11
C ASP C 48 -54.32 12.89 9.99
N ILE C 49 -53.31 13.61 9.49
CA ILE C 49 -52.44 13.06 8.46
C ILE C 49 -51.00 13.06 8.96
N ASP C 50 -50.81 12.61 10.20
CA ASP C 50 -49.52 12.77 10.88
C ASP C 50 -48.39 12.04 10.14
N VAL C 51 -48.60 10.77 9.78
CA VAL C 51 -47.55 9.99 9.14
C VAL C 51 -47.42 10.28 7.65
N ASP C 52 -48.18 11.24 7.12
CA ASP C 52 -48.12 11.57 5.70
C ASP C 52 -47.85 13.04 5.41
N TYR C 53 -48.01 13.93 6.39
CA TYR C 53 -48.00 15.37 6.07
C TYR C 53 -46.65 15.84 5.55
N GLN C 54 -45.56 15.23 6.01
CA GLN C 54 -44.24 15.66 5.57
C GLN C 54 -44.02 15.33 4.09
N TYR C 55 -44.41 14.14 3.66
CA TYR C 55 -44.37 13.84 2.23
C TYR C 55 -45.29 14.76 1.45
N ILE C 56 -46.51 14.97 1.96
CA ILE C 56 -47.48 15.81 1.26
C ILE C 56 -46.94 17.24 1.14
N GLU C 57 -46.32 17.74 2.21
CA GLU C 57 -45.75 19.08 2.17
C GLU C 57 -44.65 19.19 1.12
N ARG C 58 -43.82 18.14 1.00
CA ARG C 58 -42.82 18.09 -0.06
C ARG C 58 -43.47 18.30 -1.43
N LYS C 59 -44.61 17.66 -1.66
CA LYS C 59 -45.24 17.74 -2.98
C LYS C 59 -45.87 19.12 -3.22
N ILE C 60 -46.38 19.77 -2.17
CA ILE C 60 -46.87 21.14 -2.34
C ILE C 60 -45.71 22.07 -2.66
N GLU C 61 -44.61 21.96 -1.93
CA GLU C 61 -43.42 22.74 -2.21
C GLU C 61 -43.02 22.61 -3.67
N GLU C 62 -43.02 21.38 -4.19
CA GLU C 62 -42.62 21.15 -5.57
C GLU C 62 -43.56 21.85 -6.54
N LYS C 63 -44.87 21.83 -6.26
CA LYS C 63 -45.83 22.49 -7.14
C LYS C 63 -45.62 24.00 -7.10
N LEU C 64 -45.58 24.58 -5.91
CA LEU C 64 -45.35 26.02 -5.80
C LEU C 64 -44.07 26.43 -6.51
N SER C 65 -43.01 25.63 -6.38
CA SER C 65 -41.72 26.04 -6.92
C SER C 65 -41.74 26.05 -8.44
N VAL C 66 -42.31 25.02 -9.07
CA VAL C 66 -42.41 25.02 -10.53
C VAL C 66 -43.30 26.17 -10.99
N LEU C 67 -44.39 26.42 -10.26
CA LEU C 67 -45.25 27.54 -10.62
C LEU C 67 -44.52 28.86 -10.50
N LYS C 68 -43.59 28.97 -9.54
CA LYS C 68 -42.80 30.19 -9.42
C LYS C 68 -41.93 30.40 -10.65
N THR C 69 -41.22 29.36 -11.09
CA THR C 69 -40.30 29.52 -12.21
C THR C 69 -41.04 29.75 -13.52
N GLU C 70 -42.26 29.20 -13.63
CA GLU C 70 -43.04 29.35 -14.85
C GLU C 70 -43.65 30.74 -14.96
N LYS C 71 -44.13 31.30 -13.85
CA LYS C 71 -44.99 32.47 -13.88
C LYS C 71 -44.32 33.77 -13.45
N LEU C 72 -43.23 33.69 -12.64
CA LEU C 72 -42.67 34.89 -12.01
C LEU C 72 -41.42 35.36 -12.75
N PRO C 73 -41.20 36.67 -12.76
CA PRO C 73 -39.91 37.19 -13.25
C PRO C 73 -38.79 36.81 -12.31
N VAL C 74 -37.58 36.73 -12.88
CA VAL C 74 -36.43 36.22 -12.13
C VAL C 74 -36.17 37.07 -10.89
N ALA C 75 -36.33 38.39 -11.00
CA ALA C 75 -36.09 39.27 -9.86
C ALA C 75 -36.99 38.92 -8.68
N ASP C 76 -38.21 38.45 -8.94
CA ASP C 76 -39.10 38.06 -7.86
C ASP C 76 -38.63 36.80 -7.16
N LEU C 77 -38.03 35.87 -7.90
CA LEU C 77 -37.45 34.67 -7.29
C LEU C 77 -36.37 35.01 -6.27
N ILE C 78 -35.66 36.11 -6.49
CA ILE C 78 -34.53 36.45 -5.64
C ILE C 78 -34.93 37.38 -4.50
N THR C 79 -35.86 38.33 -4.73
CA THR C 79 -36.06 39.42 -3.79
C THR C 79 -37.42 39.46 -3.11
N LYS C 80 -38.37 38.60 -3.50
CA LYS C 80 -39.73 38.68 -2.95
C LYS C 80 -40.19 37.33 -2.44
N ALA C 81 -41.04 37.37 -1.42
CA ALA C 81 -41.83 36.21 -1.05
C ALA C 81 -42.98 36.03 -2.04
N THR C 82 -43.50 34.80 -2.12
CA THR C 82 -44.61 34.56 -3.01
C THR C 82 -45.91 35.18 -2.50
N THR C 83 -45.90 35.73 -1.28
CA THR C 83 -46.99 36.56 -0.81
C THR C 83 -47.01 37.93 -1.48
N GLY C 84 -45.95 38.28 -2.22
CA GLY C 84 -45.79 39.60 -2.76
C GLY C 84 -44.93 40.52 -1.91
N GLU C 85 -44.66 40.13 -0.66
CA GLU C 85 -43.88 40.96 0.24
C GLU C 85 -42.41 41.00 -0.16
N ASP C 86 -41.74 42.09 0.19
CA ASP C 86 -40.30 42.19 0.02
C ASP C 86 -39.61 41.25 1.00
N ALA C 87 -38.75 40.37 0.48
CA ALA C 87 -38.15 39.34 1.31
C ALA C 87 -37.32 39.94 2.44
N ALA C 88 -36.59 41.02 2.15
CA ALA C 88 -35.77 41.64 3.19
C ALA C 88 -36.63 42.28 4.27
N ALA C 89 -37.82 42.76 3.91
CA ALA C 89 -38.72 43.31 4.91
C ALA C 89 -39.26 42.21 5.81
N VAL C 90 -39.57 41.05 5.23
CA VAL C 90 -40.00 39.90 6.02
C VAL C 90 -38.95 39.55 7.06
N GLU C 91 -37.68 39.52 6.66
CA GLU C 91 -36.60 39.18 7.57
C GLU C 91 -36.53 40.16 8.73
N ALA C 92 -36.52 41.47 8.42
CA ALA C 92 -36.40 42.47 9.48
C ALA C 92 -37.59 42.44 10.42
N THR C 93 -38.79 42.21 9.88
CA THR C 93 -39.99 42.19 10.69
C THR C 93 -39.94 41.06 11.73
N TRP C 94 -39.56 39.86 11.29
CA TRP C 94 -39.65 38.71 12.18
C TRP C 94 -38.48 38.63 13.16
N ILE C 95 -37.30 39.11 12.76
CA ILE C 95 -36.19 39.20 13.71
C ILE C 95 -36.56 40.13 14.86
N ALA C 96 -37.03 41.34 14.52
CA ALA C 96 -37.44 42.28 15.55
C ALA C 96 -38.59 41.73 16.38
N LYS C 97 -39.45 40.93 15.77
CA LYS C 97 -40.55 40.31 16.49
C LYS C 97 -40.04 39.42 17.62
N ILE C 98 -39.07 38.56 17.32
CA ILE C 98 -38.62 37.61 18.34
C ILE C 98 -37.70 38.29 19.34
N LYS C 99 -36.95 39.32 18.94
CA LYS C 99 -36.13 40.04 19.90
C LYS C 99 -36.98 40.81 20.89
N ALA C 100 -38.24 41.11 20.55
CA ALA C 100 -39.18 41.74 21.47
C ALA C 100 -39.94 40.73 22.32
N ALA C 101 -39.68 39.44 22.16
CA ALA C 101 -40.42 38.43 22.91
C ALA C 101 -40.06 38.50 24.39
N LYS C 102 -41.08 38.39 25.23
CA LYS C 102 -40.91 38.54 26.67
C LYS C 102 -40.63 37.23 27.39
N SER C 103 -40.91 36.09 26.76
CA SER C 103 -40.63 34.81 27.37
C SER C 103 -40.28 33.80 26.29
N LYS C 104 -39.70 32.67 26.71
CA LYS C 104 -39.40 31.60 25.77
C LYS C 104 -40.65 31.06 25.10
N TYR C 105 -41.81 31.20 25.75
CA TYR C 105 -43.04 30.72 25.16
C TYR C 105 -43.54 31.65 24.04
N GLU C 106 -43.34 32.95 24.21
CA GLU C 106 -43.63 33.86 23.10
C GLU C 106 -42.63 33.67 21.97
N ALA C 107 -41.33 33.57 22.30
CA ALA C 107 -40.31 33.43 21.27
C ALA C 107 -40.47 32.15 20.47
N GLU C 108 -40.79 31.03 21.15
CA GLU C 108 -40.93 29.77 20.43
C GLU C 108 -42.07 29.81 19.42
N ARG C 109 -43.20 30.42 19.80
CA ARG C 109 -44.33 30.48 18.88
C ARG C 109 -44.05 31.43 17.72
N ILE C 110 -43.23 32.46 17.95
CA ILE C 110 -42.83 33.34 16.85
C ILE C 110 -41.97 32.58 15.84
N HIS C 111 -40.99 31.81 16.33
CA HIS C 111 -40.13 31.07 15.43
C HIS C 111 -40.91 30.00 14.67
N ILE C 112 -41.74 29.24 15.39
CA ILE C 112 -42.53 28.18 14.76
C ILE C 112 -43.46 28.74 13.69
N GLU C 113 -44.12 29.87 13.99
CA GLU C 113 -45.07 30.43 13.05
C GLU C 113 -44.35 31.05 11.85
N PHE C 114 -43.17 31.63 12.06
CA PHE C 114 -42.40 32.13 10.92
C PHE C 114 -42.12 31.02 9.91
N ARG C 115 -41.77 29.82 10.41
CA ARG C 115 -41.50 28.70 9.51
C ARG C 115 -42.77 28.22 8.83
N GLN C 116 -43.89 28.18 9.56
CA GLN C 116 -45.16 27.78 8.94
C GLN C 116 -45.53 28.71 7.78
N LEU C 117 -45.28 30.01 7.94
CA LEU C 117 -45.71 30.98 6.95
C LEU C 117 -44.72 31.17 5.81
N TYR C 118 -43.41 31.12 6.09
CA TYR C 118 -42.42 31.55 5.12
C TYR C 118 -41.41 30.49 4.72
N LYS C 119 -41.57 29.25 5.14
CA LYS C 119 -40.69 28.17 4.70
C LYS C 119 -40.67 28.13 3.17
N PRO C 120 -39.50 28.01 2.55
CA PRO C 120 -39.42 27.93 1.09
C PRO C 120 -40.36 26.86 0.55
N PRO C 121 -40.93 27.05 -0.65
CA PRO C 121 -40.61 28.11 -1.61
C PRO C 121 -41.28 29.49 -1.38
N VAL C 122 -41.93 29.71 -0.24
CA VAL C 122 -42.58 31.00 -0.02
C VAL C 122 -41.53 32.10 0.07
N LEU C 123 -40.62 31.99 1.02
CA LEU C 123 -39.52 32.94 1.07
C LEU C 123 -38.33 32.40 0.30
N PRO C 124 -37.55 33.26 -0.36
CA PRO C 124 -36.33 32.79 -1.03
C PRO C 124 -35.39 32.11 -0.04
N VAL C 125 -34.73 31.04 -0.50
CA VAL C 125 -33.99 30.16 0.39
C VAL C 125 -32.93 30.94 1.19
N ASN C 126 -32.14 31.77 0.51
CA ASN C 126 -31.07 32.48 1.18
C ASN C 126 -31.59 33.38 2.29
N VAL C 127 -32.67 34.13 2.02
CA VAL C 127 -33.24 35.00 3.05
C VAL C 127 -33.84 34.18 4.18
N PHE C 128 -34.50 33.07 3.83
CA PHE C 128 -35.13 32.23 4.85
C PHE C 128 -34.08 31.67 5.81
N LEU C 129 -32.98 31.15 5.26
CA LEU C 129 -32.00 30.45 6.09
C LEU C 129 -31.33 31.38 7.09
N ARG C 130 -31.00 32.61 6.68
CA ARG C 130 -30.38 33.53 7.62
C ARG C 130 -31.39 34.08 8.62
N THR C 131 -32.65 34.23 8.22
CA THR C 131 -33.69 34.63 9.18
C THR C 131 -33.93 33.53 10.21
N ASP C 132 -34.14 32.30 9.74
CA ASP C 132 -34.30 31.16 10.63
C ASP C 132 -33.10 30.99 11.57
N ALA C 133 -31.90 31.32 11.10
CA ALA C 133 -30.73 31.24 11.96
C ALA C 133 -30.76 32.32 13.05
N ALA C 134 -31.06 33.56 12.65
CA ALA C 134 -31.13 34.64 13.64
C ALA C 134 -32.20 34.33 14.69
N LEU C 135 -33.33 33.80 14.27
CA LEU C 135 -34.41 33.48 15.21
C LEU C 135 -33.99 32.37 16.16
N GLY C 136 -33.40 31.31 15.63
CA GLY C 136 -32.96 30.20 16.48
C GLY C 136 -31.95 30.62 17.53
N THR C 137 -31.08 31.58 17.18
CA THR C 137 -30.13 32.10 18.15
C THR C 137 -30.85 32.71 19.35
N VAL C 138 -31.88 33.53 19.08
CA VAL C 138 -32.64 34.15 20.15
C VAL C 138 -33.39 33.10 20.96
N LEU C 139 -34.06 32.17 20.27
CA LEU C 139 -34.82 31.14 20.97
C LEU C 139 -33.92 30.25 21.83
N MET C 140 -32.73 29.91 21.31
CA MET C 140 -31.81 29.07 22.09
C MET C 140 -31.35 29.77 23.35
N GLU C 141 -30.98 31.05 23.24
CA GLU C 141 -30.41 31.75 24.39
C GLU C 141 -31.45 31.94 25.49
N ILE C 142 -32.70 32.20 25.14
CA ILE C 142 -33.71 32.41 26.17
C ILE C 142 -34.16 31.09 26.78
N ARG C 143 -34.13 30.00 26.01
CA ARG C 143 -34.47 28.69 26.56
C ARG C 143 -33.37 28.14 27.46
N ASN C 144 -32.11 28.49 27.19
CA ASN C 144 -30.99 27.99 27.97
C ASN C 144 -30.59 28.95 29.07
N THR C 145 -31.43 29.93 29.39
CA THR C 145 -31.28 30.74 30.60
C THR C 145 -31.98 30.01 31.74
N ASP C 146 -31.20 29.57 32.73
CA ASP C 146 -31.73 28.85 33.88
C ASP C 146 -32.54 27.63 33.43
N TYR C 147 -31.87 26.76 32.69
CA TYR C 147 -32.55 25.65 32.02
C TYR C 147 -33.17 24.67 33.00
N TYR C 148 -32.54 24.48 34.16
CA TYR C 148 -33.03 23.55 35.17
C TYR C 148 -33.78 24.25 36.30
N GLY C 149 -34.08 25.55 36.15
CA GLY C 149 -34.61 26.32 37.25
C GLY C 149 -36.05 26.01 37.59
N THR C 150 -36.84 25.53 36.63
CA THR C 150 -38.25 25.26 36.89
C THR C 150 -38.47 23.77 37.10
N PRO C 151 -39.08 23.34 38.20
CA PRO C 151 -39.33 21.91 38.40
C PRO C 151 -40.24 21.36 37.31
N LEU C 152 -40.13 20.05 37.09
CA LEU C 152 -40.94 19.39 36.06
C LEU C 152 -42.42 19.66 36.28
N GLU C 153 -42.86 19.63 37.54
CA GLU C 153 -44.27 19.94 37.84
C GLU C 153 -44.64 21.33 37.35
N GLY C 154 -43.74 22.30 37.51
CA GLY C 154 -44.01 23.64 37.01
C GLY C 154 -43.95 23.73 35.50
N LEU C 155 -42.97 23.06 34.89
CA LEU C 155 -42.89 23.03 33.43
C LEU C 155 -44.14 22.43 32.82
N ARG C 156 -44.67 21.37 33.44
CA ARG C 156 -45.90 20.75 32.93
C ARG C 156 -47.05 21.75 32.90
N LYS C 157 -47.11 22.63 33.91
CA LYS C 157 -48.18 23.63 33.94
C LYS C 157 -47.95 24.72 32.88
N GLU C 158 -46.72 25.23 32.79
CA GLU C 158 -46.43 26.27 31.83
C GLU C 158 -46.64 25.79 30.40
N ARG C 159 -46.33 24.52 30.13
CA ARG C 159 -46.54 23.98 28.79
C ARG C 159 -48.02 23.79 28.51
N GLY C 160 -48.81 23.48 29.54
CA GLY C 160 -50.22 23.26 29.37
C GLY C 160 -50.62 21.86 29.00
N VAL C 161 -49.79 20.86 29.32
CA VAL C 161 -50.13 19.48 28.99
C VAL C 161 -51.27 19.01 29.89
N LYS C 162 -52.05 18.07 29.38
CA LYS C 162 -52.92 17.25 30.20
C LYS C 162 -52.11 16.04 30.64
N VAL C 163 -51.77 15.98 31.92
CA VAL C 163 -50.99 14.86 32.44
C VAL C 163 -51.91 13.65 32.49
N LEU C 164 -51.64 12.66 31.63
CA LEU C 164 -52.49 11.48 31.57
C LEU C 164 -52.01 10.35 32.47
N HIS C 165 -50.72 10.31 32.80
CA HIS C 165 -50.19 9.25 33.67
C HIS C 165 -48.81 9.63 34.16
N LEU C 166 -48.57 9.37 35.45
CA LEU C 166 -47.26 9.50 36.07
C LEU C 166 -46.98 8.23 36.85
N GLN C 167 -45.95 7.49 36.44
CA GLN C 167 -45.60 6.26 37.12
C GLN C 167 -45.07 6.55 38.52
N ALA C 168 -45.44 5.71 39.47
CA ALA C 168 -44.96 5.84 40.85
C ALA C 168 -43.63 5.14 41.05
N ALA D 2 0.29 -0.01 40.58
CA ALA D 2 -0.83 -0.95 40.58
C ALA D 2 -2.14 -0.21 40.51
N HIS D 3 -2.15 1.06 40.94
CA HIS D 3 -3.36 1.86 40.87
C HIS D 3 -3.73 2.24 39.44
N ASN D 4 -2.84 2.03 38.48
CA ASN D 4 -3.11 2.32 37.07
C ASN D 4 -3.50 1.09 36.28
N ALA D 5 -3.63 -0.07 36.93
CA ALA D 5 -4.04 -1.28 36.24
C ALA D 5 -5.46 -1.15 35.71
N TYR D 6 -5.74 -1.84 34.61
CA TYR D 6 -7.08 -1.85 34.04
C TYR D 6 -8.11 -2.34 35.05
N ASN D 7 -7.77 -3.36 35.84
CA ASN D 7 -8.66 -3.93 36.83
C ASN D 7 -8.33 -3.47 38.25
N ALA D 8 -7.86 -2.23 38.41
CA ALA D 8 -7.54 -1.70 39.71
C ALA D 8 -8.82 -1.31 40.47
N GLY D 9 -8.67 -1.19 41.79
CA GLY D 9 -9.75 -0.66 42.61
C GLY D 9 -11.01 -1.51 42.55
N ILE D 10 -12.13 -0.85 42.22
CA ILE D 10 -13.43 -1.52 42.22
C ILE D 10 -13.50 -2.62 41.18
N MET D 11 -12.68 -2.56 40.14
CA MET D 11 -12.69 -3.55 39.09
C MET D 11 -12.25 -4.93 39.57
N GLN D 12 -11.62 -5.02 40.74
CA GLN D 12 -11.30 -6.32 41.33
C GLN D 12 -12.54 -7.00 41.88
N CYS D 13 -13.56 -6.23 42.24
CA CYS D 13 -14.77 -6.79 42.84
C CYS D 13 -15.62 -7.47 41.77
N THR D 14 -16.40 -8.45 42.21
CA THR D 14 -17.37 -9.12 41.35
C THR D 14 -18.69 -9.28 42.10
N GLY D 15 -19.74 -9.59 41.34
CA GLY D 15 -21.02 -9.89 41.96
C GLY D 15 -21.52 -8.75 42.81
N LYS D 16 -22.08 -9.10 43.98
CA LYS D 16 -22.65 -8.10 44.87
C LYS D 16 -21.61 -7.10 45.36
N ALA D 17 -20.37 -7.55 45.56
CA ALA D 17 -19.32 -6.66 46.05
C ALA D 17 -19.06 -5.54 45.05
N PHE D 18 -19.10 -5.83 43.75
CA PHE D 18 -18.95 -4.76 42.77
C PHE D 18 -20.15 -3.81 42.81
N ALA D 19 -21.36 -4.36 42.85
CA ALA D 19 -22.57 -3.53 42.83
C ALA D 19 -22.58 -2.56 44.01
N ASP D 20 -22.14 -3.02 45.18
CA ASP D 20 -22.13 -2.16 46.37
C ASP D 20 -21.15 -0.99 46.20
N GLU D 21 -19.97 -1.26 45.64
CA GLU D 21 -19.05 -0.17 45.34
C GLU D 21 -19.58 0.71 44.22
N PHE D 22 -20.09 0.09 43.15
CA PHE D 22 -20.52 0.83 41.97
C PHE D 22 -21.64 1.81 42.32
N PHE D 23 -22.55 1.41 43.20
CA PHE D 23 -23.69 2.24 43.59
C PHE D 23 -23.47 2.99 44.89
N ALA D 24 -22.25 2.96 45.44
CA ALA D 24 -21.96 3.72 46.65
C ALA D 24 -22.21 5.21 46.42
N GLU D 25 -22.52 5.92 47.51
CA GLU D 25 -22.92 7.31 47.39
C GLU D 25 -21.77 8.19 46.89
N GLU D 26 -20.55 7.97 47.41
CA GLU D 26 -19.43 8.81 47.00
C GLU D 26 -19.06 8.60 45.54
N ASN D 27 -19.53 7.54 44.90
CA ASN D 27 -19.18 7.23 43.52
C ASN D 27 -20.28 7.61 42.54
N GLN D 28 -21.17 8.54 42.91
CA GLN D 28 -22.17 9.06 41.99
C GLN D 28 -21.75 10.40 41.40
N VAL D 29 -20.55 10.87 41.71
CA VAL D 29 -19.92 12.01 41.05
C VAL D 29 -18.56 11.59 40.57
N VAL D 30 -18.08 12.23 39.50
CA VAL D 30 -16.77 11.89 38.97
C VAL D 30 -15.68 12.31 39.96
N HIS D 31 -14.53 11.66 39.86
CA HIS D 31 -13.38 11.94 40.71
C HIS D 31 -12.19 12.27 39.83
N GLU D 32 -11.66 13.49 40.00
CA GLU D 32 -10.48 13.91 39.26
C GLU D 32 -9.38 12.87 39.32
N SER D 33 -8.84 12.54 38.15
CA SER D 33 -7.73 11.62 38.02
C SER D 33 -6.55 12.36 37.40
N ASN D 34 -5.34 12.06 37.88
CA ASN D 34 -4.13 12.62 37.33
C ASN D 34 -3.52 11.74 36.24
N ALA D 35 -4.26 10.76 35.74
CA ALA D 35 -3.71 9.77 34.84
C ALA D 35 -3.95 10.16 33.38
N VAL D 36 -3.26 9.44 32.49
CA VAL D 36 -3.54 9.46 31.06
C VAL D 36 -3.63 8.03 30.58
N VAL D 37 -4.40 7.83 29.51
CA VAL D 37 -4.56 6.51 28.89
C VAL D 37 -4.14 6.62 27.44
N LEU D 38 -3.25 5.72 27.01
CA LEU D 38 -2.79 5.67 25.63
C LEU D 38 -3.06 4.28 25.08
N VAL D 39 -3.68 4.22 23.90
CA VAL D 39 -3.97 2.97 23.22
C VAL D 39 -3.18 2.93 21.92
N LEU D 40 -2.46 1.84 21.71
CA LEU D 40 -1.64 1.63 20.52
C LEU D 40 -2.03 0.32 19.87
N MET D 41 -2.49 0.37 18.62
CA MET D 41 -2.86 -0.86 17.95
C MET D 41 -1.61 -1.67 17.61
N LYS D 42 -1.71 -2.98 17.83
CA LYS D 42 -0.57 -3.85 17.58
C LYS D 42 -0.16 -3.81 16.12
N SER D 43 1.13 -3.59 15.89
CA SER D 43 1.74 -3.69 14.57
C SER D 43 3.22 -4.01 14.81
N ASP D 44 3.92 -4.31 13.71
CA ASP D 44 5.35 -4.58 13.85
C ASP D 44 6.07 -3.40 14.48
N GLU D 45 5.73 -2.18 14.05
CA GLU D 45 6.40 -0.99 14.57
C GLU D 45 6.03 -0.75 16.04
N ILE D 46 4.74 -0.79 16.36
CA ILE D 46 4.29 -0.47 17.71
C ILE D 46 4.85 -1.46 18.72
N ASP D 47 4.86 -2.76 18.38
CA ASP D 47 5.31 -3.77 19.33
C ASP D 47 6.78 -3.57 19.69
N ALA D 48 7.61 -3.21 18.71
CA ALA D 48 9.00 -2.89 19.00
C ALA D 48 9.11 -1.67 19.91
N ILE D 49 8.20 -0.70 19.74
CA ILE D 49 8.20 0.49 20.58
C ILE D 49 7.77 0.15 22.00
N ILE D 50 6.79 -0.73 22.14
CA ILE D 50 6.36 -1.17 23.48
C ILE D 50 7.51 -1.83 24.22
N GLU D 51 8.18 -2.79 23.55
CA GLU D 51 9.20 -3.58 24.23
C GLU D 51 10.45 -2.76 24.54
N ASP D 52 10.87 -1.92 23.60
CA ASP D 52 12.19 -1.28 23.67
C ASP D 52 12.15 0.20 23.99
N ILE D 53 10.98 0.82 24.11
CA ILE D 53 10.92 2.22 24.51
C ILE D 53 10.04 2.37 25.74
N VAL D 54 8.74 2.08 25.58
CA VAL D 54 7.78 2.30 26.66
C VAL D 54 8.16 1.50 27.90
N LEU D 55 8.40 0.20 27.74
CA LEU D 55 8.67 -0.69 28.86
C LEU D 55 10.10 -0.61 29.39
N LYS D 56 10.96 0.21 28.78
CA LYS D 56 12.32 0.36 29.27
C LYS D 56 12.57 1.79 29.74
N GLY D 57 12.99 2.68 28.82
CA GLY D 57 13.24 4.06 29.21
C GLY D 57 11.99 4.79 29.65
N GLY D 58 10.83 4.45 29.08
CA GLY D 58 9.60 5.10 29.50
C GLY D 58 9.21 4.77 30.92
N LYS D 59 9.21 3.48 31.25
CA LYS D 59 8.86 3.06 32.60
C LYS D 59 9.94 3.45 33.61
N ALA D 60 11.20 3.55 33.17
CA ALA D 60 12.25 4.02 34.05
C ALA D 60 12.05 5.49 34.39
N LYS D 61 11.56 6.28 33.42
CA LYS D 61 11.26 7.69 33.67
C LYS D 61 9.94 7.87 34.39
N ASN D 62 8.96 7.00 34.14
CA ASN D 62 7.64 7.06 34.79
C ASN D 62 7.32 5.67 35.32
N PRO D 63 7.70 5.37 36.56
CA PRO D 63 7.44 4.03 37.12
C PRO D 63 5.96 3.73 37.32
N SER D 64 5.08 4.72 37.19
CA SER D 64 3.65 4.46 37.30
C SER D 64 3.05 3.90 36.02
N ILE D 65 3.85 3.68 34.98
CA ILE D 65 3.33 3.18 33.71
C ILE D 65 2.87 1.75 33.88
N VAL D 66 1.67 1.45 33.38
CA VAL D 66 1.16 0.09 33.28
C VAL D 66 0.81 -0.16 31.82
N VAL D 67 1.30 -1.28 31.27
CA VAL D 67 0.97 -1.71 29.92
C VAL D 67 0.20 -3.02 30.02
N GLU D 68 -0.96 -3.08 29.40
CA GLU D 68 -1.78 -4.29 29.40
C GLU D 68 -2.07 -4.74 27.97
N ASP D 69 -2.13 -6.06 27.81
CA ASP D 69 -2.35 -6.70 26.52
C ASP D 69 -3.86 -6.88 26.30
N LYS D 70 -4.41 -6.17 25.32
CA LYS D 70 -5.84 -6.21 25.03
C LYS D 70 -6.12 -6.82 23.66
N ALA D 71 -5.37 -7.87 23.32
CA ALA D 71 -5.53 -8.66 22.10
C ALA D 71 -5.12 -7.88 20.85
N GLY D 72 -6.00 -7.02 20.34
CA GLY D 72 -5.66 -6.26 19.15
C GLY D 72 -4.90 -4.99 19.40
N PHE D 73 -4.89 -4.50 20.65
CA PHE D 73 -4.18 -3.27 20.95
C PHE D 73 -3.45 -3.33 22.29
N FTR D 74 -2.51 -2.39 22.46
CA FTR D 74 -1.85 -2.19 23.73
CB FTR D 74 -0.38 -1.78 23.58
CG FTR D 74 0.43 -2.78 22.87
CD2 FTR D 74 0.89 -4.04 23.43
CE2 FTR D 74 1.64 -4.70 22.38
CE3 FTR D 74 0.73 -4.64 24.67
CD1 FTR D 74 0.90 -2.71 21.56
NE1 FTR D 74 1.63 -3.88 21.25
CZ2 FTR D 74 2.22 -5.95 22.60
CZ3 FTR D 74 1.32 -5.89 24.87
F FTR D 74 1.20 -6.51 26.07
CH2 FTR D 74 2.06 -6.54 23.85
C FTR D 74 -2.56 -1.08 24.57
O FTR D 74 -2.82 0.04 24.05
N FTR D 75 -2.89 -1.41 25.81
CA FTR D 75 -3.52 -0.44 26.70
CB FTR D 75 -4.74 -1.06 27.38
CG FTR D 75 -5.54 -0.18 28.22
CD2 FTR D 75 -5.32 0.00 29.64
CE2 FTR D 75 -6.33 0.93 30.12
CE3 FTR D 75 -4.39 -0.51 30.53
CD1 FTR D 75 -6.64 0.60 27.88
NE1 FTR D 75 -7.13 1.28 29.02
CZ2 FTR D 75 -6.39 1.31 31.46
CZ3 FTR D 75 -4.45 -0.11 31.87
F FTR D 75 -3.55 -0.60 32.76
CH2 FTR D 75 -5.45 0.80 32.33
C FTR D 75 -2.50 0.10 27.76
O FTR D 75 -1.92 -0.70 28.55
N ILE D 76 -2.28 1.41 27.75
CA ILE D 76 -1.27 2.03 28.61
C ILE D 76 -1.88 3.13 29.46
N LYS D 77 -1.57 3.11 30.76
CA LYS D 77 -2.05 4.12 31.70
C LYS D 77 -0.90 4.54 32.61
N ALA D 78 -0.78 5.84 32.87
CA ALA D 78 0.29 6.36 33.70
C ALA D 78 -0.17 7.65 34.39
N ASP D 79 0.58 8.04 35.41
CA ASP D 79 0.37 9.32 36.06
C ASP D 79 1.01 10.43 35.25
N GLY D 80 0.31 11.56 35.11
CA GLY D 80 0.93 12.75 34.59
C GLY D 80 1.05 12.81 33.08
N ALA D 81 1.91 11.98 32.49
CA ALA D 81 2.17 12.11 31.06
C ALA D 81 2.78 10.83 30.52
N ILE D 82 2.64 10.65 29.21
CA ILE D 82 3.35 9.64 28.44
C ILE D 82 3.93 10.32 27.21
N GLU D 83 5.19 10.03 26.89
CA GLU D 83 5.82 10.58 25.70
C GLU D 83 6.48 9.47 24.91
N ILE D 84 6.46 9.61 23.59
CA ILE D 84 7.11 8.70 22.67
C ILE D 84 7.83 9.53 21.63
N ASP D 85 9.14 9.31 21.48
CA ASP D 85 9.96 10.06 20.54
C ASP D 85 10.09 9.25 19.26
N ALA D 86 9.56 9.80 18.16
CA ALA D 86 9.65 9.12 16.87
C ALA D 86 11.09 8.98 16.39
N ALA D 87 11.95 9.95 16.72
CA ALA D 87 13.36 9.85 16.35
C ALA D 87 14.01 8.65 17.01
N GLU D 88 13.66 8.40 18.28
CA GLU D 88 14.11 7.17 18.93
C GLU D 88 13.56 5.94 18.24
N ALA D 89 12.25 5.94 17.95
CA ALA D 89 11.62 4.80 17.28
C ALA D 89 12.24 4.56 15.91
N GLY D 90 12.59 5.63 15.19
CA GLY D 90 13.20 5.48 13.89
C GLY D 90 14.56 4.78 13.96
N GLU D 91 15.37 5.14 14.96
CA GLU D 91 16.63 4.45 15.16
C GLU D 91 16.41 2.99 15.55
N LEU D 92 15.30 2.70 16.22
CA LEU D 92 15.00 1.33 16.61
C LEU D 92 14.57 0.50 15.40
N LEU D 93 13.80 1.08 14.50
CA LEU D 93 13.21 0.35 13.39
C LEU D 93 14.10 0.31 12.15
N GLY D 94 15.03 1.26 12.01
CA GLY D 94 15.91 1.27 10.86
C GLY D 94 15.31 1.79 9.57
N LYS D 95 14.12 2.35 9.61
CA LYS D 95 13.50 2.95 8.43
C LYS D 95 13.05 4.36 8.77
N PRO D 96 12.82 5.20 7.77
CA PRO D 96 12.33 6.56 8.04
C PRO D 96 11.04 6.52 8.84
N PHE D 97 10.92 7.45 9.79
CA PHE D 97 9.85 7.35 10.79
C PHE D 97 9.70 8.71 11.47
N SER D 98 8.85 9.57 10.90
CA SER D 98 8.57 10.87 11.48
C SER D 98 7.48 10.75 12.55
N VAL D 99 7.16 11.88 13.19
CA VAL D 99 6.09 11.86 14.18
C VAL D 99 4.74 11.60 13.49
N TYR D 100 4.61 12.00 12.24
CA TYR D 100 3.39 11.68 11.48
C TYR D 100 3.28 10.16 11.28
N ASP D 101 4.40 9.50 11.02
CA ASP D 101 4.39 8.05 10.84
C ASP D 101 4.10 7.31 12.13
N LEU D 102 4.50 7.88 13.27
CA LEU D 102 4.22 7.27 14.56
C LEU D 102 2.71 7.18 14.81
N LEU D 103 1.98 8.25 14.51
CA LEU D 103 0.53 8.32 14.74
C LEU D 103 -0.27 7.34 13.90
N ILE D 104 0.36 6.64 12.94
CA ILE D 104 -0.37 5.71 12.10
C ILE D 104 -0.99 4.59 12.91
N ASN D 105 -0.38 4.24 14.05
CA ASN D 105 -0.90 3.18 14.90
C ASN D 105 -1.15 3.64 16.34
N VAL D 106 -1.21 4.96 16.57
CA VAL D 106 -1.64 5.49 17.86
C VAL D 106 -3.15 5.60 17.80
N SER D 107 -3.85 4.67 18.45
CA SER D 107 -5.29 4.54 18.24
C SER D 107 -6.12 5.47 19.11
N SER D 108 -5.86 5.54 20.41
CA SER D 108 -6.73 6.36 21.27
C SER D 108 -5.94 7.07 22.36
N THR D 109 -6.59 8.07 22.95
CA THR D 109 -5.98 8.94 23.95
C THR D 109 -7.06 9.37 24.95
N VAL D 110 -6.78 9.22 26.24
CA VAL D 110 -7.60 9.84 27.28
C VAL D 110 -6.68 10.81 28.01
N GLY D 111 -6.78 12.09 27.67
CA GLY D 111 -5.86 13.10 28.13
C GLY D 111 -5.59 14.11 27.03
N ARG D 112 -4.77 15.12 27.30
CA ARG D 112 -4.46 16.14 26.30
C ARG D 112 -3.24 15.71 25.51
N ALA D 113 -3.43 15.46 24.22
CA ALA D 113 -2.39 14.94 23.35
C ALA D 113 -1.89 16.01 22.39
N TYR D 114 -0.62 15.92 22.03
CA TYR D 114 -0.02 16.83 21.05
C TYR D 114 1.29 16.24 20.56
N THR D 115 1.78 16.80 19.45
CA THR D 115 3.13 16.53 18.97
C THR D 115 3.90 17.85 19.00
N LEU D 116 5.18 17.76 19.34
CA LEU D 116 6.07 18.92 19.38
C LEU D 116 7.43 18.48 18.87
N GLY D 117 7.71 18.77 17.61
CA GLY D 117 8.93 18.25 16.99
C GLY D 117 8.76 16.77 16.69
N THR D 118 9.74 15.97 17.10
CA THR D 118 9.69 14.52 16.90
C THR D 118 8.98 13.79 18.03
N LYS D 119 8.56 14.49 19.08
CA LYS D 119 7.97 13.86 20.25
C LYS D 119 6.44 13.91 20.21
N PHE D 120 5.82 12.85 20.69
CA PHE D 120 4.38 12.78 20.91
C PHE D 120 4.14 12.67 22.42
N THR D 121 3.22 13.49 22.93
CA THR D 121 2.93 13.54 24.35
C THR D 121 1.42 13.50 24.58
N ILE D 122 0.99 12.68 25.53
CA ILE D 122 -0.34 12.78 26.13
C ILE D 122 -0.15 13.14 27.60
N THR D 123 -0.82 14.20 28.04
CA THR D 123 -0.56 14.76 29.37
C THR D 123 -1.85 15.01 30.12
N SER D 124 -1.75 14.95 31.45
CA SER D 124 -2.86 15.30 32.31
C SER D 124 -3.07 16.81 32.38
N GLU D 125 -2.07 17.60 32.00
CA GLU D 125 -2.16 19.05 32.08
C GLU D 125 -3.26 19.59 31.17
N LEU D 126 -4.02 20.55 31.69
CA LEU D 126 -5.06 21.24 30.92
C LEU D 126 -4.43 22.47 30.28
N MET D 127 -3.88 22.29 29.09
CA MET D 127 -3.29 23.41 28.37
C MET D 127 -4.33 24.50 28.11
N GLY D 128 -3.91 25.76 28.22
CA GLY D 128 -4.81 26.88 28.10
C GLY D 128 -5.60 27.20 29.34
N LEU D 129 -5.66 26.29 30.31
CA LEU D 129 -6.30 26.54 31.61
C LEU D 129 -5.27 26.52 32.74
N ASP D 130 -4.48 25.46 32.84
CA ASP D 130 -3.38 25.44 33.79
C ASP D 130 -2.30 26.44 33.40
N ARG D 131 -1.53 26.89 34.38
CA ARG D 131 -0.39 27.77 34.12
C ARG D 131 0.72 27.00 33.40
N ASP E 1 -5.67 25.27 -33.50
CA ASP E 1 -4.75 26.42 -33.47
C ASP E 1 -4.64 27.01 -32.06
N ALA E 2 -4.64 28.34 -31.98
CA ALA E 2 -4.54 29.01 -30.68
C ALA E 2 -5.86 28.99 -29.91
N LEU E 3 -6.97 28.69 -30.58
CA LEU E 3 -8.27 28.64 -29.93
C LEU E 3 -8.89 27.26 -29.93
N LYS E 4 -8.75 26.51 -31.02
CA LYS E 4 -9.47 25.26 -31.22
C LYS E 4 -8.54 24.08 -30.98
N VAL E 5 -9.00 23.14 -30.17
CA VAL E 5 -8.28 21.89 -29.93
C VAL E 5 -9.26 20.88 -29.36
N ASN E 6 -9.01 19.60 -29.61
CA ASN E 6 -9.77 18.54 -28.98
C ASN E 6 -9.38 18.42 -27.52
N ARG E 7 -10.31 18.74 -26.61
CA ARG E 7 -10.05 18.65 -25.19
C ARG E 7 -10.61 17.37 -24.57
N ALA E 8 -10.76 16.32 -25.37
CA ALA E 8 -11.11 15.03 -24.81
C ALA E 8 -9.99 14.53 -23.89
N PRO E 9 -10.32 14.01 -22.72
CA PRO E 9 -9.27 13.57 -21.78
C PRO E 9 -8.57 12.32 -22.28
N VAL E 10 -7.27 12.43 -22.55
CA VAL E 10 -6.47 11.30 -23.02
C VAL E 10 -5.16 11.25 -22.24
N GLY E 11 -4.61 10.04 -22.18
CA GLY E 11 -3.27 9.77 -21.71
C GLY E 11 -2.53 8.91 -22.71
N VAL E 12 -1.54 8.16 -22.21
CA VAL E 12 -0.78 7.22 -23.04
C VAL E 12 -0.61 5.94 -22.24
N GLU E 13 -1.17 4.84 -22.74
N GLU E 13 -1.18 4.84 -22.73
CA GLU E 13 -1.12 3.58 -22.04
CA GLU E 13 -1.12 3.55 -22.07
C GLU E 13 0.21 2.86 -22.34
C GLU E 13 0.23 2.90 -22.31
N PRO E 14 0.63 1.95 -21.45
CA PRO E 14 1.96 1.36 -21.60
C PRO E 14 2.19 0.67 -22.94
N GLN E 15 1.17 0.04 -23.51
CA GLN E 15 1.36 -0.62 -24.80
C GLN E 15 1.53 0.39 -25.92
N GLU E 16 1.08 1.63 -25.74
CA GLU E 16 1.28 2.64 -26.77
C GLU E 16 2.74 3.06 -26.85
N VAL E 17 3.43 3.11 -25.71
CA VAL E 17 4.87 3.38 -25.71
C VAL E 17 5.62 2.14 -26.17
N HIS E 18 5.25 0.98 -25.62
CA HIS E 18 5.97 -0.26 -25.91
C HIS E 18 6.08 -0.53 -27.39
N LYS E 19 5.06 -0.12 -28.16
CA LYS E 19 5.05 -0.30 -29.61
C LYS E 19 6.31 0.23 -30.28
N TRP E 20 6.94 1.24 -29.69
CA TRP E 20 8.08 1.91 -30.29
C TRP E 20 9.41 1.47 -29.69
N LEU E 21 9.41 0.53 -28.74
CA LEU E 21 10.64 0.14 -28.07
C LEU E 21 11.64 -0.48 -29.04
N GLN E 22 11.15 -1.28 -29.99
CA GLN E 22 12.06 -1.95 -30.92
C GLN E 22 12.87 -0.95 -31.73
N SER E 23 12.30 0.22 -32.02
CA SER E 23 12.99 1.24 -32.79
C SER E 23 14.02 2.01 -31.98
N PHE E 24 14.16 1.75 -30.68
CA PHE E 24 15.12 2.48 -29.86
C PHE E 24 16.56 2.05 -30.11
N ASN E 25 16.76 0.85 -30.66
CA ASN E 25 18.10 0.39 -30.98
C ASN E 25 18.54 0.99 -32.31
N TRP E 26 19.83 1.28 -32.43
CA TRP E 26 20.40 1.74 -33.69
C TRP E 26 21.62 0.88 -34.01
N ASP E 27 21.98 0.86 -35.30
CA ASP E 27 23.00 -0.04 -35.79
C ASP E 27 24.38 0.61 -35.71
N PHE E 28 25.34 -0.13 -35.16
CA PHE E 28 26.74 0.23 -35.26
C PHE E 28 27.58 -1.03 -35.10
N LYS E 29 28.85 -0.93 -35.52
CA LYS E 29 29.70 -2.11 -35.68
C LYS E 29 29.91 -2.83 -34.35
N GLU E 30 30.06 -2.08 -33.27
CA GLU E 30 30.36 -2.67 -31.96
C GLU E 30 29.11 -3.10 -31.20
N ASN E 31 27.93 -3.01 -31.82
CA ASN E 31 26.68 -3.36 -31.15
C ASN E 31 26.51 -4.87 -31.14
N ARG E 32 27.27 -5.52 -30.25
CA ARG E 32 27.21 -6.96 -30.07
C ARG E 32 27.50 -7.27 -28.60
N THR E 33 27.20 -8.50 -28.19
CA THR E 33 27.33 -8.88 -26.80
C THR E 33 28.80 -8.93 -26.38
N LYS E 34 29.04 -8.73 -25.08
CA LYS E 34 30.39 -8.78 -24.54
C LYS E 34 30.80 -10.16 -24.04
N TYR E 35 29.86 -11.11 -23.99
CA TYR E 35 30.11 -12.34 -23.27
C TYR E 35 30.29 -13.52 -24.22
N PRO E 36 31.13 -14.49 -23.85
CA PRO E 36 31.30 -15.67 -24.71
C PRO E 36 30.02 -16.47 -24.82
N THR E 37 29.68 -16.86 -26.04
CA THR E 37 28.49 -17.66 -26.28
C THR E 37 28.69 -18.50 -27.53
N LYS E 38 28.13 -19.72 -27.51
CA LYS E 38 28.07 -20.56 -28.70
C LYS E 38 26.96 -20.16 -29.65
N TYR E 39 26.00 -19.37 -29.19
CA TYR E 39 24.76 -19.13 -29.93
C TYR E 39 24.85 -17.78 -30.63
N HIS E 40 24.86 -17.83 -31.97
CA HIS E 40 25.01 -16.64 -32.79
C HIS E 40 23.83 -16.47 -33.76
N MET E 41 22.69 -17.06 -33.43
CA MET E 41 21.55 -17.09 -34.33
C MET E 41 20.71 -15.82 -34.20
N ALA E 42 19.85 -15.61 -35.21
CA ALA E 42 18.95 -14.46 -35.20
C ALA E 42 17.93 -14.60 -34.08
N ASN E 43 17.67 -13.48 -33.39
CA ASN E 43 16.88 -13.49 -32.17
C ASN E 43 16.13 -12.16 -32.05
N GLU E 44 15.37 -11.82 -33.08
CA GLU E 44 14.57 -10.58 -33.10
C GLU E 44 13.14 -10.84 -32.63
N THR E 45 13.01 -11.43 -31.45
CA THR E 45 11.73 -11.86 -30.92
C THR E 45 10.97 -10.70 -30.31
N LYS E 46 9.72 -10.96 -29.93
CA LYS E 46 8.86 -9.96 -29.33
C LYS E 46 8.42 -10.39 -27.93
N GLU E 47 8.24 -9.41 -27.06
CA GLU E 47 7.87 -9.67 -25.68
C GLU E 47 6.40 -10.09 -25.59
N GLN E 48 6.11 -10.99 -24.65
CA GLN E 48 4.74 -11.46 -24.45
C GLN E 48 4.00 -10.63 -23.41
N PHE E 49 4.70 -10.03 -22.46
CA PHE E 49 4.11 -9.18 -21.42
C PHE E 49 4.66 -7.77 -21.61
N LYS E 50 3.96 -6.98 -22.41
CA LYS E 50 4.36 -5.61 -22.68
C LYS E 50 4.42 -4.82 -21.37
N VAL E 51 5.57 -4.21 -21.09
CA VAL E 51 5.75 -3.43 -19.89
C VAL E 51 6.75 -2.31 -20.18
N ILE E 52 6.52 -1.15 -19.56
CA ILE E 52 7.48 -0.06 -19.53
C ILE E 52 7.83 0.24 -18.07
N ALA E 53 8.84 1.09 -17.88
CA ALA E 53 9.38 1.31 -16.54
C ALA E 53 8.31 1.81 -15.57
N LYS E 54 7.48 2.75 -16.01
CA LYS E 54 6.43 3.28 -15.15
C LYS E 54 5.42 2.20 -14.77
N GLU E 55 5.04 1.36 -15.73
CA GLU E 55 4.06 0.32 -15.43
C GLU E 55 4.69 -0.80 -14.62
N TYR E 56 5.96 -1.13 -14.90
CA TYR E 56 6.67 -2.11 -14.06
C TYR E 56 6.59 -1.71 -12.60
N ALA E 57 6.85 -0.43 -12.30
CA ALA E 57 6.88 0.01 -10.92
C ALA E 57 5.49 -0.05 -10.30
N ARG E 58 4.47 0.35 -11.04
CA ARG E 58 3.11 0.32 -10.53
C ARG E 58 2.70 -1.09 -10.16
N MET E 59 2.96 -2.05 -11.06
N MET E 59 3.00 -2.06 -11.04
CA MET E 59 2.58 -3.43 -10.80
CA MET E 59 2.57 -3.43 -10.81
C MET E 59 3.23 -3.95 -9.53
C MET E 59 3.24 -4.02 -9.57
N GLU E 60 4.54 -3.76 -9.40
CA GLU E 60 5.26 -4.35 -8.27
C GLU E 60 4.96 -3.62 -6.97
N ALA E 61 4.81 -2.31 -7.01
CA ALA E 61 4.44 -1.58 -5.81
C ALA E 61 3.09 -2.07 -5.26
N ALA E 62 2.15 -2.32 -6.17
CA ALA E 62 0.83 -2.83 -5.76
C ALA E 62 0.95 -4.18 -5.07
N LYS E 63 1.76 -5.08 -5.63
CA LYS E 63 2.02 -6.35 -4.96
C LYS E 63 2.62 -6.11 -3.57
N ASP E 64 3.59 -5.20 -3.48
CA ASP E 64 4.32 -4.98 -2.23
C ASP E 64 3.40 -4.52 -1.11
N GLU E 65 2.53 -3.54 -1.40
CA GLU E 65 1.71 -2.97 -0.35
C GLU E 65 0.79 -4.01 0.26
N ARG E 66 0.25 -4.91 -0.56
CA ARG E 66 -0.59 -5.98 -0.04
C ARG E 66 0.22 -6.93 0.82
N GLN E 67 1.42 -7.28 0.35
CA GLN E 67 2.29 -8.18 1.10
C GLN E 67 2.71 -7.57 2.43
N PHE E 68 3.20 -6.33 2.40
CA PHE E 68 3.72 -5.73 3.62
C PHE E 68 2.61 -5.31 4.56
N GLY E 69 1.41 -5.05 4.03
CA GLY E 69 0.27 -4.86 4.91
C GLY E 69 -0.03 -6.11 5.71
N THR E 70 -0.16 -7.24 5.02
CA THR E 70 -0.38 -8.52 5.69
C THR E 70 0.65 -8.79 6.78
N LEU E 71 1.93 -8.57 6.47
CA LEU E 71 3.01 -8.92 7.39
C LEU E 71 3.06 -7.96 8.59
N LEU E 72 3.16 -6.67 8.32
CA LEU E 72 3.43 -5.70 9.38
C LEU E 72 2.20 -5.35 10.20
N ASP E 73 1.01 -5.57 9.65
CA ASP E 73 -0.21 -5.22 10.37
C ASP E 73 -0.89 -6.48 10.87
N GLY E 74 -1.59 -7.18 9.98
CA GLY E 74 -2.38 -8.34 10.32
C GLY E 74 -1.66 -9.47 11.04
N LEU E 75 -0.65 -10.07 10.39
CA LEU E 75 -0.01 -11.25 10.98
C LEU E 75 0.76 -10.91 12.25
N THR E 76 1.29 -9.69 12.36
CA THR E 76 1.94 -9.28 13.60
C THR E 76 0.93 -9.16 14.73
N ARG E 77 -0.24 -8.58 14.45
CA ARG E 77 -1.30 -8.51 15.46
C ARG E 77 -1.78 -9.89 15.87
N LEU E 78 -1.73 -10.86 14.95
CA LEU E 78 -2.09 -12.23 15.29
C LEU E 78 -1.00 -12.95 16.06
N GLY E 79 0.22 -12.40 16.10
CA GLY E 79 1.34 -13.13 16.66
C GLY E 79 1.74 -14.33 15.83
N ALA E 80 1.50 -14.27 14.51
CA ALA E 80 1.70 -15.44 13.67
C ALA E 80 3.16 -15.86 13.61
N GLY E 81 4.09 -14.91 13.83
CA GLY E 81 5.50 -15.19 13.69
C GLY E 81 6.03 -16.24 14.65
N ASN E 82 5.35 -16.47 15.77
CA ASN E 82 5.74 -17.52 16.70
C ASN E 82 4.71 -18.65 16.78
N LYS E 83 3.84 -18.76 15.77
CA LYS E 83 2.88 -19.85 15.68
C LYS E 83 3.35 -20.96 14.75
N VAL E 84 4.62 -20.96 14.40
CA VAL E 84 5.20 -21.91 13.46
C VAL E 84 5.78 -23.06 14.25
N HIS E 85 5.58 -24.28 13.74
CA HIS E 85 6.23 -25.43 14.37
C HIS E 85 7.75 -25.25 14.31
N PRO E 86 8.46 -25.53 15.40
CA PRO E 86 9.91 -25.28 15.44
C PRO E 86 10.67 -25.87 14.27
N ARG E 87 10.35 -27.11 13.87
CA ARG E 87 11.01 -27.72 12.73
C ARG E 87 10.90 -26.85 11.49
N TRP E 88 9.70 -26.35 11.21
CA TRP E 88 9.53 -25.53 10.01
C TRP E 88 10.12 -24.14 10.18
N GLY E 89 10.06 -23.57 11.38
CA GLY E 89 10.73 -22.30 11.61
C GLY E 89 12.23 -22.42 11.40
N GLU E 90 12.82 -23.57 11.77
CA GLU E 90 14.23 -23.81 11.50
C GLU E 90 14.47 -24.01 10.00
N THR E 91 13.57 -24.73 9.33
CA THR E 91 13.71 -25.01 7.91
C THR E 91 13.76 -23.73 7.08
N MET E 92 12.98 -22.72 7.47
CA MET E 92 12.95 -21.48 6.72
C MET E 92 14.22 -20.66 6.87
N LYS E 93 15.02 -20.92 7.91
CA LYS E 93 16.35 -20.31 7.99
C LYS E 93 17.16 -20.62 6.74
N VAL E 94 17.12 -21.87 6.29
CA VAL E 94 17.96 -22.28 5.17
C VAL E 94 17.22 -22.12 3.85
N ILE E 95 15.92 -22.42 3.79
CA ILE E 95 15.21 -22.27 2.53
C ILE E 95 15.22 -20.83 2.07
N SER E 96 14.89 -19.90 2.97
CA SER E 96 14.81 -18.50 2.56
C SER E 96 16.19 -17.93 2.24
N ASN E 97 17.21 -18.25 3.04
CA ASN E 97 18.53 -17.68 2.76
C ASN E 97 19.20 -18.35 1.56
N PHE E 98 19.02 -19.66 1.40
CA PHE E 98 19.61 -20.32 0.23
C PHE E 98 18.94 -19.85 -1.06
N LEU E 99 17.60 -19.71 -1.04
CA LEU E 99 16.92 -19.15 -2.20
C LEU E 99 17.39 -17.72 -2.46
N GLU E 100 17.65 -16.96 -1.40
CA GLU E 100 18.13 -15.59 -1.54
C GLU E 100 19.33 -15.51 -2.48
N VAL E 101 20.29 -16.44 -2.33
CA VAL E 101 21.47 -16.38 -3.19
C VAL E 101 21.11 -16.81 -4.61
N GLY E 102 20.14 -17.72 -4.74
CA GLY E 102 19.63 -18.03 -6.07
C GLY E 102 19.04 -16.81 -6.74
N GLU E 103 18.19 -16.08 -6.01
CA GLU E 103 17.67 -14.82 -6.53
C GLU E 103 18.79 -13.84 -6.84
N TYR E 104 19.75 -13.69 -5.93
CA TYR E 104 20.83 -12.73 -6.16
C TYR E 104 21.62 -13.07 -7.42
N ASN E 105 21.97 -14.35 -7.60
CA ASN E 105 22.65 -14.74 -8.83
C ASN E 105 21.76 -14.59 -10.05
N ALA E 106 20.44 -14.75 -9.90
CA ALA E 106 19.55 -14.58 -11.04
C ALA E 106 19.58 -13.16 -11.58
N ILE E 107 19.87 -12.18 -10.71
CA ILE E 107 20.07 -10.81 -11.18
C ILE E 107 21.18 -10.77 -12.22
N ALA E 108 22.36 -11.29 -11.82
CA ALA E 108 23.51 -11.31 -12.72
C ALA E 108 23.24 -12.13 -13.97
N ALA E 109 22.64 -13.31 -13.80
CA ALA E 109 22.28 -14.13 -14.95
C ALA E 109 21.38 -13.36 -15.91
N SER E 110 20.36 -12.69 -15.37
CA SER E 110 19.45 -11.93 -16.23
C SER E 110 20.17 -10.77 -16.90
N ALA E 111 21.19 -10.22 -16.25
CA ALA E 111 21.97 -9.15 -16.88
C ALA E 111 22.74 -9.66 -18.08
N MET E 112 23.28 -10.88 -18.01
CA MET E 112 23.95 -11.48 -19.17
C MET E 112 22.97 -11.69 -20.32
N LEU E 113 21.74 -12.12 -20.00
CA LEU E 113 20.72 -12.27 -21.04
C LEU E 113 20.37 -10.91 -21.62
N TRP E 114 20.21 -9.89 -20.76
CA TRP E 114 20.05 -8.51 -21.20
C TRP E 114 21.20 -8.09 -22.12
N ASP E 115 22.44 -8.38 -21.71
CA ASP E 115 23.58 -8.00 -22.54
C ASP E 115 23.58 -8.76 -23.87
N SER E 116 23.33 -10.06 -23.83
CA SER E 116 23.45 -10.88 -25.04
C SER E 116 22.25 -10.74 -25.97
N ALA E 117 21.12 -10.24 -25.49
CA ALA E 117 19.97 -10.04 -26.36
C ALA E 117 20.31 -9.01 -27.44
N THR E 118 19.68 -9.18 -28.60
CA THR E 118 19.95 -8.31 -29.74
C THR E 118 18.77 -7.42 -30.12
N ALA E 119 17.56 -7.73 -29.65
CA ALA E 119 16.38 -6.92 -29.92
C ALA E 119 16.12 -6.00 -28.74
N ALA E 120 15.70 -4.76 -29.03
CA ALA E 120 15.42 -3.80 -27.97
C ALA E 120 14.28 -4.27 -27.07
N GLU E 121 13.32 -5.01 -27.62
CA GLU E 121 12.22 -5.51 -26.80
C GLU E 121 12.72 -6.55 -25.81
N GLN E 122 13.67 -7.39 -26.23
CA GLN E 122 14.20 -8.41 -25.32
C GLN E 122 15.08 -7.78 -24.23
N LYS E 123 15.89 -6.79 -24.60
CA LYS E 123 16.66 -6.07 -23.59
C LYS E 123 15.74 -5.42 -22.56
N ASN E 124 14.60 -4.88 -23.01
CA ASN E 124 13.63 -4.29 -22.10
C ASN E 124 13.02 -5.35 -21.19
N GLY E 125 12.74 -6.54 -21.74
CA GLY E 125 12.15 -7.59 -20.94
C GLY E 125 13.10 -8.20 -19.93
N TYR E 126 14.40 -8.19 -20.24
CA TYR E 126 15.37 -8.74 -19.30
C TYR E 126 15.71 -7.76 -18.19
N LEU E 127 15.66 -6.45 -18.49
CA LEU E 127 15.80 -5.46 -17.43
C LEU E 127 14.72 -5.67 -16.36
N ALA E 128 13.46 -5.79 -16.78
CA ALA E 128 12.38 -6.06 -15.84
C ALA E 128 12.67 -7.30 -15.03
N GLN E 129 13.20 -8.33 -15.68
CA GLN E 129 13.57 -9.54 -14.94
C GLN E 129 14.70 -9.25 -13.96
N VAL E 130 15.69 -8.46 -14.38
CA VAL E 130 16.77 -8.05 -13.48
C VAL E 130 16.19 -7.40 -12.22
N LEU E 131 15.27 -6.46 -12.42
CA LEU E 131 14.59 -5.81 -11.30
C LEU E 131 13.88 -6.83 -10.41
N ASP E 132 13.17 -7.79 -11.03
CA ASP E 132 12.42 -8.77 -10.26
C ASP E 132 13.32 -9.58 -9.35
N GLU E 133 14.52 -9.92 -9.82
CA GLU E 133 15.41 -10.74 -8.99
C GLU E 133 16.00 -9.94 -7.84
N ILE E 134 16.16 -8.62 -8.01
CA ILE E 134 16.46 -7.76 -6.87
C ILE E 134 15.31 -7.80 -5.88
N ARG E 135 14.08 -7.64 -6.37
CA ARG E 135 12.89 -7.73 -5.53
C ARG E 135 12.88 -9.04 -4.74
N HIS E 136 13.15 -10.15 -5.42
CA HIS E 136 13.10 -11.45 -4.76
C HIS E 136 14.20 -11.59 -3.70
N THR E 137 15.39 -11.05 -3.98
CA THR E 137 16.47 -11.07 -2.99
C THR E 137 16.02 -10.38 -1.72
N HIS E 138 15.40 -9.21 -1.85
CA HIS E 138 14.94 -8.47 -0.68
C HIS E 138 13.74 -9.14 -0.03
N GLN E 139 12.93 -9.86 -0.81
CA GLN E 139 11.81 -10.59 -0.24
C GLN E 139 12.28 -11.76 0.62
N CYS E 140 13.24 -12.54 0.12
CA CYS E 140 13.78 -13.63 0.91
C CYS E 140 14.44 -13.10 2.18
N ALA E 141 15.21 -12.01 2.04
CA ALA E 141 15.78 -11.36 3.22
C ALA E 141 14.69 -10.94 4.21
N PHE E 142 13.59 -10.41 3.69
CA PHE E 142 12.54 -9.91 4.60
C PHE E 142 11.94 -11.04 5.43
N ILE E 143 11.84 -12.24 4.86
CA ILE E 143 11.28 -13.36 5.62
C ILE E 143 12.15 -13.66 6.84
N ASN E 144 13.46 -13.76 6.64
CA ASN E 144 14.36 -14.03 7.75
C ASN E 144 14.48 -12.81 8.67
N HIS E 145 14.43 -11.62 8.07
CA HIS E 145 14.30 -10.38 8.83
C HIS E 145 13.06 -10.43 9.74
N TYR E 146 11.92 -10.86 9.19
CA TYR E 146 10.69 -10.92 9.98
C TYR E 146 10.77 -12.01 11.05
N TYR E 147 11.24 -13.20 10.67
CA TYR E 147 11.44 -14.27 11.64
C TYR E 147 12.37 -13.82 12.78
N SER E 148 13.45 -13.11 12.44
CA SER E 148 14.37 -12.62 13.47
C SER E 148 13.64 -11.80 14.53
N LYS E 149 12.65 -10.99 14.11
CA LYS E 149 11.96 -10.12 15.05
C LYS E 149 10.86 -10.82 15.82
N HIS E 150 10.27 -11.89 15.28
CA HIS E 150 9.02 -12.40 15.84
C HIS E 150 9.02 -13.87 16.20
N TYR E 151 10.04 -14.63 15.82
CA TYR E 151 10.07 -16.07 16.04
C TYR E 151 10.99 -16.41 17.23
N HIS E 152 10.71 -17.55 17.87
CA HIS E 152 11.33 -17.85 19.16
C HIS E 152 12.82 -18.15 19.05
N ASP E 153 13.34 -18.47 17.87
CA ASP E 153 14.78 -18.64 17.69
C ASP E 153 15.29 -17.79 16.53
N PRO E 154 15.70 -16.54 16.80
CA PRO E 154 16.21 -15.68 15.72
C PRO E 154 17.64 -16.01 15.28
N ALA E 155 18.42 -16.74 16.07
CA ALA E 155 19.76 -17.09 15.66
C ALA E 155 19.73 -17.95 14.40
N GLY E 156 20.57 -17.61 13.42
CA GLY E 156 20.55 -18.27 12.14
C GLY E 156 19.55 -17.66 11.16
N HIS E 157 18.40 -17.20 11.67
CA HIS E 157 17.58 -16.28 10.88
C HIS E 157 18.26 -14.93 10.72
N ASN E 158 19.09 -14.56 11.70
CA ASN E 158 19.62 -13.20 11.80
C ASN E 158 21.04 -13.06 11.25
N ASP E 159 21.69 -14.15 10.80
CA ASP E 159 23.07 -14.00 10.38
C ASP E 159 23.51 -15.02 9.34
N ALA E 160 22.60 -15.61 8.57
CA ALA E 160 22.96 -16.69 7.66
C ALA E 160 23.98 -16.25 6.61
N ARG E 161 24.00 -14.97 6.24
CA ARG E 161 24.94 -14.53 5.22
C ARG E 161 26.40 -14.69 5.64
N ARG E 162 26.68 -14.95 6.93
CA ARG E 162 28.02 -15.40 7.29
C ARG E 162 28.05 -16.79 7.89
N THR E 163 27.01 -17.22 8.60
CA THR E 163 27.05 -18.56 9.20
C THR E 163 26.87 -19.66 8.17
N ARG E 164 26.34 -19.35 6.98
CA ARG E 164 26.24 -20.38 5.95
C ARG E 164 27.62 -20.85 5.47
N ALA E 165 28.65 -20.02 5.61
CA ALA E 165 29.99 -20.39 5.13
C ALA E 165 30.61 -21.53 5.92
N ILE E 166 30.05 -21.90 7.07
CA ILE E 166 30.65 -22.95 7.88
C ILE E 166 30.39 -24.33 7.26
N GLY E 167 29.20 -24.55 6.72
CA GLY E 167 28.74 -25.89 6.45
C GLY E 167 28.85 -26.35 5.02
N PRO E 168 28.80 -27.68 4.82
CA PRO E 168 28.96 -28.24 3.47
C PRO E 168 27.73 -28.10 2.56
N LEU E 169 26.51 -28.08 3.11
CA LEU E 169 25.33 -27.96 2.25
C LEU E 169 25.31 -26.62 1.50
N TRP E 170 25.93 -25.59 2.07
CA TRP E 170 25.96 -24.29 1.41
C TRP E 170 26.80 -24.30 0.13
N LYS E 171 27.88 -25.10 0.10
CA LYS E 171 28.73 -25.15 -1.09
C LYS E 171 27.93 -25.54 -2.32
N GLY E 172 27.09 -26.56 -2.21
CA GLY E 172 26.28 -26.99 -3.35
C GLY E 172 25.26 -25.96 -3.77
N MET E 173 24.74 -25.17 -2.82
CA MET E 173 23.78 -24.13 -3.16
C MET E 173 24.42 -23.07 -4.05
N LYS E 174 25.71 -22.79 -3.85
CA LYS E 174 26.40 -21.83 -4.70
C LYS E 174 26.57 -22.33 -6.13
N ARG E 175 26.22 -23.57 -6.43
CA ARG E 175 26.25 -24.04 -7.81
C ARG E 175 24.87 -24.12 -8.45
N VAL E 176 23.90 -24.76 -7.79
CA VAL E 176 22.64 -25.13 -8.46
C VAL E 176 21.99 -23.92 -9.12
N PHE E 177 21.71 -22.91 -8.32
CA PHE E 177 21.01 -21.72 -8.80
C PHE E 177 21.91 -20.48 -8.67
N ALA E 178 23.21 -20.68 -8.83
CA ALA E 178 24.16 -19.58 -8.69
C ALA E 178 25.26 -19.67 -9.74
N ASP E 179 26.43 -20.23 -9.39
CA ASP E 179 27.52 -20.38 -10.35
C ASP E 179 27.06 -21.06 -11.62
N GLY E 180 26.19 -22.08 -11.50
CA GLY E 180 25.69 -22.78 -12.66
C GLY E 180 24.95 -21.87 -13.63
N PHE E 181 24.36 -20.79 -13.12
CA PHE E 181 23.69 -19.81 -13.98
C PHE E 181 24.69 -18.85 -14.61
N ILE E 182 25.50 -18.18 -13.77
CA ILE E 182 26.21 -16.98 -14.21
C ILE E 182 27.58 -17.25 -14.82
N SER E 183 28.14 -18.44 -14.64
CA SER E 183 29.52 -18.72 -15.05
C SER E 183 29.49 -19.66 -16.25
N GLY E 184 29.18 -19.11 -17.42
CA GLY E 184 29.17 -19.89 -18.63
C GLY E 184 28.63 -19.10 -19.80
N ASP E 185 28.14 -19.83 -20.79
CA ASP E 185 27.60 -19.26 -22.01
C ASP E 185 26.39 -18.36 -21.69
N ALA E 186 26.46 -17.10 -22.15
CA ALA E 186 25.46 -16.11 -21.76
C ALA E 186 24.10 -16.40 -22.38
N VAL E 187 24.06 -16.72 -23.68
CA VAL E 187 22.78 -17.05 -24.29
C VAL E 187 22.24 -18.36 -23.73
N GLU E 188 23.13 -19.25 -23.25
CA GLU E 188 22.68 -20.51 -22.68
C GLU E 188 21.84 -20.33 -21.43
N CYS E 189 21.88 -19.14 -20.80
CA CYS E 189 21.08 -18.91 -19.59
C CYS E 189 19.60 -19.13 -19.86
N SER E 190 19.14 -18.86 -21.09
CA SER E 190 17.75 -19.12 -21.43
C SER E 190 17.41 -20.61 -21.34
N VAL E 191 18.41 -21.47 -21.29
CA VAL E 191 18.21 -22.90 -21.09
C VAL E 191 18.38 -23.30 -19.64
N ASN E 192 19.47 -22.86 -19.00
CA ASN E 192 19.74 -23.32 -17.63
C ASN E 192 18.97 -22.50 -16.59
N LEU E 193 18.98 -21.16 -16.71
CA LEU E 193 18.24 -20.36 -15.74
C LEU E 193 16.74 -20.42 -16.01
N GLN E 194 16.33 -20.26 -17.27
CA GLN E 194 14.93 -20.03 -17.60
C GLN E 194 14.20 -21.31 -17.96
N LEU E 195 14.66 -22.03 -18.98
CA LEU E 195 13.93 -23.23 -19.41
C LEU E 195 13.93 -24.29 -18.33
N VAL E 196 15.01 -24.41 -17.57
CA VAL E 196 15.07 -25.41 -16.52
C VAL E 196 14.81 -24.78 -15.15
N GLY E 197 15.64 -23.81 -14.76
CA GLY E 197 15.50 -23.20 -13.45
C GLY E 197 14.12 -22.66 -13.14
N GLU E 198 13.70 -21.65 -13.90
CA GLU E 198 12.45 -20.98 -13.61
C GLU E 198 11.24 -21.80 -14.06
N ALA E 199 11.31 -22.42 -15.24
CA ALA E 199 10.16 -23.15 -15.76
C ALA E 199 9.94 -24.48 -15.03
N CYS E 200 10.98 -25.07 -14.43
CA CYS E 200 10.85 -26.37 -13.78
C CYS E 200 10.92 -26.27 -12.26
N PHE E 201 12.02 -25.77 -11.71
CA PHE E 201 12.28 -25.98 -10.28
C PHE E 201 11.73 -24.89 -9.38
N THR E 202 11.43 -23.70 -9.88
CA THR E 202 10.86 -22.69 -8.98
C THR E 202 9.46 -23.07 -8.51
N ASN E 203 8.70 -23.80 -9.33
CA ASN E 203 7.36 -24.22 -8.91
C ASN E 203 7.37 -25.06 -7.64
N PRO E 204 8.16 -26.13 -7.51
CA PRO E 204 8.22 -26.80 -6.20
C PRO E 204 8.99 -26.01 -5.16
N LEU E 205 10.01 -25.27 -5.57
CA LEU E 205 10.85 -24.57 -4.59
C LEU E 205 10.12 -23.38 -3.98
N ILE E 206 9.24 -22.72 -4.72
CA ILE E 206 8.69 -21.46 -4.27
C ILE E 206 7.17 -21.53 -4.10
N VAL E 207 6.50 -22.30 -4.95
CA VAL E 207 5.06 -22.41 -4.85
C VAL E 207 4.64 -23.59 -3.97
N ALA E 208 5.15 -24.79 -4.27
CA ALA E 208 4.73 -25.95 -3.51
C ALA E 208 5.09 -25.82 -2.03
N VAL E 209 6.20 -25.13 -1.72
CA VAL E 209 6.66 -25.04 -0.34
C VAL E 209 5.66 -24.29 0.52
N THR E 210 4.91 -23.34 -0.06
CA THR E 210 4.00 -22.52 0.74
C THR E 210 2.93 -23.38 1.40
N GLU E 211 2.52 -24.47 0.75
CA GLU E 211 1.54 -25.36 1.37
C GLU E 211 2.14 -26.09 2.56
N TRP E 212 3.42 -26.44 2.46
CA TRP E 212 4.10 -27.04 3.61
C TRP E 212 4.23 -26.04 4.75
N ALA E 213 4.52 -24.77 4.42
CA ALA E 213 4.56 -23.73 5.44
C ALA E 213 3.21 -23.61 6.14
N SER E 214 2.12 -23.48 5.37
CA SER E 214 0.79 -23.33 5.95
C SER E 214 0.46 -24.50 6.87
N ALA E 215 0.77 -25.72 6.43
CA ALA E 215 0.48 -26.90 7.25
C ALA E 215 1.22 -26.84 8.59
N ASN E 216 2.35 -26.14 8.64
CA ASN E 216 3.15 -26.09 9.85
C ASN E 216 3.03 -24.77 10.60
N GLY E 217 2.01 -23.97 10.27
CA GLY E 217 1.71 -22.76 11.01
C GLY E 217 2.34 -21.51 10.48
N ASP E 218 3.02 -21.58 9.34
CA ASP E 218 3.79 -20.47 8.81
C ASP E 218 2.95 -19.80 7.73
N GLU E 219 2.40 -18.64 8.05
CA GLU E 219 1.67 -17.82 7.08
C GLU E 219 2.50 -16.64 6.60
N ILE E 220 3.72 -16.49 7.11
CA ILE E 220 4.64 -15.48 6.61
C ILE E 220 5.14 -15.85 5.23
N THR E 221 5.64 -17.08 5.08
CA THR E 221 6.22 -17.51 3.82
C THR E 221 5.22 -17.54 2.66
N PRO E 222 4.00 -18.04 2.81
CA PRO E 222 3.04 -17.94 1.67
C PRO E 222 2.82 -16.53 1.21
N THR E 223 2.63 -15.60 2.15
CA THR E 223 2.46 -14.19 1.83
C THR E 223 3.54 -13.69 0.87
N VAL E 224 4.80 -13.98 1.18
CA VAL E 224 5.91 -13.46 0.39
C VAL E 224 6.19 -14.33 -0.83
N PHE E 225 6.31 -15.66 -0.64
CA PHE E 225 6.73 -16.52 -1.74
C PHE E 225 5.72 -16.56 -2.88
N LEU E 226 4.43 -16.53 -2.55
CA LEU E 226 3.43 -16.52 -3.62
C LEU E 226 3.47 -15.22 -4.41
N SER E 227 3.82 -14.11 -3.76
CA SER E 227 4.05 -12.88 -4.51
C SER E 227 5.32 -12.97 -5.35
N VAL E 228 6.35 -13.66 -4.83
CA VAL E 228 7.60 -13.82 -5.57
C VAL E 228 7.34 -14.45 -6.94
N GLU E 229 6.60 -15.56 -6.97
CA GLU E 229 6.46 -16.31 -8.22
C GLU E 229 5.61 -15.57 -9.25
N THR E 230 4.78 -14.60 -8.84
CA THR E 230 4.01 -13.83 -9.81
C THR E 230 4.92 -13.19 -10.86
N ASP E 231 6.17 -12.91 -10.50
CA ASP E 231 7.13 -12.36 -11.46
C ASP E 231 7.68 -13.41 -12.41
N GLU E 232 7.55 -14.71 -12.08
CA GLU E 232 8.22 -15.75 -12.85
C GLU E 232 7.61 -15.94 -14.22
N LEU E 233 6.33 -15.59 -14.39
CA LEU E 233 5.68 -15.74 -15.69
C LEU E 233 6.39 -14.95 -16.77
N ARG E 234 6.81 -13.73 -16.44
CA ARG E 234 7.58 -12.94 -17.38
C ARG E 234 8.92 -13.61 -17.68
N HIS E 235 9.56 -14.19 -16.65
CA HIS E 235 10.87 -14.78 -16.82
C HIS E 235 10.80 -16.02 -17.72
N MET E 236 9.90 -16.95 -17.39
CA MET E 236 9.68 -18.12 -18.25
C MET E 236 9.41 -17.69 -19.68
N ALA E 237 8.58 -16.65 -19.85
CA ALA E 237 8.25 -16.18 -21.19
C ALA E 237 9.49 -15.64 -21.91
N ASN E 238 10.31 -14.85 -21.20
CA ASN E 238 11.56 -14.38 -21.78
C ASN E 238 12.41 -15.54 -22.30
N GLY E 239 12.56 -16.58 -21.48
CA GLY E 239 13.43 -17.68 -21.85
C GLY E 239 12.87 -18.51 -22.99
N TYR E 240 11.54 -18.71 -23.01
CA TYR E 240 10.94 -19.45 -24.11
C TYR E 240 11.19 -18.77 -25.45
N GLN E 241 11.19 -17.44 -25.46
CA GLN E 241 11.40 -16.71 -26.71
C GLN E 241 12.77 -17.03 -27.31
N THR E 242 13.81 -17.03 -26.48
CA THR E 242 15.15 -17.32 -26.98
C THR E 242 15.28 -18.79 -27.40
N VAL E 243 14.66 -19.70 -26.64
CA VAL E 243 14.70 -21.11 -27.01
C VAL E 243 14.14 -21.32 -28.41
N VAL E 244 13.09 -20.57 -28.76
CA VAL E 244 12.51 -20.67 -30.10
C VAL E 244 13.52 -20.23 -31.16
N SER E 245 14.20 -19.12 -30.92
CA SER E 245 15.26 -18.69 -31.83
C SER E 245 16.33 -19.75 -31.97
N ILE E 246 16.71 -20.38 -30.85
CA ILE E 246 17.71 -21.43 -30.88
C ILE E 246 17.20 -22.62 -31.69
N ALA E 247 15.95 -23.03 -31.44
CA ALA E 247 15.40 -24.20 -32.12
C ALA E 247 15.26 -23.99 -33.62
N ASN E 248 15.07 -22.74 -34.05
CA ASN E 248 14.81 -22.45 -35.46
C ASN E 248 16.07 -22.34 -36.30
N ASP E 249 17.23 -22.16 -35.70
CA ASP E 249 18.48 -22.07 -36.43
C ASP E 249 19.23 -23.39 -36.33
N PRO E 250 19.47 -24.10 -37.44
CA PRO E 250 20.19 -25.39 -37.34
C PRO E 250 21.57 -25.27 -36.73
N ALA E 251 22.30 -24.18 -36.98
CA ALA E 251 23.65 -24.04 -36.44
C ALA E 251 23.64 -23.94 -34.93
N SER E 252 22.63 -23.31 -34.33
CA SER E 252 22.55 -23.19 -32.88
C SER E 252 21.75 -24.31 -32.24
N ALA E 253 20.81 -24.91 -32.96
CA ALA E 253 19.98 -25.96 -32.38
C ALA E 253 20.81 -27.20 -32.04
N LYS E 254 21.94 -27.41 -32.73
CA LYS E 254 22.79 -28.56 -32.47
C LYS E 254 23.45 -28.52 -31.09
N PHE E 255 23.43 -27.39 -30.39
CA PHE E 255 23.95 -27.29 -29.05
C PHE E 255 22.89 -27.43 -27.97
N LEU E 256 21.60 -27.38 -28.34
CA LEU E 256 20.54 -27.21 -27.36
C LEU E 256 20.41 -28.43 -26.45
N ASN E 257 20.43 -29.63 -27.02
CA ASN E 257 20.07 -30.82 -26.25
C ASN E 257 21.10 -31.14 -25.16
N THR E 258 22.39 -31.00 -25.47
CA THR E 258 23.40 -31.24 -24.43
C THR E 258 23.34 -30.17 -23.36
N ASP E 259 23.11 -28.92 -23.75
CA ASP E 259 22.95 -27.85 -22.77
C ASP E 259 21.75 -28.11 -21.87
N LEU E 260 20.63 -28.56 -22.45
CA LEU E 260 19.45 -28.88 -21.65
C LEU E 260 19.77 -29.99 -20.65
N ASN E 261 20.39 -31.07 -21.10
CA ASN E 261 20.67 -32.19 -20.20
C ASN E 261 21.60 -31.76 -19.08
N ASN E 262 22.68 -31.06 -19.43
CA ASN E 262 23.64 -30.61 -18.41
C ASN E 262 22.96 -29.71 -17.39
N ALA E 263 22.16 -28.75 -17.85
CA ALA E 263 21.43 -27.87 -16.95
C ALA E 263 20.49 -28.65 -16.05
N PHE E 264 19.75 -29.61 -16.63
CA PHE E 264 18.81 -30.38 -15.83
C PHE E 264 19.53 -31.18 -14.76
N TRP E 265 20.66 -31.80 -15.11
CA TRP E 265 21.36 -32.61 -14.13
C TRP E 265 22.00 -31.72 -13.06
N THR E 266 22.65 -30.64 -13.47
CA THR E 266 23.30 -29.74 -12.53
C THR E 266 22.32 -29.27 -11.46
N GLN E 267 21.12 -28.88 -11.88
CA GLN E 267 20.16 -28.36 -10.94
C GLN E 267 19.49 -29.47 -10.14
N GLN E 268 19.11 -30.58 -10.78
CA GLN E 268 18.43 -31.64 -10.03
C GLN E 268 19.37 -32.31 -9.02
N LYS E 269 20.67 -32.37 -9.33
CA LYS E 269 21.60 -33.12 -8.48
C LYS E 269 21.57 -32.62 -7.04
N TYR E 270 21.44 -31.32 -6.84
CA TYR E 270 21.33 -30.73 -5.51
C TYR E 270 19.89 -30.42 -5.12
N PHE E 271 19.09 -29.88 -6.03
CA PHE E 271 17.72 -29.49 -5.70
C PHE E 271 16.93 -30.68 -5.15
N THR E 272 16.99 -31.81 -5.85
CA THR E 272 16.21 -32.99 -5.53
C THR E 272 16.49 -33.48 -4.11
N PRO E 273 17.73 -33.84 -3.74
CA PRO E 273 17.91 -34.34 -2.36
C PRO E 273 17.76 -33.25 -1.31
N VAL E 274 18.21 -32.02 -1.58
CA VAL E 274 18.23 -31.00 -0.54
C VAL E 274 16.81 -30.52 -0.21
N LEU E 275 16.02 -30.21 -1.25
CA LEU E 275 14.66 -29.75 -1.00
C LEU E 275 13.79 -30.86 -0.43
N GLY E 276 13.92 -32.08 -0.95
CA GLY E 276 13.19 -33.20 -0.37
C GLY E 276 13.53 -33.41 1.09
N TYR E 277 14.80 -33.23 1.45
CA TYR E 277 15.21 -33.34 2.84
C TYR E 277 14.56 -32.25 3.69
N LEU E 278 14.60 -30.99 3.22
CA LEU E 278 14.05 -29.89 4.01
C LEU E 278 12.53 -30.03 4.15
N PHE E 279 11.84 -30.49 3.11
CA PHE E 279 10.39 -30.67 3.18
C PHE E 279 10.02 -31.75 4.20
N GLU E 280 10.56 -32.96 4.03
CA GLU E 280 10.10 -34.09 4.83
C GLU E 280 10.71 -34.13 6.22
N TYR E 281 12.00 -33.81 6.34
CA TYR E 281 12.65 -33.85 7.65
C TYR E 281 12.60 -32.53 8.40
N GLY E 282 12.43 -31.41 7.69
CA GLY E 282 12.30 -30.13 8.36
C GLY E 282 10.85 -29.70 8.54
N SER E 283 9.95 -30.66 8.68
CA SER E 283 8.55 -30.37 8.97
C SER E 283 8.04 -31.37 9.99
N LYS E 284 6.94 -31.01 10.65
CA LYS E 284 6.17 -31.98 11.41
C LYS E 284 5.06 -32.56 10.53
N PHE E 285 4.15 -31.70 10.07
CA PHE E 285 3.05 -32.13 9.21
C PHE E 285 3.51 -32.13 7.76
N LYS E 286 3.38 -33.26 7.09
CA LYS E 286 3.78 -33.42 5.70
C LYS E 286 2.58 -33.22 4.80
N VAL E 287 2.81 -32.56 3.66
CA VAL E 287 1.74 -32.36 2.69
C VAL E 287 1.54 -33.60 1.84
N GLU E 288 2.63 -34.14 1.31
CA GLU E 288 2.61 -35.34 0.48
C GLU E 288 4.04 -35.87 0.40
N PRO E 289 4.23 -37.11 -0.06
CA PRO E 289 5.60 -37.60 -0.24
C PRO E 289 6.35 -36.73 -1.25
N TRP E 290 7.59 -36.39 -0.91
CA TRP E 290 8.40 -35.53 -1.78
C TRP E 290 8.51 -36.09 -3.18
N VAL E 291 8.65 -37.42 -3.31
CA VAL E 291 8.78 -38.02 -4.63
C VAL E 291 7.51 -37.83 -5.45
N LYS E 292 6.36 -37.63 -4.79
CA LYS E 292 5.14 -37.29 -5.54
C LYS E 292 5.15 -35.83 -5.98
N THR E 293 5.62 -34.92 -5.12
CA THR E 293 5.77 -33.52 -5.52
C THR E 293 6.69 -33.41 -6.73
N TRP E 294 7.82 -34.12 -6.68
CA TRP E 294 8.75 -34.16 -7.79
C TRP E 294 8.10 -34.71 -9.05
N ASN E 295 7.45 -35.87 -8.93
CA ASN E 295 6.80 -36.49 -10.08
C ASN E 295 5.74 -35.57 -10.69
N ARG E 296 4.95 -34.91 -9.84
CA ARG E 296 3.90 -34.02 -10.34
C ARG E 296 4.49 -32.82 -11.07
N TRP E 297 5.41 -32.10 -10.43
CA TRP E 297 5.92 -30.85 -10.99
C TRP E 297 7.07 -31.05 -11.96
N VAL E 298 8.03 -31.92 -11.64
CA VAL E 298 9.22 -32.06 -12.47
C VAL E 298 8.97 -33.00 -13.63
N TYR E 299 8.54 -34.23 -13.34
CA TYR E 299 8.50 -35.25 -14.38
C TYR E 299 7.30 -35.06 -15.30
N GLU E 300 6.10 -34.96 -14.73
CA GLU E 300 4.91 -34.97 -15.57
C GLU E 300 4.60 -33.59 -16.15
N ASP E 301 4.55 -32.56 -15.31
CA ASP E 301 4.08 -31.27 -15.79
C ASP E 301 5.16 -30.52 -16.57
N TRP E 302 6.33 -30.28 -15.96
CA TRP E 302 7.39 -29.63 -16.71
C TRP E 302 7.89 -30.51 -17.84
N GLY E 303 8.15 -31.78 -17.55
CA GLY E 303 8.66 -32.69 -18.56
C GLY E 303 7.69 -32.89 -19.71
N GLY E 304 6.40 -32.88 -19.42
CA GLY E 304 5.38 -33.10 -20.43
C GLY E 304 4.90 -31.84 -21.14
N ILE E 305 4.65 -30.79 -20.36
CA ILE E 305 4.12 -29.55 -20.96
C ILE E 305 5.22 -28.75 -21.63
N TRP E 306 6.43 -28.75 -21.06
CA TRP E 306 7.54 -28.01 -21.68
C TRP E 306 8.39 -28.91 -22.58
N ILE E 307 8.94 -30.00 -22.02
CA ILE E 307 9.94 -30.76 -22.75
C ILE E 307 9.28 -31.74 -23.72
N GLY E 308 8.24 -32.43 -23.27
CA GLY E 308 7.53 -33.34 -24.16
C GLY E 308 6.91 -32.65 -25.35
N ARG E 309 6.36 -31.45 -25.15
CA ARG E 309 5.82 -30.67 -26.26
C ARG E 309 6.92 -30.24 -27.21
N LEU E 310 8.05 -29.78 -26.67
CA LEU E 310 9.19 -29.39 -27.49
C LEU E 310 9.81 -30.56 -28.24
N GLY E 311 9.49 -31.80 -27.86
CA GLY E 311 9.98 -32.95 -28.60
C GLY E 311 9.53 -32.97 -30.05
N LYS E 312 8.39 -32.33 -30.34
CA LYS E 312 7.96 -32.15 -31.71
C LYS E 312 8.99 -31.41 -32.56
N TYR E 313 9.97 -30.75 -31.93
CA TYR E 313 10.93 -29.91 -32.63
C TYR E 313 12.37 -30.30 -32.29
N GLY E 314 12.60 -31.57 -31.99
CA GLY E 314 13.93 -32.10 -31.83
C GLY E 314 14.51 -32.04 -30.43
N VAL E 315 13.82 -31.40 -29.49
CA VAL E 315 14.31 -31.36 -28.12
C VAL E 315 14.10 -32.72 -27.47
N GLU E 316 15.16 -33.27 -26.88
CA GLU E 316 15.15 -34.63 -26.36
C GLU E 316 14.91 -34.65 -24.87
N SER E 317 14.17 -35.66 -24.41
CA SER E 317 14.09 -35.95 -22.99
C SER E 317 15.49 -36.12 -22.42
N PRO E 318 15.81 -35.48 -21.30
CA PRO E 318 17.19 -35.51 -20.79
C PRO E 318 17.67 -36.93 -20.49
N ALA E 319 18.82 -37.29 -21.04
CA ALA E 319 19.36 -38.63 -20.86
C ALA E 319 19.58 -38.97 -19.39
N SER E 320 19.75 -37.95 -18.55
CA SER E 320 19.97 -38.15 -17.12
C SER E 320 18.68 -38.34 -16.32
N LEU E 321 17.53 -38.37 -17.00
CA LEU E 321 16.26 -38.41 -16.28
C LEU E 321 16.13 -39.68 -15.44
N ARG E 322 16.45 -40.84 -16.01
CA ARG E 322 16.37 -42.09 -15.26
C ARG E 322 17.18 -42.01 -13.97
N ASP E 323 18.43 -41.54 -14.07
CA ASP E 323 19.23 -41.32 -12.87
C ASP E 323 18.56 -40.30 -11.96
N ALA E 324 17.96 -39.26 -12.52
CA ALA E 324 17.33 -38.24 -11.69
C ALA E 324 16.14 -38.80 -10.92
N LYS E 325 15.31 -39.62 -11.57
CA LYS E 325 14.15 -40.17 -10.89
C LYS E 325 14.56 -41.05 -9.71
N ARG E 326 15.70 -41.74 -9.82
CA ARG E 326 16.20 -42.49 -8.68
C ARG E 326 16.58 -41.56 -7.53
N ASP E 327 17.16 -40.41 -7.84
CA ASP E 327 17.43 -39.42 -6.80
C ASP E 327 16.13 -38.92 -6.17
N ALA E 328 15.08 -38.77 -6.98
CA ALA E 328 13.82 -38.27 -6.46
C ALA E 328 13.25 -39.21 -5.40
N TYR E 329 13.53 -40.50 -5.49
CA TYR E 329 12.94 -41.46 -4.56
C TYR E 329 13.77 -41.64 -3.30
N TRP E 330 15.09 -41.61 -3.40
CA TRP E 330 15.95 -41.95 -2.26
C TRP E 330 16.95 -40.87 -1.86
N ALA E 331 17.35 -39.96 -2.77
CA ALA E 331 18.53 -39.15 -2.51
C ALA E 331 18.34 -38.23 -1.30
N HIS E 332 17.13 -37.75 -1.07
CA HIS E 332 16.90 -36.87 0.07
C HIS E 332 17.00 -37.62 1.39
N HIS E 333 16.69 -38.92 1.39
CA HIS E 333 16.95 -39.72 2.58
C HIS E 333 18.44 -39.92 2.80
N ASP E 334 19.19 -40.14 1.70
CA ASP E 334 20.64 -40.18 1.78
C ASP E 334 21.18 -38.90 2.39
N LEU E 335 20.72 -37.76 1.88
CA LEU E 335 21.16 -36.46 2.37
C LEU E 335 20.90 -36.32 3.87
N ALA E 336 19.73 -36.80 4.32
CA ALA E 336 19.36 -36.67 5.72
C ALA E 336 20.41 -37.29 6.64
N LEU E 337 20.96 -38.44 6.25
CA LEU E 337 22.04 -39.05 7.04
C LEU E 337 23.21 -38.08 7.18
N ALA E 338 23.65 -37.49 6.07
CA ALA E 338 24.76 -36.55 6.12
C ALA E 338 24.37 -35.29 6.91
N ALA E 339 23.15 -34.79 6.72
CA ALA E 339 22.74 -33.56 7.39
C ALA E 339 22.63 -33.77 8.90
N TYR E 340 22.04 -34.89 9.32
CA TYR E 340 21.93 -35.16 10.75
C TYR E 340 23.30 -35.43 11.37
N ALA E 341 24.18 -36.15 10.66
CA ALA E 341 25.47 -36.52 11.22
C ALA E 341 26.39 -35.31 11.38
N MET E 342 26.29 -34.33 10.49
CA MET E 342 27.16 -33.15 10.53
C MET E 342 26.42 -31.91 11.03
N TRP E 343 25.37 -32.09 11.86
CA TRP E 343 24.51 -31.01 12.32
C TRP E 343 25.27 -29.83 12.94
N PRO E 344 26.40 -30.01 13.64
CA PRO E 344 27.08 -28.83 14.23
C PRO E 344 27.59 -27.83 13.21
N LEU E 345 27.71 -28.21 11.95
CA LEU E 345 28.22 -27.29 10.94
C LEU E 345 27.14 -26.43 10.30
N GLY E 346 25.86 -26.69 10.60
CA GLY E 346 24.77 -25.92 10.04
C GLY E 346 24.45 -24.70 10.88
N PHE E 347 23.33 -24.05 10.52
CA PHE E 347 22.83 -22.93 11.32
C PHE E 347 21.35 -23.12 11.65
N ALA E 348 20.91 -24.37 11.76
CA ALA E 348 19.52 -24.68 12.01
C ALA E 348 19.45 -25.79 13.06
N ARG E 349 18.33 -25.83 13.79
CA ARG E 349 18.10 -26.83 14.82
C ARG E 349 17.27 -27.97 14.23
N LEU E 350 17.77 -29.19 14.36
CA LEU E 350 17.22 -30.36 13.68
C LEU E 350 16.37 -31.19 14.63
N ALA E 351 15.54 -32.05 14.06
CA ALA E 351 14.64 -32.91 14.83
C ALA E 351 14.62 -34.29 14.21
N LEU E 352 15.10 -35.28 14.95
CA LEU E 352 15.01 -36.66 14.51
C LEU E 352 13.54 -37.05 14.29
N PRO E 353 13.24 -37.87 13.28
CA PRO E 353 11.85 -38.26 13.04
C PRO E 353 11.26 -38.98 14.23
N ASP E 354 10.04 -38.59 14.62
CA ASP E 354 9.39 -39.24 15.73
C ASP E 354 8.66 -40.48 15.23
N GLU E 355 7.95 -41.17 16.15
CA GLU E 355 7.26 -42.40 15.80
C GLU E 355 6.27 -42.20 14.68
N GLU E 356 5.50 -41.11 14.74
N GLU E 356 5.50 -41.11 14.72
CA GLU E 356 4.54 -40.82 13.66
CA GLU E 356 4.54 -40.84 13.66
C GLU E 356 5.28 -40.55 12.36
C GLU E 356 5.25 -40.51 12.35
N ASP E 357 6.40 -39.82 12.42
CA ASP E 357 7.18 -39.54 11.23
C ASP E 357 7.73 -40.82 10.63
N GLN E 358 8.28 -41.69 11.47
CA GLN E 358 8.85 -42.95 10.99
C GLN E 358 7.78 -43.80 10.30
N ALA E 359 6.59 -43.89 10.89
CA ALA E 359 5.51 -44.65 10.25
C ALA E 359 5.16 -44.05 8.89
N TRP E 360 5.14 -42.72 8.80
CA TRP E 360 4.89 -42.06 7.53
C TRP E 360 5.99 -42.38 6.52
N PHE E 361 7.26 -42.26 6.94
CA PHE E 361 8.38 -42.53 6.03
C PHE E 361 8.32 -43.96 5.50
N GLU E 362 8.05 -44.94 6.36
CA GLU E 362 8.05 -46.33 5.92
C GLU E 362 6.86 -46.65 5.03
N ALA E 363 5.70 -46.03 5.29
CA ALA E 363 4.53 -46.31 4.46
C ALA E 363 4.71 -45.76 3.05
N ASN E 364 5.40 -44.64 2.90
CA ASN E 364 5.55 -44.00 1.61
C ASN E 364 6.85 -44.33 0.90
N TYR E 365 7.86 -44.80 1.63
CA TYR E 365 9.13 -45.25 1.04
C TYR E 365 9.47 -46.59 1.68
N PRO E 366 8.81 -47.67 1.26
CA PRO E 366 9.03 -48.97 1.91
C PRO E 366 10.50 -49.35 1.88
N GLY E 367 11.01 -49.77 3.05
CA GLY E 367 12.43 -49.99 3.23
C GLY E 367 13.14 -48.90 3.99
N TRP E 368 12.49 -47.75 4.20
CA TRP E 368 13.08 -46.67 4.97
C TRP E 368 13.37 -47.11 6.40
N ALA E 369 12.45 -47.89 7.00
CA ALA E 369 12.60 -48.27 8.40
C ALA E 369 13.83 -49.12 8.65
N ASP E 370 14.11 -50.05 7.74
CA ASP E 370 15.26 -50.94 7.93
C ASP E 370 16.59 -50.29 7.62
N HIS E 371 16.61 -49.24 6.79
CA HIS E 371 17.87 -48.62 6.42
C HIS E 371 18.10 -47.33 7.21
N TYR E 372 17.33 -46.30 6.93
CA TYR E 372 17.54 -45.03 7.61
C TYR E 372 16.98 -45.03 9.02
N GLY E 373 15.82 -45.67 9.23
CA GLY E 373 15.18 -45.61 10.53
C GLY E 373 16.03 -46.21 11.63
N LYS E 374 16.61 -47.38 11.38
CA LYS E 374 17.44 -48.03 12.39
C LYS E 374 18.62 -47.15 12.78
N ILE E 375 19.21 -46.46 11.80
CA ILE E 375 20.37 -45.62 12.08
C ILE E 375 19.98 -44.45 12.96
N PHE E 376 18.87 -43.77 12.62
CA PHE E 376 18.40 -42.65 13.43
C PHE E 376 18.08 -43.08 14.85
N ASN E 377 17.43 -44.24 15.00
N ASN E 377 17.45 -44.26 15.00
CA ASN E 377 17.11 -44.75 16.32
CA ASN E 377 17.12 -44.70 16.35
C ASN E 377 18.37 -45.06 17.12
C ASN E 377 18.36 -45.10 17.14
N GLU E 378 19.38 -45.65 16.46
CA GLU E 378 20.64 -45.94 17.14
C GLU E 378 21.36 -44.67 17.56
N TRP E 379 21.37 -43.66 16.69
CA TRP E 379 21.97 -42.37 17.06
C TRP E 379 21.28 -41.75 18.28
N LYS E 380 19.95 -41.83 18.33
CA LYS E 380 19.22 -41.28 19.49
C LYS E 380 19.60 -42.02 20.77
N LYS E 381 19.65 -43.35 20.71
CA LYS E 381 20.06 -44.12 21.87
C LYS E 381 21.51 -43.84 22.26
N LEU E 382 22.34 -43.41 21.29
CA LEU E 382 23.72 -43.05 21.58
C LEU E 382 23.85 -41.66 22.20
N GLY E 383 22.80 -40.84 22.17
CA GLY E 383 22.83 -39.53 22.80
C GLY E 383 22.87 -38.39 21.81
N TYR E 384 22.27 -38.59 20.63
CA TYR E 384 22.29 -37.57 19.58
C TYR E 384 21.84 -36.21 20.08
N GLU E 385 20.82 -36.16 20.93
CA GLU E 385 20.22 -34.91 21.38
C GLU E 385 20.85 -34.35 22.65
N ASP E 386 21.60 -35.18 23.39
CA ASP E 386 22.01 -34.89 24.75
C ASP E 386 23.38 -34.23 24.76
N PRO E 387 23.49 -32.98 25.21
CA PRO E 387 24.79 -32.29 25.16
C PRO E 387 25.89 -32.95 25.99
N LYS E 388 25.52 -33.72 27.02
CA LYS E 388 26.50 -34.37 27.88
C LYS E 388 26.93 -35.75 27.38
N SER E 389 26.43 -36.17 26.21
CA SER E 389 26.69 -37.51 25.70
C SER E 389 28.06 -37.67 25.06
N GLY E 390 28.68 -36.59 24.60
CA GLY E 390 29.93 -36.68 23.87
C GLY E 390 29.80 -37.35 22.51
N PHE E 391 28.57 -37.50 22.00
CA PHE E 391 28.33 -38.24 20.76
C PHE E 391 27.96 -37.30 19.62
N ILE E 392 28.67 -37.42 18.51
CA ILE E 392 28.32 -36.76 17.26
C ILE E 392 28.38 -37.80 16.16
N PRO E 393 27.33 -37.95 15.33
CA PRO E 393 27.28 -39.10 14.42
C PRO E 393 28.34 -39.08 13.33
N TYR E 394 28.92 -37.93 12.98
CA TYR E 394 29.94 -37.95 11.92
C TYR E 394 31.12 -38.83 12.32
N GLN E 395 31.57 -38.73 13.57
CA GLN E 395 32.62 -39.61 14.06
C GLN E 395 32.19 -41.08 13.98
N TRP E 396 30.92 -41.34 14.28
CA TRP E 396 30.39 -42.70 14.21
C TRP E 396 30.42 -43.21 12.78
N LEU E 397 30.08 -42.36 11.81
CA LEU E 397 30.17 -42.75 10.41
C LEU E 397 31.60 -43.17 10.06
N LEU E 398 32.58 -42.37 10.44
CA LEU E 398 33.98 -42.68 10.14
C LEU E 398 34.39 -44.00 10.78
N ALA E 399 34.04 -44.21 12.05
CA ALA E 399 34.41 -45.43 12.74
C ALA E 399 33.76 -46.67 12.14
N ASN E 400 32.66 -46.52 11.42
CA ASN E 400 31.98 -47.66 10.79
C ASN E 400 32.20 -47.69 9.28
N GLY E 401 33.21 -46.96 8.78
CA GLY E 401 33.53 -47.01 7.37
C GLY E 401 32.53 -46.34 6.46
N HIS E 402 31.66 -45.48 6.99
CA HIS E 402 30.70 -44.75 6.16
C HIS E 402 31.24 -43.35 5.85
N ASP E 403 32.32 -43.34 5.08
CA ASP E 403 32.98 -42.10 4.74
C ASP E 403 32.06 -41.17 3.96
N VAL E 404 32.19 -39.88 4.22
CA VAL E 404 31.48 -38.83 3.49
C VAL E 404 32.46 -38.19 2.51
N TYR E 405 32.07 -38.13 1.24
CA TYR E 405 32.86 -37.52 0.18
C TYR E 405 32.10 -36.35 -0.40
N ILE E 406 32.85 -35.37 -0.92
CA ILE E 406 32.29 -34.20 -1.57
C ILE E 406 32.55 -34.30 -3.06
N ASP E 407 31.49 -34.35 -3.85
CA ASP E 407 31.63 -34.33 -5.31
C ASP E 407 32.31 -33.04 -5.74
N ARG E 408 33.40 -33.16 -6.50
CA ARG E 408 34.18 -31.98 -6.90
C ARG E 408 33.39 -31.04 -7.81
N VAL E 409 32.35 -31.54 -8.47
CA VAL E 409 31.58 -30.71 -9.39
C VAL E 409 30.37 -30.10 -8.67
N SER E 410 29.47 -30.95 -8.14
CA SER E 410 28.23 -30.46 -7.58
C SER E 410 28.34 -30.02 -6.11
N GLN E 411 29.39 -30.43 -5.42
CA GLN E 411 29.61 -30.19 -3.99
C GLN E 411 28.63 -30.96 -3.12
N VAL E 412 27.78 -31.81 -3.69
CA VAL E 412 26.80 -32.57 -2.92
C VAL E 412 27.51 -33.68 -2.15
N PRO E 413 27.21 -33.87 -0.87
CA PRO E 413 27.82 -34.98 -0.13
C PRO E 413 27.37 -36.33 -0.66
N PHE E 414 28.24 -37.33 -0.50
CA PHE E 414 27.96 -38.67 -0.99
C PHE E 414 28.51 -39.68 0.03
N ILE E 415 27.64 -40.55 0.52
CA ILE E 415 28.03 -41.62 1.44
C ILE E 415 27.81 -42.94 0.73
N PRO E 416 28.78 -43.39 -0.08
CA PRO E 416 28.52 -44.55 -0.97
C PRO E 416 28.12 -45.82 -0.24
N SER E 417 28.58 -46.02 1.00
CA SER E 417 28.25 -47.25 1.73
C SER E 417 26.83 -47.25 2.27
N LEU E 418 26.13 -46.11 2.24
CA LEU E 418 24.76 -46.03 2.74
C LEU E 418 23.77 -45.50 1.72
N ALA E 419 24.25 -44.86 0.65
CA ALA E 419 23.34 -44.23 -0.31
C ALA E 419 22.53 -45.27 -1.06
N LYS E 420 21.22 -45.00 -1.18
CA LYS E 420 20.37 -45.73 -2.10
C LYS E 420 20.07 -44.96 -3.37
N GLY E 421 20.32 -43.65 -3.39
CA GLY E 421 20.16 -42.86 -4.58
C GLY E 421 21.25 -43.12 -5.60
N THR E 422 21.23 -42.30 -6.65
CA THR E 422 22.15 -42.50 -7.78
C THR E 422 23.56 -42.05 -7.39
N GLY E 423 24.54 -42.90 -7.66
CA GLY E 423 25.92 -42.47 -7.50
C GLY E 423 26.86 -43.65 -7.35
N SER E 424 28.12 -43.37 -7.67
CA SER E 424 29.21 -44.31 -7.47
C SER E 424 30.51 -43.52 -7.39
N LEU E 425 31.36 -43.85 -6.43
CA LEU E 425 32.58 -43.08 -6.20
C LEU E 425 33.61 -43.34 -7.30
N ARG E 426 34.10 -42.26 -7.90
CA ARG E 426 35.28 -42.29 -8.76
C ARG E 426 36.31 -41.36 -8.15
N VAL E 427 37.52 -41.86 -7.93
CA VAL E 427 38.59 -41.08 -7.33
C VAL E 427 39.76 -41.05 -8.31
N HIS E 428 40.04 -39.88 -8.86
CA HIS E 428 41.16 -39.68 -9.76
C HIS E 428 42.21 -38.78 -9.11
N GLU E 429 43.47 -39.02 -9.47
CA GLU E 429 44.54 -38.09 -9.20
C GLU E 429 44.95 -37.42 -10.51
N PHE E 430 45.08 -36.10 -10.48
CA PHE E 430 45.50 -35.34 -11.65
C PHE E 430 46.46 -34.25 -11.19
N ASN E 431 47.68 -34.27 -11.73
CA ASN E 431 48.68 -33.26 -11.42
C ASN E 431 48.93 -33.17 -9.91
N GLY E 432 48.96 -34.32 -9.25
CA GLY E 432 49.25 -34.37 -7.84
C GLY E 432 48.10 -33.98 -6.92
N LYS E 433 46.88 -34.01 -7.42
CA LYS E 433 45.71 -33.65 -6.63
C LYS E 433 44.66 -34.73 -6.81
N LYS E 434 44.07 -35.19 -5.71
CA LYS E 434 43.03 -36.20 -5.76
C LYS E 434 41.65 -35.57 -5.84
N HIS E 435 40.77 -36.17 -6.65
CA HIS E 435 39.44 -35.64 -6.90
C HIS E 435 38.42 -36.76 -6.77
N SER E 436 37.33 -36.49 -6.05
CA SER E 436 36.24 -37.45 -5.90
C SER E 436 35.04 -36.98 -6.70
N LEU E 437 34.59 -37.81 -7.65
CA LEU E 437 33.40 -37.59 -8.45
C LEU E 437 32.39 -38.67 -8.10
N THR E 438 31.11 -38.39 -8.34
CA THR E 438 30.05 -39.26 -7.85
C THR E 438 29.02 -39.72 -8.86
N ASP E 439 29.05 -39.23 -10.11
CA ASP E 439 28.12 -39.72 -11.11
C ASP E 439 28.70 -39.53 -12.51
N ASP E 440 28.05 -40.18 -13.49
CA ASP E 440 28.54 -40.16 -14.87
C ASP E 440 28.45 -38.78 -15.50
N TRP E 441 27.45 -37.99 -15.14
CA TRP E 441 27.27 -36.70 -15.79
C TRP E 441 28.24 -35.66 -15.26
N GLY E 442 28.45 -35.65 -13.94
CA GLY E 442 29.43 -34.74 -13.37
C GLY E 442 30.85 -35.10 -13.75
N GLU E 443 31.16 -36.41 -13.78
CA GLU E 443 32.53 -36.81 -14.10
C GLU E 443 32.90 -36.40 -15.51
N ARG E 444 31.97 -36.52 -16.46
CA ARG E 444 32.22 -36.02 -17.80
C ARG E 444 32.50 -34.52 -17.79
N GLN E 445 31.69 -33.76 -17.04
CA GLN E 445 31.92 -32.32 -16.93
C GLN E 445 33.30 -32.02 -16.37
N TRP E 446 33.74 -32.77 -15.37
CA TRP E 446 35.04 -32.51 -14.78
C TRP E 446 36.17 -32.97 -15.69
N LEU E 447 36.01 -34.12 -16.35
CA LEU E 447 37.07 -34.63 -17.22
C LEU E 447 37.29 -33.71 -18.41
N ILE E 448 36.22 -33.13 -18.95
CA ILE E 448 36.37 -32.25 -20.10
C ILE E 448 36.75 -30.83 -19.68
N GLU E 449 36.28 -30.36 -18.53
CA GLU E 449 36.40 -28.95 -18.15
C GLU E 449 37.00 -28.80 -16.75
N PRO E 450 38.18 -29.37 -16.51
CA PRO E 450 38.72 -29.35 -15.13
C PRO E 450 38.96 -27.95 -14.58
N GLU E 451 39.25 -26.97 -15.43
CA GLU E 451 39.52 -25.61 -14.96
C GLU E 451 38.25 -24.83 -14.66
N ARG E 452 37.08 -25.41 -14.92
CA ARG E 452 35.84 -24.82 -14.44
C ARG E 452 35.48 -25.26 -13.03
N TYR E 453 36.10 -26.35 -12.53
CA TYR E 453 35.67 -27.03 -11.31
C TYR E 453 36.85 -27.25 -10.37
N GLU E 454 37.25 -26.18 -9.68
CA GLU E 454 38.36 -26.21 -8.73
C GLU E 454 37.92 -25.82 -7.31
N CYS E 455 36.69 -26.19 -6.93
CA CYS E 455 36.13 -25.72 -5.67
C CYS E 455 36.71 -26.50 -4.49
N HIS E 456 37.33 -25.80 -3.55
CA HIS E 456 37.78 -26.43 -2.31
C HIS E 456 36.58 -26.95 -1.54
N ASN E 457 36.71 -28.13 -0.94
CA ASN E 457 35.66 -28.66 -0.08
C ASN E 457 36.00 -28.47 1.40
N VAL E 458 35.02 -28.77 2.25
CA VAL E 458 35.17 -28.51 3.67
C VAL E 458 36.31 -29.32 4.26
N PHE E 459 36.54 -30.54 3.75
CA PHE E 459 37.60 -31.37 4.29
C PHE E 459 38.97 -30.82 3.91
N GLU E 460 39.09 -30.26 2.71
CA GLU E 460 40.34 -29.63 2.31
C GLU E 460 40.63 -28.38 3.15
N GLN E 461 39.60 -27.58 3.44
CA GLN E 461 39.82 -26.37 4.23
C GLN E 461 40.00 -26.68 5.71
N TYR E 462 39.25 -27.64 6.24
CA TYR E 462 39.22 -27.91 7.67
C TYR E 462 40.13 -29.05 8.09
N GLU E 463 40.94 -29.59 7.19
CA GLU E 463 41.68 -30.82 7.47
C GLU E 463 42.49 -30.69 8.75
N GLY E 464 42.34 -31.68 9.63
CA GLY E 464 43.08 -31.71 10.87
C GLY E 464 42.53 -30.81 11.97
N ARG E 465 41.51 -30.01 11.69
CA ARG E 465 41.01 -29.07 12.68
C ARG E 465 39.85 -29.66 13.46
N GLU E 466 39.76 -29.29 14.73
CA GLU E 466 38.70 -29.80 15.59
C GLU E 466 37.40 -29.04 15.33
N LEU E 467 36.29 -29.75 15.50
CA LEU E 467 34.98 -29.25 15.09
C LEU E 467 34.65 -27.90 15.72
N SER E 468 34.75 -27.80 17.05
CA SER E 468 34.32 -26.59 17.74
C SER E 468 35.17 -25.38 17.34
N GLU E 469 36.44 -25.60 17.01
N GLU E 469 36.44 -25.61 17.00
CA GLU E 469 37.29 -24.48 16.59
CA GLU E 469 37.30 -24.50 16.59
C GLU E 469 36.83 -23.92 15.26
C GLU E 469 36.85 -23.93 15.25
N VAL E 470 36.49 -24.79 14.31
CA VAL E 470 35.96 -24.33 13.03
C VAL E 470 34.67 -23.55 13.25
N ILE E 471 33.80 -24.08 14.11
CA ILE E 471 32.50 -23.43 14.37
C ILE E 471 32.70 -22.08 15.04
N ALA E 472 33.60 -22.02 16.03
CA ALA E 472 33.84 -20.76 16.73
C ALA E 472 34.41 -19.73 15.77
N GLU E 473 35.36 -20.14 14.93
CA GLU E 473 35.97 -19.23 13.97
C GLU E 473 34.92 -18.68 13.00
N GLY E 474 33.98 -19.53 12.57
CA GLY E 474 32.95 -19.08 11.66
C GLY E 474 31.79 -18.32 12.27
N HIS E 475 31.85 -18.05 13.59
CA HIS E 475 30.80 -17.33 14.31
C HIS E 475 29.50 -18.14 14.40
N GLY E 476 29.60 -19.46 14.54
CA GLY E 476 28.41 -20.28 14.58
C GLY E 476 27.79 -20.37 15.97
N VAL E 477 27.80 -19.26 16.71
CA VAL E 477 27.31 -19.25 18.07
C VAL E 477 26.23 -18.18 18.22
N ARG E 478 25.46 -18.33 19.31
CA ARG E 478 24.44 -17.37 19.69
C ARG E 478 25.11 -16.16 20.36
N SER E 479 24.29 -15.22 20.85
N SER E 479 24.29 -15.22 20.85
CA SER E 479 24.80 -13.98 21.37
CA SER E 479 24.82 -13.96 21.35
C SER E 479 25.74 -14.19 22.56
C SER E 479 25.66 -14.14 22.62
N ASP E 480 25.54 -15.26 23.33
CA ASP E 480 26.37 -15.49 24.49
C ASP E 480 27.79 -15.94 24.14
N GLY E 481 28.08 -16.11 22.85
CA GLY E 481 29.41 -16.49 22.42
C GLY E 481 29.76 -17.96 22.59
N LYS E 482 28.86 -18.77 23.17
CA LYS E 482 29.25 -20.16 23.42
C LYS E 482 28.20 -21.18 22.97
N THR E 483 26.92 -20.86 23.09
CA THR E 483 25.89 -21.80 22.66
C THR E 483 25.81 -21.83 21.14
N LEU E 484 25.76 -23.04 20.58
CA LEU E 484 25.72 -23.18 19.13
C LEU E 484 24.38 -22.71 18.57
N ILE E 485 24.43 -22.10 17.39
CA ILE E 485 23.20 -21.84 16.63
C ILE E 485 22.53 -23.17 16.30
N ALA E 486 23.25 -24.04 15.60
CA ALA E 486 22.75 -25.38 15.28
C ALA E 486 22.54 -26.20 16.56
N GLN E 487 21.60 -27.13 16.49
CA GLN E 487 21.26 -28.01 17.59
C GLN E 487 20.76 -29.33 17.03
N PRO E 488 20.92 -30.42 17.78
CA PRO E 488 20.36 -31.72 17.35
C PRO E 488 18.96 -32.01 17.86
N HIS E 489 18.25 -31.00 18.37
CA HIS E 489 16.86 -31.11 18.81
C HIS E 489 16.25 -29.72 18.73
N THR E 490 14.92 -29.66 18.85
CA THR E 490 14.21 -28.40 18.74
C THR E 490 13.57 -27.95 20.06
N ARG E 491 14.05 -28.47 21.19
N ARG E 491 14.07 -28.43 21.19
CA ARG E 491 13.53 -28.07 22.48
CA ARG E 491 13.50 -28.07 22.48
C ARG E 491 14.13 -26.74 22.91
C ARG E 491 14.29 -26.93 23.12
N GLY E 492 13.62 -26.22 24.02
CA GLY E 492 14.15 -25.02 24.64
C GLY E 492 15.18 -25.26 25.72
N ASP E 493 15.39 -26.51 26.12
CA ASP E 493 16.33 -26.87 27.17
C ASP E 493 17.51 -27.65 26.60
N ASN E 494 18.58 -27.74 27.39
CA ASN E 494 19.73 -28.59 27.08
C ASN E 494 20.29 -28.31 25.69
N LEU E 495 20.65 -27.05 25.47
CA LEU E 495 21.28 -26.67 24.21
C LEU E 495 22.78 -26.95 24.27
N TRP E 496 23.34 -27.29 23.11
CA TRP E 496 24.75 -27.60 23.02
C TRP E 496 25.58 -26.33 22.95
N THR E 497 26.73 -26.35 23.60
CA THR E 497 27.73 -25.29 23.55
C THR E 497 28.97 -25.79 22.82
N LEU E 498 29.93 -24.87 22.63
CA LEU E 498 31.19 -25.25 22.00
C LEU E 498 31.94 -26.31 22.81
N GLU E 499 31.84 -26.23 24.14
CA GLU E 499 32.51 -27.23 24.98
C GLU E 499 31.87 -28.60 24.85
N ASP E 500 30.55 -28.66 24.66
CA ASP E 500 29.90 -29.95 24.42
C ASP E 500 30.39 -30.57 23.12
N ILE E 501 30.55 -29.74 22.09
CA ILE E 501 31.09 -30.22 20.82
C ILE E 501 32.52 -30.70 21.02
N LYS E 502 33.34 -29.87 21.66
CA LYS E 502 34.76 -30.20 21.85
C LYS E 502 34.95 -31.50 22.61
N ARG E 503 34.03 -31.82 23.52
CA ARG E 503 34.14 -33.05 24.31
C ARG E 503 34.11 -34.29 23.41
N ALA E 504 33.50 -34.20 22.23
CA ALA E 504 33.45 -35.32 21.32
C ALA E 504 34.75 -35.55 20.56
N GLY E 505 35.64 -34.56 20.53
CA GLY E 505 36.94 -34.73 19.89
C GLY E 505 36.87 -35.02 18.40
N CYS E 506 35.91 -34.43 17.69
CA CYS E 506 35.77 -34.64 16.26
C CYS E 506 36.78 -33.79 15.50
N VAL E 507 37.61 -34.43 14.68
CA VAL E 507 38.63 -33.76 13.88
C VAL E 507 38.40 -34.12 12.42
N PHE E 508 38.51 -33.13 11.55
CA PHE E 508 38.19 -33.34 10.14
C PHE E 508 39.28 -34.19 9.48
N PRO E 509 38.91 -35.23 8.75
CA PRO E 509 39.91 -36.06 8.08
C PRO E 509 40.19 -35.60 6.66
N ASP E 510 41.02 -36.36 5.95
CA ASP E 510 41.17 -36.26 4.50
C ASP E 510 40.53 -37.50 3.91
N PRO E 511 39.28 -37.41 3.42
CA PRO E 511 38.59 -38.62 2.95
C PRO E 511 39.30 -39.37 1.84
N LEU E 512 40.10 -38.69 1.02
CA LEU E 512 40.79 -39.34 -0.08
C LEU E 512 42.19 -39.79 0.27
N ALA E 513 42.61 -39.63 1.53
CA ALA E 513 43.95 -40.04 1.93
C ALA E 513 44.17 -41.54 1.73
N LYS E 514 43.11 -42.34 1.84
CA LYS E 514 43.23 -43.78 1.77
C LYS E 514 43.37 -44.30 0.33
N PHE E 515 43.19 -43.45 -0.66
CA PHE E 515 43.31 -43.88 -2.05
C PHE E 515 44.70 -43.57 -2.61
N PRO F 1 -15.39 -33.22 -4.41
CA PRO F 1 -14.24 -33.65 -3.58
C PRO F 1 -12.95 -33.76 -4.39
N GLN F 2 -12.00 -32.86 -4.13
CA GLN F 2 -10.78 -32.81 -4.94
C GLN F 2 -9.90 -34.02 -4.65
N SER F 3 -9.02 -34.32 -5.62
CA SER F 3 -8.21 -35.53 -5.54
C SER F 3 -7.16 -35.46 -4.44
N SER F 4 -6.63 -34.27 -4.16
CA SER F 4 -5.57 -34.12 -3.18
C SER F 4 -6.12 -33.63 -1.84
N GLN F 5 -5.36 -33.90 -0.78
CA GLN F 5 -5.77 -33.53 0.56
C GLN F 5 -5.91 -32.01 0.69
N VAL F 6 -7.00 -31.57 1.32
CA VAL F 6 -7.16 -30.17 1.68
C VAL F 6 -6.38 -29.97 2.98
N THR F 7 -5.20 -29.36 2.87
CA THR F 7 -4.28 -29.28 3.99
C THR F 7 -4.84 -28.40 5.10
N LYS F 8 -4.74 -28.90 6.34
CA LYS F 8 -5.12 -28.11 7.50
C LYS F 8 -4.03 -27.08 7.79
N ARG F 9 -4.46 -25.86 8.12
CA ARG F 9 -3.54 -24.79 8.48
C ARG F 9 -3.14 -24.92 9.95
N GLY F 10 -1.83 -24.96 10.20
CA GLY F 10 -1.36 -25.00 11.57
C GLY F 10 -1.70 -23.76 12.37
N LEU F 11 -1.92 -22.63 11.69
CA LEU F 11 -2.27 -21.40 12.42
C LEU F 11 -3.70 -21.42 12.93
N THR F 12 -4.63 -22.06 12.20
CA THR F 12 -6.05 -22.01 12.56
C THR F 12 -6.68 -23.34 12.94
N ASP F 13 -6.11 -24.46 12.51
CA ASP F 13 -6.72 -25.76 12.83
C ASP F 13 -6.49 -26.11 14.29
N PRO F 14 -7.55 -26.39 15.06
CA PRO F 14 -7.36 -26.60 16.52
C PRO F 14 -6.35 -27.68 16.87
N GLU F 15 -6.35 -28.81 16.18
CA GLU F 15 -5.47 -29.91 16.55
C GLU F 15 -4.02 -29.60 16.22
N ARG F 16 -3.76 -29.05 15.03
CA ARG F 16 -2.38 -28.74 14.65
C ARG F 16 -1.85 -27.55 15.43
N ALA F 17 -2.71 -26.57 15.72
CA ALA F 17 -2.27 -25.44 16.54
C ALA F 17 -1.91 -25.89 17.95
N ALA F 18 -2.69 -26.82 18.51
CA ALA F 18 -2.39 -27.32 19.85
C ALA F 18 -1.09 -28.14 19.85
N ILE F 19 -0.84 -28.89 18.77
CA ILE F 19 0.42 -29.63 18.67
C ILE F 19 1.60 -28.66 18.56
N ILE F 20 1.44 -27.60 17.76
CA ILE F 20 2.51 -26.62 17.60
C ILE F 20 2.74 -25.86 18.90
N ALA F 21 1.67 -25.49 19.60
CA ALA F 21 1.81 -24.79 20.87
C ALA F 21 2.61 -25.62 21.87
N ALA F 22 2.42 -26.94 21.85
CA ALA F 22 3.13 -27.79 22.78
C ALA F 22 4.62 -27.85 22.46
N ALA F 23 4.98 -27.74 21.18
CA ALA F 23 6.38 -27.88 20.77
C ALA F 23 7.15 -26.57 20.85
N VAL F 24 6.47 -25.44 20.83
CA VAL F 24 7.17 -24.15 20.84
C VAL F 24 7.72 -23.88 22.25
N PRO F 25 9.00 -23.54 22.38
CA PRO F 25 9.53 -23.24 23.71
C PRO F 25 8.87 -22.04 24.35
N ASP F 26 8.78 -22.06 25.69
CA ASP F 26 8.17 -20.99 26.45
C ASP F 26 9.07 -19.77 26.62
N HIS F 27 10.18 -19.69 25.88
CA HIS F 27 11.11 -18.58 25.97
C HIS F 27 11.94 -18.53 24.70
N ALA F 28 12.42 -17.33 24.37
CA ALA F 28 13.26 -17.17 23.19
C ALA F 28 14.63 -17.82 23.41
N LEU F 29 15.16 -18.42 22.36
CA LEU F 29 16.44 -19.10 22.45
C LEU F 29 17.61 -18.16 22.21
N ASP F 30 17.34 -16.91 21.85
CA ASP F 30 18.38 -15.89 21.78
C ASP F 30 17.69 -14.53 21.82
N THR F 31 18.45 -13.52 22.26
CA THR F 31 17.91 -12.17 22.38
C THR F 31 18.30 -11.26 21.21
N GLN F 32 19.16 -11.72 20.31
CA GLN F 32 19.62 -10.90 19.19
C GLN F 32 18.60 -11.00 18.06
N ARG F 33 17.79 -9.95 17.92
CA ARG F 33 16.71 -9.95 16.95
C ARG F 33 16.97 -9.02 15.78
N LYS F 34 18.16 -8.43 15.71
CA LYS F 34 18.52 -7.51 14.63
C LYS F 34 19.06 -8.34 13.47
N TYR F 35 18.31 -8.37 12.37
CA TYR F 35 18.72 -9.12 11.19
C TYR F 35 20.07 -8.62 10.68
N HIS F 36 21.04 -9.54 10.59
CA HIS F 36 22.42 -9.25 10.21
C HIS F 36 22.98 -8.07 11.00
N TYR F 37 22.89 -8.21 12.32
CA TYR F 37 23.39 -7.27 13.30
C TYR F 37 24.87 -6.93 13.11
N PHE F 38 25.64 -7.76 12.42
CA PHE F 38 27.08 -7.55 12.33
C PHE F 38 27.47 -6.58 11.22
N ILE F 39 26.54 -6.19 10.34
CA ILE F 39 26.86 -5.20 9.32
C ILE F 39 27.31 -3.92 9.99
N GLN F 40 28.41 -3.37 9.51
CA GLN F 40 28.86 -2.08 10.01
C GLN F 40 27.91 -1.00 9.50
N PRO F 41 27.20 -0.29 10.38
CA PRO F 41 26.27 0.74 9.90
C PRO F 41 27.02 1.98 9.43
N ARG F 42 26.51 2.57 8.37
CA ARG F 42 27.07 3.83 7.87
C ARG F 42 26.56 5.02 8.67
N TRP F 43 25.34 4.92 9.20
CA TRP F 43 24.70 6.01 9.91
C TRP F 43 24.56 5.66 11.38
N LYS F 44 23.76 6.42 12.13
CA LYS F 44 23.74 6.28 13.57
C LYS F 44 23.35 4.87 13.99
N ARG F 45 22.33 4.31 13.36
CA ARG F 45 21.93 2.93 13.60
C ARG F 45 21.76 2.21 12.27
N LEU F 46 21.83 0.88 12.33
CA LEU F 46 21.61 0.06 11.15
C LEU F 46 20.27 0.38 10.52
N SER F 47 20.27 0.58 9.20
CA SER F 47 19.05 0.84 8.45
C SER F 47 18.53 -0.46 7.83
N GLU F 48 17.23 -0.48 7.59
CA GLU F 48 16.60 -1.64 6.95
C GLU F 48 17.17 -1.85 5.56
N TYR F 49 17.48 -0.76 4.86
CA TYR F 49 18.15 -0.85 3.56
C TYR F 49 19.42 -1.68 3.64
N GLU F 50 20.27 -1.41 4.65
CA GLU F 50 21.50 -2.17 4.79
C GLU F 50 21.20 -3.62 5.17
N GLN F 51 20.28 -3.84 6.11
CA GLN F 51 19.95 -5.18 6.55
C GLN F 51 19.53 -6.06 5.39
N LEU F 52 18.69 -5.53 4.51
CA LEU F 52 18.15 -6.33 3.41
C LEU F 52 19.15 -6.49 2.27
N SER F 53 20.05 -5.54 2.09
CA SER F 53 20.96 -5.54 0.95
C SER F 53 22.33 -6.13 1.22
N CYS F 54 22.91 -5.85 2.39
CA CYS F 54 24.35 -6.02 2.58
C CYS F 54 24.72 -7.48 2.83
N TYR F 55 25.73 -7.94 2.10
CA TYR F 55 26.27 -9.31 2.12
C TYR F 55 25.36 -10.32 1.45
N ALA F 56 24.38 -9.86 0.67
CA ALA F 56 23.65 -10.78 -0.19
C ALA F 56 24.59 -11.41 -1.22
N GLN F 57 25.50 -10.63 -1.77
CA GLN F 57 26.50 -11.19 -2.67
C GLN F 57 27.45 -12.10 -1.90
N PRO F 58 27.61 -13.37 -2.30
CA PRO F 58 28.41 -14.33 -1.52
C PRO F 58 29.90 -14.33 -1.92
N ASN F 59 30.57 -13.20 -1.70
CA ASN F 59 31.96 -13.13 -2.12
C ASN F 59 32.87 -13.84 -1.11
N PRO F 60 33.97 -14.43 -1.58
CA PRO F 60 34.97 -15.00 -0.68
C PRO F 60 35.98 -13.95 -0.25
N ASP F 61 36.85 -14.36 0.67
CA ASP F 61 37.80 -13.41 1.26
C ASP F 61 38.84 -12.92 0.26
N TRP F 62 39.01 -13.58 -0.88
CA TRP F 62 39.93 -13.10 -1.90
C TRP F 62 39.30 -12.08 -2.84
N ILE F 63 38.04 -11.72 -2.61
CA ILE F 63 37.44 -10.51 -3.16
C ILE F 63 37.19 -9.59 -1.99
N ALA F 64 37.88 -8.44 -1.98
CA ALA F 64 37.97 -7.56 -0.82
C ALA F 64 36.60 -7.31 -0.19
N GLY F 65 36.47 -7.68 1.07
CA GLY F 65 35.24 -7.52 1.83
C GLY F 65 34.48 -8.81 2.04
N GLY F 66 34.76 -9.84 1.25
CA GLY F 66 33.97 -11.06 1.29
C GLY F 66 34.17 -11.81 2.61
N LEU F 67 33.08 -12.38 3.10
CA LEU F 67 33.07 -13.14 4.33
C LEU F 67 33.20 -14.64 4.11
N ASP F 68 33.08 -15.12 2.87
CA ASP F 68 33.09 -16.53 2.57
C ASP F 68 34.53 -17.00 2.35
N TRP F 69 34.71 -18.25 1.89
CA TRP F 69 36.04 -18.79 1.66
C TRP F 69 36.00 -19.75 0.48
N GLY F 70 37.16 -19.95 -0.14
CA GLY F 70 37.30 -20.94 -1.19
C GLY F 70 37.00 -20.40 -2.58
N ASP F 71 37.22 -21.27 -3.57
CA ASP F 71 36.96 -20.94 -4.95
C ASP F 71 35.46 -21.10 -5.26
N TRP F 72 35.04 -20.51 -6.36
CA TRP F 72 33.67 -20.70 -6.83
C TRP F 72 33.45 -22.16 -7.19
N THR F 73 32.19 -22.59 -7.12
CA THR F 73 31.88 -23.99 -7.40
C THR F 73 32.00 -24.31 -8.88
N GLN F 74 31.73 -23.32 -9.74
CA GLN F 74 31.78 -23.53 -11.18
C GLN F 74 32.20 -22.21 -11.82
N LYS F 75 33.13 -22.26 -12.77
CA LYS F 75 33.66 -21.08 -13.42
C LYS F 75 33.44 -21.15 -14.93
N PHE F 76 33.69 -20.03 -15.60
CA PHE F 76 33.64 -20.01 -17.07
C PHE F 76 34.65 -21.00 -17.65
N HIS F 77 34.41 -21.40 -18.90
CA HIS F 77 35.44 -22.06 -19.68
C HIS F 77 36.67 -21.17 -19.75
N GLY F 78 37.82 -21.73 -19.37
CA GLY F 78 39.06 -20.99 -19.35
C GLY F 78 39.49 -20.63 -17.94
N GLY F 79 38.52 -20.35 -17.07
CA GLY F 79 38.79 -20.11 -15.67
C GLY F 79 38.30 -18.78 -15.12
N ARG F 80 37.69 -17.91 -15.91
CA ARG F 80 37.13 -16.66 -15.40
C ARG F 80 36.20 -16.93 -14.22
N PRO F 81 36.48 -16.37 -13.04
CA PRO F 81 35.62 -16.65 -11.88
C PRO F 81 34.24 -16.03 -12.05
N SER F 82 33.29 -16.55 -11.25
CA SER F 82 31.92 -16.02 -11.26
C SER F 82 31.90 -14.51 -11.08
N TRP F 83 32.55 -14.04 -10.02
CA TRP F 83 32.96 -12.66 -9.88
C TRP F 83 34.44 -12.65 -9.56
N GLY F 84 35.14 -11.61 -10.03
CA GLY F 84 36.58 -11.58 -9.85
C GLY F 84 37.13 -10.17 -9.89
N ASN F 85 38.36 -10.06 -9.39
CA ASN F 85 39.05 -8.77 -9.36
C ASN F 85 39.43 -8.29 -10.75
N GLU F 86 39.52 -9.19 -11.72
CA GLU F 86 39.84 -8.83 -13.10
C GLU F 86 38.76 -8.00 -13.77
N SER F 87 37.60 -7.82 -13.13
CA SER F 87 36.48 -7.13 -13.75
C SER F 87 36.65 -5.62 -13.78
N THR F 88 37.57 -5.06 -13.00
CA THR F 88 37.76 -3.61 -12.97
C THR F 88 39.20 -3.30 -12.59
N GLU F 89 39.65 -2.11 -12.99
CA GLU F 89 40.98 -1.63 -12.61
C GLU F 89 41.00 -1.09 -11.18
N LEU F 90 39.88 -0.56 -10.70
CA LEU F 90 39.86 0.06 -9.38
C LEU F 90 40.00 -0.99 -8.29
N ARG F 91 40.56 -0.57 -7.16
CA ARG F 91 40.82 -1.46 -6.04
C ARG F 91 40.29 -0.84 -4.75
N THR F 92 39.90 -1.69 -3.82
CA THR F 92 39.35 -1.22 -2.55
C THR F 92 39.68 -2.23 -1.47
N THR F 93 39.58 -1.80 -0.21
CA THR F 93 39.69 -2.73 0.90
C THR F 93 38.39 -3.45 1.22
N ASP F 94 37.26 -3.00 0.66
CA ASP F 94 35.97 -3.61 0.94
C ASP F 94 34.97 -3.15 -0.12
N TRP F 95 34.57 -4.07 -1.01
CA TRP F 95 33.62 -3.71 -2.05
C TRP F 95 32.21 -3.47 -1.52
N TYR F 96 31.93 -3.84 -0.27
CA TYR F 96 30.60 -3.68 0.30
C TYR F 96 30.37 -2.30 0.91
N ARG F 97 31.39 -1.44 0.96
CA ARG F 97 31.26 -0.18 1.69
C ARG F 97 30.19 0.74 1.12
N HIS F 98 29.93 0.65 -0.18
CA HIS F 98 29.02 1.59 -0.85
C HIS F 98 27.67 1.62 -0.16
N ARG F 99 27.10 2.83 -0.06
CA ARG F 99 25.76 3.04 0.47
C ARG F 99 25.07 4.09 -0.39
N ASP F 100 23.92 3.73 -0.95
CA ASP F 100 23.07 4.69 -1.64
C ASP F 100 22.48 5.63 -0.60
N PRO F 101 22.68 6.95 -0.70
CA PRO F 101 22.16 7.85 0.33
C PRO F 101 20.63 7.94 0.35
N ALA F 102 19.95 7.56 -0.74
CA ALA F 102 18.50 7.43 -0.72
C ALA F 102 18.04 6.12 -0.10
N ARG F 103 18.98 5.20 0.20
CA ARG F 103 18.68 3.94 0.88
C ARG F 103 17.60 3.14 0.14
N ARG F 104 17.75 3.07 -1.19
CA ARG F 104 16.78 2.38 -2.02
C ARG F 104 17.11 0.89 -2.09
N TRP F 105 16.30 0.06 -1.42
CA TRP F 105 16.14 -1.30 -1.86
C TRP F 105 14.92 -1.35 -2.79
N HIS F 106 14.53 -2.54 -3.23
CA HIS F 106 13.57 -2.63 -4.32
C HIS F 106 12.25 -1.95 -3.97
N HIS F 107 11.76 -2.11 -2.73
CA HIS F 107 10.42 -1.62 -2.40
C HIS F 107 10.31 -0.10 -2.45
N PRO F 108 11.12 0.67 -1.71
CA PRO F 108 11.00 2.14 -1.85
C PRO F 108 11.25 2.63 -3.27
N TYR F 109 12.05 1.91 -4.05
CA TYR F 109 12.32 2.33 -5.42
C TYR F 109 11.05 2.25 -6.29
N VAL F 110 10.38 1.10 -6.31
CA VAL F 110 9.18 0.99 -7.14
C VAL F 110 8.01 1.76 -6.53
N LYS F 111 7.99 1.88 -5.20
CA LYS F 111 6.97 2.71 -4.56
C LYS F 111 7.00 4.13 -5.10
N ASP F 112 8.21 4.72 -5.18
CA ASP F 112 8.34 6.09 -5.66
C ASP F 112 7.98 6.18 -7.14
N LYS F 113 8.49 5.27 -7.96
CA LYS F 113 8.20 5.34 -9.39
C LYS F 113 6.73 5.05 -9.69
N SER F 114 6.07 4.27 -8.83
CA SER F 114 4.64 4.06 -9.00
C SER F 114 3.87 5.36 -8.81
N GLU F 115 4.28 6.17 -7.83
CA GLU F 115 3.64 7.46 -7.62
C GLU F 115 3.73 8.31 -8.87
N GLU F 116 4.93 8.40 -9.46
CA GLU F 116 5.12 9.18 -10.67
C GLU F 116 4.35 8.58 -11.83
N ALA F 117 4.26 7.25 -11.90
CA ALA F 117 3.56 6.61 -13.00
C ALA F 117 2.07 6.96 -12.99
N ARG F 118 1.41 6.78 -11.85
CA ARG F 118 -0.02 7.03 -11.79
C ARG F 118 -0.32 8.53 -11.90
N TYR F 119 0.49 9.37 -11.26
CA TYR F 119 0.25 10.81 -11.32
C TYR F 119 0.44 11.34 -12.74
N THR F 120 1.41 10.80 -13.48
CA THR F 120 1.63 11.27 -14.86
C THR F 120 0.35 11.12 -15.69
N GLN F 121 -0.35 10.00 -15.56
CA GLN F 121 -1.54 9.76 -16.39
C GLN F 121 -2.70 10.67 -15.97
N ARG F 122 -2.87 10.90 -14.66
CA ARG F 122 -3.85 11.89 -14.23
C ARG F 122 -3.51 13.27 -14.76
N PHE F 123 -2.22 13.62 -14.79
CA PHE F 123 -1.81 14.92 -15.30
C PHE F 123 -2.11 15.07 -16.79
N LEU F 124 -1.89 14.00 -17.56
CA LEU F 124 -2.14 14.05 -19.00
C LEU F 124 -3.64 14.15 -19.29
N ALA F 125 -4.45 13.30 -18.64
CA ALA F 125 -5.89 13.37 -18.82
C ALA F 125 -6.41 14.79 -18.54
N ALA F 126 -5.80 15.46 -17.56
CA ALA F 126 -6.22 16.82 -17.24
C ALA F 126 -5.63 17.85 -18.19
N TYR F 127 -4.36 17.67 -18.60
CA TYR F 127 -3.73 18.62 -19.52
C TYR F 127 -4.46 18.65 -20.85
N SER F 128 -4.81 17.48 -21.40
CA SER F 128 -5.59 17.44 -22.62
C SER F 128 -6.95 18.11 -22.43
N SER F 129 -7.60 17.86 -21.28
CA SER F 129 -8.87 18.54 -20.98
C SER F 129 -8.69 20.05 -20.84
N GLU F 130 -7.52 20.50 -20.39
CA GLU F 130 -7.26 21.92 -20.25
C GLU F 130 -7.07 22.61 -21.59
N GLY F 131 -6.63 21.85 -22.60
CA GLY F 131 -6.28 22.46 -23.87
C GLY F 131 -5.07 23.37 -23.82
N SER F 132 -4.18 23.18 -22.84
CA SER F 132 -3.06 24.09 -22.64
C SER F 132 -2.03 24.03 -23.78
N ILE F 133 -2.02 22.96 -24.57
CA ILE F 133 -1.13 22.82 -25.71
C ILE F 133 -1.32 23.99 -26.69
N ARG F 134 -2.44 24.69 -26.56
CA ARG F 134 -2.81 25.71 -27.54
C ARG F 134 -1.82 26.87 -27.60
N THR F 135 -1.08 27.15 -26.54
CA THR F 135 -0.19 28.31 -26.52
C THR F 135 1.28 27.95 -26.70
N ILE F 136 1.60 26.72 -27.08
CA ILE F 136 2.99 26.38 -27.34
C ILE F 136 3.40 26.97 -28.68
N ASP F 137 4.65 27.41 -28.77
CA ASP F 137 5.18 27.88 -30.04
C ASP F 137 5.18 26.73 -31.04
N PRO F 138 4.50 26.86 -32.18
CA PRO F 138 4.43 25.73 -33.12
C PRO F 138 5.78 25.34 -33.69
N TYR F 139 6.64 26.31 -34.00
CA TYR F 139 7.94 25.98 -34.57
C TYR F 139 8.78 25.18 -33.57
N TRP F 140 8.80 25.64 -32.31
CA TRP F 140 9.45 24.88 -31.25
C TRP F 140 8.85 23.48 -31.14
N ARG F 141 7.52 23.39 -31.13
CA ARG F 141 6.84 22.11 -30.98
C ARG F 141 7.20 21.14 -32.10
N ASP F 142 7.15 21.62 -33.35
CA ASP F 142 7.28 20.74 -34.50
C ASP F 142 8.73 20.56 -34.95
N GLU F 143 9.53 21.62 -34.95
CA GLU F 143 10.85 21.55 -35.55
C GLU F 143 11.98 21.30 -34.56
N ILE F 144 11.82 21.67 -33.30
CA ILE F 144 12.87 21.51 -32.28
C ILE F 144 12.52 20.40 -31.30
N LEU F 145 11.38 20.52 -30.62
CA LEU F 145 11.01 19.55 -29.60
C LEU F 145 10.83 18.16 -30.19
N ASN F 146 9.90 18.02 -31.15
CA ASN F 146 9.55 16.69 -31.65
C ASN F 146 10.76 15.97 -32.22
N LYS F 147 11.62 16.69 -32.93
CA LYS F 147 12.72 16.10 -33.68
C LYS F 147 13.95 15.89 -32.83
N TYR F 148 14.37 16.91 -32.08
CA TYR F 148 15.65 16.84 -31.39
C TYR F 148 15.54 16.37 -29.94
N PHE F 149 14.46 16.73 -29.24
CA PHE F 149 14.13 16.05 -28.00
C PHE F 149 13.81 14.58 -28.28
N GLY F 150 13.09 14.32 -29.38
CA GLY F 150 12.89 12.95 -29.80
C GLY F 150 14.20 12.20 -30.00
N ALA F 151 15.15 12.83 -30.70
CA ALA F 151 16.43 12.18 -30.93
C ALA F 151 17.18 11.93 -29.62
N LEU F 152 16.96 12.80 -28.62
CA LEU F 152 17.67 12.65 -27.35
C LEU F 152 17.35 11.34 -26.64
N LEU F 153 16.21 10.71 -26.95
CA LEU F 153 15.87 9.45 -26.28
C LEU F 153 16.90 8.38 -26.55
N TYR F 154 17.59 8.46 -27.70
CA TYR F 154 18.59 7.46 -28.02
C TYR F 154 19.83 7.59 -27.14
N SER F 155 20.15 8.81 -26.70
CA SER F 155 21.21 8.96 -25.71
C SER F 155 20.83 8.29 -24.40
N GLU F 156 19.63 8.57 -23.90
CA GLU F 156 19.15 7.92 -22.70
C GLU F 156 19.10 6.41 -22.88
N TYR F 157 18.62 5.96 -24.04
CA TYR F 157 18.50 4.52 -24.29
C TYR F 157 19.87 3.85 -24.33
N GLY F 158 20.84 4.47 -25.01
CA GLY F 158 22.18 3.92 -25.02
C GLY F 158 22.80 3.88 -23.63
N LEU F 159 22.61 4.94 -22.84
CA LEU F 159 23.12 4.93 -21.47
C LEU F 159 22.49 3.83 -20.65
N PHE F 160 21.22 3.51 -20.92
CA PHE F 160 20.56 2.43 -20.19
C PHE F 160 21.23 1.09 -20.47
N ASN F 161 21.46 0.79 -21.75
CA ASN F 161 22.06 -0.50 -22.12
C ASN F 161 23.52 -0.59 -21.71
N ALA F 162 24.18 0.54 -21.42
CA ALA F 162 25.54 0.49 -20.93
C ALA F 162 25.64 -0.26 -19.61
N HIS F 163 24.53 -0.35 -18.87
CA HIS F 163 24.52 -0.98 -17.55
C HIS F 163 24.41 -2.50 -17.61
N SER F 164 24.20 -3.08 -18.79
CA SER F 164 23.93 -4.52 -18.86
C SER F 164 25.11 -5.34 -18.35
N SER F 165 26.32 -5.02 -18.79
CA SER F 165 27.48 -5.77 -18.30
C SER F 165 27.83 -5.36 -16.88
N VAL F 166 27.53 -4.11 -16.51
CA VAL F 166 27.70 -3.68 -15.11
C VAL F 166 26.86 -4.55 -14.18
N GLY F 167 25.59 -4.76 -14.56
CA GLY F 167 24.71 -5.60 -13.76
C GLY F 167 25.21 -7.02 -13.58
N ARG F 168 26.01 -7.50 -14.53
CA ARG F 168 26.59 -8.84 -14.38
C ARG F 168 27.91 -8.81 -13.61
N ASP F 169 28.75 -7.81 -13.86
CA ASP F 169 30.15 -7.86 -13.44
C ASP F 169 30.43 -7.24 -12.08
N CYS F 170 29.63 -6.29 -11.62
CA CYS F 170 30.03 -5.50 -10.46
C CYS F 170 30.08 -6.38 -9.21
N LEU F 171 30.83 -5.91 -8.20
CA LEU F 171 31.35 -6.79 -7.16
C LEU F 171 30.62 -6.71 -5.82
N SER F 172 29.52 -5.96 -5.71
CA SER F 172 28.78 -5.99 -4.45
C SER F 172 27.31 -5.65 -4.66
N ASP F 173 26.53 -5.95 -3.62
CA ASP F 173 25.07 -5.90 -3.68
C ASP F 173 24.56 -4.46 -3.78
N THR F 174 25.04 -3.59 -2.90
CA THR F 174 24.60 -2.19 -2.92
C THR F 174 25.01 -1.51 -4.22
N ILE F 175 26.15 -1.90 -4.81
CA ILE F 175 26.55 -1.34 -6.09
C ILE F 175 25.62 -1.84 -7.19
N ARG F 176 25.34 -3.15 -7.19
CA ARG F 176 24.45 -3.73 -8.19
C ARG F 176 23.08 -3.05 -8.17
N GLN F 177 22.54 -2.80 -6.97
CA GLN F 177 21.26 -2.12 -6.87
C GLN F 177 21.33 -0.72 -7.44
N THR F 178 22.38 0.03 -7.08
CA THR F 178 22.58 1.36 -7.64
C THR F 178 22.61 1.33 -9.15
N ALA F 179 23.39 0.40 -9.72
CA ALA F 179 23.53 0.33 -11.16
C ALA F 179 22.20 0.03 -11.83
N VAL F 180 21.50 -1.00 -11.34
CA VAL F 180 20.24 -1.41 -11.96
C VAL F 180 19.20 -0.32 -11.82
N PHE F 181 19.08 0.30 -10.64
CA PHE F 181 18.10 1.37 -10.49
C PHE F 181 18.43 2.54 -11.41
N ALA F 182 19.72 2.80 -11.61
CA ALA F 182 20.11 3.88 -12.54
C ALA F 182 19.76 3.51 -13.97
N ALA F 183 19.87 2.22 -14.31
CA ALA F 183 19.56 1.78 -15.66
C ALA F 183 18.07 1.93 -15.97
N LEU F 184 17.20 1.54 -15.03
CA LEU F 184 15.77 1.68 -15.28
C LEU F 184 15.38 3.15 -15.42
N ASP F 185 16.00 4.02 -14.62
CA ASP F 185 15.71 5.44 -14.74
C ASP F 185 16.08 5.97 -16.13
N LYS F 186 17.17 5.47 -16.70
CA LYS F 186 17.57 5.91 -18.03
C LYS F 186 16.58 5.45 -19.10
N VAL F 187 16.18 4.18 -19.06
CA VAL F 187 15.21 3.71 -20.04
C VAL F 187 13.84 4.33 -19.78
N ASP F 188 13.54 4.64 -18.52
CA ASP F 188 12.36 5.44 -18.22
C ASP F 188 12.41 6.77 -18.96
N ASN F 189 13.55 7.46 -18.89
CA ASN F 189 13.70 8.75 -19.57
C ASN F 189 13.41 8.62 -21.06
N ALA F 190 13.98 7.60 -21.71
CA ALA F 190 13.75 7.39 -23.13
C ALA F 190 12.27 7.13 -23.40
N GLN F 191 11.67 6.23 -22.61
CA GLN F 191 10.25 5.95 -22.76
C GLN F 191 9.39 7.16 -22.47
N MET F 192 9.81 8.01 -21.53
CA MET F 192 9.01 9.19 -21.20
C MET F 192 9.05 10.22 -22.32
N ILE F 193 10.20 10.34 -23.00
CA ILE F 193 10.28 11.23 -24.15
C ILE F 193 9.33 10.76 -25.24
N GLN F 194 9.28 9.46 -25.49
CA GLN F 194 8.34 8.94 -26.48
C GLN F 194 6.90 9.09 -26.02
N MET F 195 6.65 9.00 -24.71
CA MET F 195 5.29 9.19 -24.21
C MET F 195 4.80 10.61 -24.49
N GLU F 196 5.66 11.62 -24.27
CA GLU F 196 5.26 13.00 -24.52
C GLU F 196 4.96 13.22 -26.00
N ARG F 197 5.79 12.66 -26.87
CA ARG F 197 5.55 12.81 -28.31
C ARG F 197 4.25 12.12 -28.73
N LEU F 198 4.02 10.90 -28.23
CA LEU F 198 2.76 10.21 -28.52
C LEU F 198 1.57 10.98 -27.95
N PHE F 199 1.78 11.72 -26.86
CA PHE F 199 0.71 12.52 -26.28
C PHE F 199 0.37 13.72 -27.15
N ILE F 200 1.41 14.46 -27.59
CA ILE F 200 1.19 15.60 -28.47
C ILE F 200 0.51 15.15 -29.76
N ALA F 201 0.84 13.95 -30.23
CA ALA F 201 0.23 13.43 -31.46
C ALA F 201 -1.29 13.36 -31.33
N LYS F 202 -1.80 12.98 -30.15
CA LYS F 202 -3.23 12.92 -29.94
C LYS F 202 -3.88 14.30 -29.93
N LEU F 203 -3.09 15.35 -29.75
CA LEU F 203 -3.60 16.72 -29.58
C LEU F 203 -3.43 17.60 -30.81
N VAL F 204 -2.45 17.31 -31.66
CA VAL F 204 -2.09 18.20 -32.76
C VAL F 204 -2.24 17.43 -34.06
N PRO F 205 -3.29 17.69 -34.84
CA PRO F 205 -3.44 17.00 -36.14
C PRO F 205 -2.21 17.22 -37.02
N GLY F 206 -1.71 16.13 -37.59
CA GLY F 206 -0.52 16.18 -38.41
C GLY F 206 0.78 15.98 -37.67
N PHE F 207 0.79 16.03 -36.35
CA PHE F 207 2.00 15.84 -35.57
C PHE F 207 2.36 14.36 -35.57
N ASP F 208 3.57 14.04 -36.05
CA ASP F 208 3.99 12.67 -36.24
C ASP F 208 4.89 12.24 -35.08
N ALA F 209 4.41 11.31 -34.27
CA ALA F 209 5.15 10.81 -33.11
C ALA F 209 5.97 9.57 -33.42
N SER F 210 6.10 9.20 -34.69
CA SER F 210 6.99 8.11 -35.07
C SER F 210 8.43 8.47 -34.74
N THR F 211 9.23 7.44 -34.48
CA THR F 211 10.64 7.64 -34.15
C THR F 211 11.54 7.71 -35.37
N ASP F 212 10.98 7.72 -36.58
CA ASP F 212 11.80 7.69 -37.78
C ASP F 212 12.68 8.93 -37.88
N VAL F 213 12.08 10.11 -37.76
CA VAL F 213 12.84 11.36 -37.83
C VAL F 213 13.78 11.49 -36.65
N PRO F 214 13.35 11.27 -35.40
CA PRO F 214 14.33 11.29 -34.29
C PRO F 214 15.49 10.33 -34.49
N LYS F 215 15.24 9.13 -35.00
CA LYS F 215 16.30 8.15 -35.16
C LYS F 215 17.27 8.57 -36.27
N LYS F 216 16.74 9.11 -37.37
CA LYS F 216 17.61 9.62 -38.43
C LYS F 216 18.49 10.74 -37.92
N ILE F 217 17.92 11.65 -37.12
CA ILE F 217 18.69 12.76 -36.57
C ILE F 217 19.76 12.25 -35.61
N TRP F 218 19.41 11.28 -34.77
CA TRP F 218 20.38 10.75 -33.83
C TRP F 218 21.53 10.06 -34.54
N THR F 219 21.25 9.37 -35.65
CA THR F 219 22.26 8.56 -36.31
C THR F 219 23.05 9.31 -37.38
N THR F 220 22.51 10.40 -37.93
CA THR F 220 23.16 11.09 -39.04
C THR F 220 23.29 12.60 -38.89
N ASP F 221 22.50 13.25 -38.05
CA ASP F 221 22.60 14.70 -37.92
C ASP F 221 23.89 15.05 -37.18
N PRO F 222 24.71 15.98 -37.69
CA PRO F 222 25.95 16.33 -37.00
C PRO F 222 25.73 16.83 -35.58
N ILE F 223 24.54 17.34 -35.26
CA ILE F 223 24.27 17.88 -33.93
C ILE F 223 24.46 16.81 -32.84
N TYR F 224 24.13 15.56 -33.14
CA TYR F 224 24.30 14.48 -32.18
C TYR F 224 25.48 13.56 -32.49
N SER F 225 26.34 13.95 -33.42
CA SER F 225 27.42 13.06 -33.86
C SER F 225 28.36 12.73 -32.71
N GLY F 226 28.86 13.74 -32.01
CA GLY F 226 29.76 13.48 -30.90
C GLY F 226 29.09 12.79 -29.72
N ALA F 227 27.82 13.13 -29.47
CA ALA F 227 27.09 12.47 -28.40
C ALA F 227 26.93 10.98 -28.69
N ARG F 228 26.49 10.64 -29.90
CA ARG F 228 26.31 9.24 -30.24
C ARG F 228 27.62 8.49 -30.19
N ALA F 229 28.72 9.13 -30.62
CA ALA F 229 30.02 8.48 -30.56
C ALA F 229 30.40 8.13 -29.12
N THR F 230 30.14 9.03 -28.18
CA THR F 230 30.50 8.78 -26.79
C THR F 230 29.66 7.65 -26.22
N VAL F 231 28.34 7.72 -26.41
CA VAL F 231 27.43 6.71 -25.88
C VAL F 231 27.80 5.33 -26.39
N GLN F 232 28.07 5.22 -27.69
CA GLN F 232 28.49 3.94 -28.24
C GLN F 232 29.76 3.43 -27.58
N GLU F 233 30.71 4.32 -27.29
CA GLU F 233 31.94 3.88 -26.64
C GLU F 233 31.67 3.43 -25.20
N ILE F 234 30.94 4.25 -24.44
CA ILE F 234 30.68 3.91 -23.04
C ILE F 234 29.89 2.61 -22.95
N TRP F 235 28.91 2.42 -23.84
CA TRP F 235 28.06 1.24 -23.77
C TRP F 235 28.80 -0.01 -24.24
N GLN F 236 29.33 0.01 -25.46
CA GLN F 236 29.86 -1.20 -26.07
C GLN F 236 31.37 -1.22 -26.24
N GLY F 237 32.06 -0.12 -25.91
CA GLY F 237 33.49 -0.09 -26.14
C GLY F 237 34.33 -0.61 -24.99
N VAL F 238 33.77 -0.64 -23.77
CA VAL F 238 34.49 -1.03 -22.58
C VAL F 238 33.66 -2.03 -21.78
N GLN F 239 34.33 -2.74 -20.89
CA GLN F 239 33.66 -3.65 -19.96
C GLN F 239 34.04 -3.43 -18.51
N ASP F 240 35.08 -2.64 -18.22
CA ASP F 240 35.35 -2.22 -16.84
C ASP F 240 34.10 -1.56 -16.26
N TRP F 241 33.45 -2.22 -15.29
CA TRP F 241 32.15 -1.74 -14.85
C TRP F 241 32.24 -0.42 -14.09
N ASN F 242 33.38 -0.15 -13.43
CA ASN F 242 33.54 1.15 -12.81
C ASN F 242 33.76 2.24 -13.85
N GLU F 243 34.50 1.94 -14.91
CA GLU F 243 34.66 2.92 -15.99
C GLU F 243 33.32 3.24 -16.64
N ILE F 244 32.48 2.22 -16.84
CA ILE F 244 31.16 2.45 -17.44
C ILE F 244 30.35 3.40 -16.58
N LEU F 245 30.26 3.13 -15.27
CA LEU F 245 29.47 3.98 -14.39
C LEU F 245 30.06 5.38 -14.28
N TRP F 246 31.39 5.47 -14.19
CA TRP F 246 32.02 6.79 -14.08
C TRP F 246 31.81 7.60 -15.35
N ALA F 247 32.21 7.05 -16.49
CA ALA F 247 32.09 7.79 -17.74
C ALA F 247 30.63 8.12 -18.06
N GLY F 248 29.73 7.17 -17.79
CA GLY F 248 28.33 7.36 -18.11
C GLY F 248 27.66 8.46 -17.33
N HIS F 249 27.60 8.32 -16.00
CA HIS F 249 26.86 9.25 -15.16
C HIS F 249 27.69 10.45 -14.71
N ALA F 250 28.96 10.26 -14.38
CA ALA F 250 29.76 11.31 -13.75
C ALA F 250 30.47 12.22 -14.75
N VAL F 251 30.55 11.84 -16.02
CA VAL F 251 31.19 12.71 -17.01
C VAL F 251 30.22 13.05 -18.13
N TYR F 252 29.83 12.04 -18.94
CA TYR F 252 28.99 12.31 -20.10
C TYR F 252 27.62 12.85 -19.68
N ASP F 253 26.88 12.09 -18.87
CA ASP F 253 25.53 12.52 -18.53
C ASP F 253 25.56 13.79 -17.67
N ALA F 254 26.59 13.96 -16.84
CA ALA F 254 26.67 15.13 -15.98
C ALA F 254 27.03 16.40 -16.75
N THR F 255 27.62 16.26 -17.94
CA THR F 255 27.98 17.40 -18.77
C THR F 255 27.02 17.50 -19.96
N PHE F 256 27.10 16.56 -20.91
CA PHE F 256 26.22 16.64 -22.08
C PHE F 256 24.77 16.41 -21.70
N GLY F 257 24.49 15.34 -20.96
CA GLY F 257 23.11 15.04 -20.61
C GLY F 257 22.44 16.18 -19.87
N GLN F 258 23.15 16.79 -18.93
CA GLN F 258 22.58 17.90 -18.17
C GLN F 258 22.36 19.13 -19.05
N PHE F 259 23.26 19.37 -20.01
CA PHE F 259 23.06 20.53 -20.88
C PHE F 259 21.86 20.31 -21.79
N ALA F 260 21.77 19.15 -22.42
CA ALA F 260 20.65 18.87 -23.33
C ALA F 260 19.32 18.90 -22.57
N ARG F 261 19.21 18.08 -21.52
CA ARG F 261 17.96 17.99 -20.79
C ARG F 261 17.60 19.31 -20.11
N ARG F 262 18.50 19.83 -19.28
CA ARG F 262 18.16 20.96 -18.42
C ARG F 262 18.39 22.32 -19.08
N GLU F 263 19.56 22.52 -19.68
CA GLU F 263 19.85 23.84 -20.24
C GLU F 263 19.17 24.07 -21.57
N PHE F 264 18.92 23.02 -22.35
CA PHE F 264 18.29 23.26 -23.63
C PHE F 264 16.79 23.03 -23.59
N PHE F 265 16.37 21.78 -23.42
CA PHE F 265 14.96 21.46 -23.61
C PHE F 265 14.08 21.96 -22.45
N GLN F 266 14.52 21.78 -21.21
CA GLN F 266 13.71 22.27 -20.09
C GLN F 266 13.72 23.79 -20.04
N ARG F 267 14.90 24.40 -20.12
CA ARG F 267 14.99 25.85 -19.98
C ARG F 267 14.25 26.56 -21.10
N LEU F 268 14.49 26.13 -22.35
CA LEU F 268 13.88 26.84 -23.48
C LEU F 268 12.39 26.56 -23.60
N ALA F 269 11.93 25.42 -23.09
CA ALA F 269 10.48 25.20 -23.01
C ALA F 269 9.80 26.34 -22.28
N THR F 270 10.45 26.87 -21.25
CA THR F 270 9.95 28.00 -20.49
C THR F 270 10.32 29.33 -21.12
N VAL F 271 10.85 29.31 -22.34
CA VAL F 271 11.01 30.51 -23.13
C VAL F 271 10.03 30.56 -24.30
N TYR F 272 9.69 29.41 -24.89
CA TYR F 272 8.82 29.34 -26.06
C TYR F 272 7.40 28.90 -25.71
N GLY F 273 6.95 29.10 -24.48
CA GLY F 273 5.57 28.84 -24.11
C GLY F 273 5.19 27.38 -24.07
N ASP F 274 6.13 26.49 -23.78
CA ASP F 274 5.88 25.05 -23.72
C ASP F 274 5.54 24.67 -22.28
N THR F 275 4.25 24.44 -22.02
CA THR F 275 3.77 24.06 -20.69
C THR F 275 3.69 22.55 -20.49
N LEU F 276 4.15 21.75 -21.44
CA LEU F 276 4.08 20.29 -21.34
C LEU F 276 5.42 19.66 -21.01
N THR F 277 6.46 20.04 -21.74
CA THR F 277 7.78 19.43 -21.55
C THR F 277 8.31 19.54 -20.12
N PRO F 278 8.17 20.67 -19.40
CA PRO F 278 8.68 20.72 -18.02
C PRO F 278 8.16 19.61 -17.12
N PHE F 279 6.95 19.12 -17.35
CA PHE F 279 6.46 18.01 -16.53
C PHE F 279 7.30 16.76 -16.74
N PHE F 280 7.76 16.53 -17.98
CA PHE F 280 8.54 15.33 -18.25
C PHE F 280 10.00 15.50 -17.83
N THR F 281 10.62 16.65 -18.09
CA THR F 281 11.98 16.85 -17.63
C THR F 281 12.08 16.95 -16.12
N ALA F 282 10.98 17.33 -15.44
CA ALA F 282 10.98 17.31 -13.98
C ALA F 282 11.32 15.93 -13.45
N GLN F 283 10.94 14.88 -14.18
CA GLN F 283 11.23 13.52 -13.75
C GLN F 283 12.66 13.12 -14.07
N SER F 284 13.13 13.42 -15.28
CA SER F 284 14.50 13.04 -15.64
C SER F 284 15.52 13.75 -14.76
N GLN F 285 15.24 14.99 -14.38
CA GLN F 285 16.18 15.72 -13.54
C GLN F 285 16.16 15.20 -12.11
N THR F 286 14.97 14.86 -11.60
CA THR F 286 14.89 14.20 -10.30
C THR F 286 15.68 12.91 -10.32
N TYR F 287 15.50 12.09 -11.35
CA TYR F 287 16.25 10.83 -11.45
C TYR F 287 17.75 11.09 -11.49
N PHE F 288 18.16 12.14 -12.22
CA PHE F 288 19.59 12.40 -12.33
C PHE F 288 20.19 12.70 -10.95
N GLN F 289 19.51 13.52 -10.15
CA GLN F 289 20.08 13.88 -8.85
C GLN F 289 20.06 12.69 -7.89
N THR F 290 19.08 11.80 -8.03
CA THR F 290 19.08 10.59 -7.20
C THR F 290 20.24 9.68 -7.56
N THR F 291 20.41 9.41 -8.86
CA THR F 291 21.54 8.62 -9.32
C THR F 291 22.86 9.24 -8.90
N ARG F 292 22.97 10.57 -8.99
CA ARG F 292 24.22 11.24 -8.64
C ARG F 292 24.61 10.99 -7.19
N GLY F 293 23.63 11.05 -6.27
CA GLY F 293 23.94 10.78 -4.88
C GLY F 293 24.55 9.41 -4.67
N ALA F 294 24.05 8.41 -5.41
CA ALA F 294 24.60 7.07 -5.30
C ALA F 294 25.96 6.97 -6.02
N ILE F 295 26.04 7.50 -7.24
CA ILE F 295 27.29 7.51 -7.98
C ILE F 295 28.36 8.28 -7.22
N ASP F 296 27.98 9.41 -6.61
CA ASP F 296 28.93 10.19 -5.81
C ASP F 296 29.49 9.37 -4.65
N ASP F 297 28.65 8.58 -3.98
CA ASP F 297 29.13 7.80 -2.85
C ASP F 297 30.12 6.73 -3.30
N LEU F 298 29.83 6.05 -4.40
CA LEU F 298 30.71 4.97 -4.86
C LEU F 298 32.11 5.49 -5.20
N PHE F 299 32.18 6.52 -6.04
CA PHE F 299 33.46 6.93 -6.59
C PHE F 299 34.21 7.92 -5.71
N VAL F 300 33.51 8.71 -4.88
CA VAL F 300 34.17 9.73 -4.07
C VAL F 300 34.40 9.21 -2.66
N TYR F 301 33.32 8.86 -1.95
CA TYR F 301 33.46 8.40 -0.57
C TYR F 301 34.21 7.07 -0.50
N CYS F 302 33.86 6.12 -1.37
CA CYS F 302 34.45 4.79 -1.28
C CYS F 302 35.76 4.68 -2.06
N LEU F 303 35.77 5.07 -3.33
CA LEU F 303 36.90 4.70 -4.18
C LEU F 303 38.00 5.75 -4.21
N ALA F 304 37.65 7.03 -4.41
CA ALA F 304 38.67 8.06 -4.45
C ALA F 304 39.28 8.31 -3.08
N ASN F 305 38.70 7.77 -2.01
CA ASN F 305 39.21 7.98 -0.67
C ASN F 305 39.38 6.67 0.08
N ASP F 306 39.42 5.54 -0.63
CA ASP F 306 39.72 4.27 0.00
C ASP F 306 41.07 4.36 0.71
N SER F 307 41.11 3.87 1.96
CA SER F 307 42.25 4.13 2.82
C SER F 307 43.57 3.69 2.19
N GLU F 308 43.53 2.63 1.39
CA GLU F 308 44.73 2.08 0.78
C GLU F 308 44.87 2.36 -0.71
N PHE F 309 43.75 2.53 -1.44
CA PHE F 309 43.80 2.63 -2.90
C PHE F 309 43.25 3.94 -3.42
N GLY F 310 43.07 4.95 -2.57
CA GLY F 310 42.53 6.22 -3.00
C GLY F 310 43.29 6.86 -4.15
N ALA F 311 44.59 7.11 -3.95
CA ALA F 311 45.39 7.70 -5.01
C ALA F 311 45.48 6.78 -6.21
N HIS F 312 45.58 5.47 -5.98
CA HIS F 312 45.55 4.49 -7.07
C HIS F 312 44.30 4.64 -7.92
N ASN F 313 43.14 4.76 -7.27
CA ASN F 313 41.89 4.88 -8.02
C ASN F 313 41.79 6.24 -8.71
N ARG F 314 42.29 7.30 -8.06
CA ARG F 314 42.24 8.61 -8.70
C ARG F 314 43.08 8.66 -9.97
N THR F 315 44.13 7.83 -10.06
CA THR F 315 44.92 7.77 -11.28
C THR F 315 44.07 7.31 -12.46
N PHE F 316 43.24 6.28 -12.23
CA PHE F 316 42.38 5.81 -13.31
C PHE F 316 41.22 6.76 -13.56
N LEU F 317 40.59 7.26 -12.49
CA LEU F 317 39.48 8.19 -12.66
C LEU F 317 39.92 9.46 -13.39
N ASN F 318 41.14 9.91 -13.14
N ASN F 318 41.15 9.91 -13.13
CA ASN F 318 41.64 11.09 -13.85
CA ASN F 318 41.68 11.08 -13.84
C ASN F 318 41.91 10.78 -15.32
C ASN F 318 41.89 10.77 -15.32
N ALA F 319 42.44 9.59 -15.62
CA ALA F 319 42.66 9.21 -17.01
C ALA F 319 41.33 9.05 -17.74
N TRP F 320 40.34 8.43 -17.09
CA TRP F 320 39.03 8.32 -17.71
C TRP F 320 38.39 9.69 -17.90
N THR F 321 38.48 10.54 -16.88
CA THR F 321 37.85 11.85 -16.98
C THR F 321 38.47 12.67 -18.10
N GLU F 322 39.80 12.64 -18.22
CA GLU F 322 40.46 13.31 -19.33
C GLU F 322 39.86 12.87 -20.66
N HIS F 323 39.71 11.57 -20.84
CA HIS F 323 39.23 11.02 -22.11
C HIS F 323 37.77 11.39 -22.34
N TYR F 324 36.89 11.09 -21.38
CA TYR F 324 35.46 11.24 -21.63
C TYR F 324 35.00 12.69 -21.53
N LEU F 325 35.70 13.53 -20.76
CA LEU F 325 35.41 14.95 -20.81
C LEU F 325 35.68 15.52 -22.19
N ALA F 326 36.80 15.11 -22.80
CA ALA F 326 37.08 15.50 -24.18
C ALA F 326 35.98 15.00 -25.12
N SER F 327 35.52 13.77 -24.92
CA SER F 327 34.40 13.25 -25.72
C SER F 327 33.15 14.10 -25.53
N SER F 328 32.88 14.52 -24.29
CA SER F 328 31.67 15.27 -24.01
C SER F 328 31.78 16.71 -24.50
N VAL F 329 32.96 17.31 -24.36
CA VAL F 329 33.18 18.65 -24.91
C VAL F 329 32.92 18.64 -26.42
N ALA F 330 33.38 17.59 -27.10
CA ALA F 330 33.11 17.48 -28.54
C ALA F 330 31.62 17.29 -28.80
N ALA F 331 30.98 16.42 -28.01
CA ALA F 331 29.53 16.26 -28.10
C ALA F 331 28.82 17.59 -27.89
N LEU F 332 29.23 18.35 -26.87
CA LEU F 332 28.60 19.64 -26.61
C LEU F 332 28.89 20.62 -27.74
N LYS F 333 30.09 20.58 -28.30
CA LYS F 333 30.43 21.46 -29.42
C LYS F 333 29.53 21.16 -30.63
N ASP F 334 29.35 19.87 -30.95
CA ASP F 334 28.39 19.52 -31.99
C ASP F 334 27.00 20.00 -31.63
N PHE F 335 26.59 19.81 -30.36
CA PHE F 335 25.20 20.00 -30.01
C PHE F 335 24.77 21.46 -30.12
N VAL F 336 25.64 22.40 -29.72
CA VAL F 336 25.23 23.81 -29.69
C VAL F 336 24.96 24.36 -31.08
N GLY F 337 25.31 23.63 -32.13
CA GLY F 337 24.87 23.99 -33.47
C GLY F 337 23.37 24.03 -33.59
N LEU F 338 22.66 23.36 -32.66
CA LEU F 338 21.21 23.37 -32.69
C LEU F 338 20.64 24.76 -32.45
N TYR F 339 21.38 25.63 -31.74
CA TYR F 339 20.90 26.98 -31.50
C TYR F 339 20.75 27.77 -32.80
N ALA F 340 21.44 27.37 -33.88
CA ALA F 340 21.27 28.02 -35.16
C ALA F 340 19.87 27.87 -35.73
N LYS F 341 19.07 26.94 -35.19
CA LYS F 341 17.73 26.66 -35.72
C LYS F 341 16.61 27.23 -34.86
N VAL F 342 16.92 27.79 -33.70
CA VAL F 342 15.89 28.28 -32.78
C VAL F 342 15.78 29.79 -32.91
N GLU F 343 14.61 30.31 -32.59
CA GLU F 343 14.42 31.76 -32.59
C GLU F 343 15.26 32.39 -31.48
N LYS F 344 15.94 33.48 -31.83
CA LYS F 344 16.83 34.14 -30.88
C LYS F 344 16.04 34.77 -29.75
N VAL F 345 16.46 34.48 -28.52
CA VAL F 345 15.90 35.10 -27.33
C VAL F 345 17.06 35.61 -26.49
N ALA F 346 17.06 36.91 -26.21
CA ALA F 346 18.19 37.54 -25.53
C ALA F 346 18.41 36.93 -24.16
N GLY F 347 19.66 36.53 -23.89
CA GLY F 347 20.02 35.94 -22.63
C GLY F 347 19.74 34.46 -22.48
N ALA F 348 19.21 33.82 -23.50
CA ALA F 348 18.93 32.38 -23.47
C ALA F 348 19.49 31.65 -24.68
N THR F 349 19.34 32.22 -25.88
CA THR F 349 19.80 31.57 -27.10
C THR F 349 20.88 32.34 -27.84
N ASP F 350 21.17 33.58 -27.42
CA ASP F 350 22.29 34.32 -27.98
C ASP F 350 23.59 33.74 -27.43
N ARG F 351 24.72 34.29 -27.90
CA ARG F 351 26.01 33.77 -27.45
C ARG F 351 26.18 33.93 -25.95
N ALA F 352 25.79 35.09 -25.42
CA ALA F 352 25.89 35.33 -23.99
C ALA F 352 25.11 34.28 -23.20
N GLY F 353 23.87 34.01 -23.61
CA GLY F 353 23.05 33.08 -22.86
C GLY F 353 23.55 31.65 -22.91
N VAL F 354 24.06 31.22 -24.07
CA VAL F 354 24.61 29.88 -24.19
C VAL F 354 25.91 29.77 -23.40
N SER F 355 26.69 30.86 -23.36
CA SER F 355 27.90 30.86 -22.56
C SER F 355 27.59 30.65 -21.08
N GLU F 356 26.65 31.42 -20.54
CA GLU F 356 26.27 31.26 -19.13
C GLU F 356 25.70 29.87 -18.86
N ALA F 357 25.01 29.28 -19.83
CA ALA F 357 24.53 27.91 -19.68
C ALA F 357 25.70 26.94 -19.58
N LEU F 358 26.69 27.10 -20.45
CA LEU F 358 27.88 26.25 -20.39
C LEU F 358 28.68 26.48 -19.12
N GLN F 359 28.70 27.71 -18.60
CA GLN F 359 29.39 27.97 -17.33
C GLN F 359 28.70 27.27 -16.18
N ARG F 360 27.36 27.21 -16.20
CA ARG F 360 26.66 26.47 -15.16
C ARG F 360 26.99 24.98 -15.23
N VAL F 361 26.94 24.40 -16.44
CA VAL F 361 27.16 22.96 -16.57
C VAL F 361 28.60 22.61 -16.19
N PHE F 362 29.57 23.30 -16.78
CA PHE F 362 30.96 22.99 -16.47
C PHE F 362 31.34 23.41 -15.06
N GLY F 363 30.81 24.54 -14.60
CA GLY F 363 31.05 24.97 -13.23
C GLY F 363 30.46 24.02 -12.20
N ASP F 364 29.20 23.59 -12.41
CA ASP F 364 28.60 22.62 -11.50
C ASP F 364 29.35 21.30 -11.52
N TRP F 365 29.82 20.88 -12.70
CA TRP F 365 30.52 19.60 -12.81
C TRP F 365 31.86 19.64 -12.09
N LYS F 366 32.57 20.78 -12.17
CA LYS F 366 33.83 20.93 -11.46
C LYS F 366 33.63 20.76 -9.96
N ILE F 367 32.56 21.36 -9.42
CA ILE F 367 32.28 21.27 -8.00
C ILE F 367 31.79 19.88 -7.63
N ASP F 368 30.91 19.30 -8.45
CA ASP F 368 30.27 18.05 -8.08
C ASP F 368 31.16 16.84 -8.29
N TYR F 369 32.15 16.92 -9.18
CA TYR F 369 32.93 15.74 -9.52
C TYR F 369 34.42 16.00 -9.59
N ALA F 370 34.86 16.90 -10.48
CA ALA F 370 36.28 17.11 -10.70
C ALA F 370 37.02 17.43 -9.41
N ASP F 371 36.49 18.38 -8.63
CA ASP F 371 37.13 18.78 -7.38
C ASP F 371 37.24 17.63 -6.38
N LYS F 372 36.38 16.62 -6.49
CA LYS F 372 36.34 15.56 -5.49
C LYS F 372 37.32 14.42 -5.78
N ILE F 373 37.82 14.32 -7.01
CA ILE F 373 38.84 13.35 -7.36
C ILE F 373 40.16 14.02 -7.70
N GLY F 374 40.26 15.34 -7.54
CA GLY F 374 41.48 16.05 -7.86
C GLY F 374 41.74 16.27 -9.33
N PHE F 375 40.70 16.35 -10.15
CA PHE F 375 40.86 16.56 -11.58
C PHE F 375 40.89 18.05 -11.88
N ARG F 376 42.01 18.53 -12.42
CA ARG F 376 42.15 19.94 -12.75
C ARG F 376 41.40 20.25 -14.04
N VAL F 377 40.67 21.36 -14.02
CA VAL F 377 39.86 21.75 -15.18
C VAL F 377 39.72 23.27 -15.19
N ASP F 378 39.92 23.86 -16.37
CA ASP F 378 39.65 25.28 -16.59
C ASP F 378 38.25 25.39 -17.19
N VAL F 379 37.31 25.94 -16.41
CA VAL F 379 35.93 26.04 -16.88
C VAL F 379 35.85 26.91 -18.12
N ASP F 380 36.48 28.09 -18.09
CA ASP F 380 36.39 29.02 -19.22
C ASP F 380 36.95 28.39 -20.49
N GLN F 381 38.02 27.62 -20.36
CA GLN F 381 38.58 26.92 -21.51
C GLN F 381 37.58 25.93 -22.10
N LYS F 382 36.90 25.15 -21.25
CA LYS F 382 35.90 24.21 -21.76
C LYS F 382 34.71 24.95 -22.35
N VAL F 383 34.36 26.11 -21.81
CA VAL F 383 33.26 26.88 -22.37
C VAL F 383 33.62 27.39 -23.76
N ASP F 384 34.84 27.94 -23.89
CA ASP F 384 35.27 28.46 -25.18
C ASP F 384 35.42 27.35 -26.22
N ALA F 385 35.85 26.17 -25.80
CA ALA F 385 35.94 25.06 -26.74
C ALA F 385 34.58 24.73 -27.34
N VAL F 386 33.54 24.73 -26.51
CA VAL F 386 32.20 24.43 -27.01
C VAL F 386 31.65 25.59 -27.81
N LEU F 387 31.88 26.82 -27.34
CA LEU F 387 31.40 27.99 -28.06
C LEU F 387 32.00 28.11 -29.45
N ALA F 388 33.12 27.43 -29.71
CA ALA F 388 33.65 27.37 -31.07
C ALA F 388 32.63 26.76 -32.03
N GLY F 389 31.72 25.92 -31.54
CA GLY F 389 30.69 25.35 -32.36
C GLY F 389 29.42 26.16 -32.49
N TYR F 390 29.37 27.33 -31.85
CA TYR F 390 28.18 28.16 -31.86
C TYR F 390 28.23 29.12 -33.04
N LYS F 391 27.19 29.08 -33.88
CA LYS F 391 27.08 30.00 -35.01
C LYS F 391 26.56 31.34 -34.50
N ASN F 392 27.45 32.33 -34.43
CA ASN F 392 27.09 33.63 -33.88
C ASN F 392 26.14 34.39 -34.80
N ALA G 1 47.94 -33.73 7.67
CA ALA G 1 48.17 -32.29 7.80
C ALA G 1 47.07 -31.64 8.64
N LYS G 2 47.40 -30.52 9.28
CA LYS G 2 46.44 -29.73 10.03
C LYS G 2 46.46 -28.30 9.48
N ARG G 3 45.37 -27.92 8.81
CA ARG G 3 45.27 -26.57 8.28
C ARG G 3 45.25 -25.55 9.42
N GLU G 4 45.79 -24.37 9.15
CA GLU G 4 45.69 -23.23 10.05
C GLU G 4 44.34 -22.55 9.84
N PRO G 5 44.01 -21.52 10.65
CA PRO G 5 42.75 -20.79 10.43
C PRO G 5 42.59 -20.30 9.00
N ILE G 6 41.33 -20.02 8.62
CA ILE G 6 41.02 -19.78 7.21
C ILE G 6 41.63 -18.47 6.72
N HIS G 7 41.35 -17.37 7.43
CA HIS G 7 41.59 -16.03 6.90
C HIS G 7 42.86 -15.38 7.44
N ASP G 8 43.46 -15.96 8.47
CA ASP G 8 44.67 -15.40 9.08
C ASP G 8 45.57 -16.57 9.46
N ASN G 9 46.66 -16.74 8.73
CA ASN G 9 47.52 -17.90 8.94
C ASN G 9 48.95 -17.55 8.54
N SER G 10 49.89 -18.44 8.90
CA SER G 10 51.29 -18.14 8.70
C SER G 10 51.68 -18.13 7.22
N ILE G 11 50.98 -18.89 6.38
CA ILE G 11 51.30 -18.92 4.96
C ILE G 11 50.97 -17.59 4.31
N ARG G 12 49.75 -17.10 4.52
CA ARG G 12 49.36 -15.81 3.97
C ARG G 12 50.25 -14.69 4.51
N THR G 13 50.56 -14.74 5.81
CA THR G 13 51.44 -13.74 6.41
C THR G 13 52.81 -13.76 5.77
N GLU G 14 53.37 -14.97 5.58
CA GLU G 14 54.70 -15.08 4.98
C GLU G 14 54.71 -14.56 3.56
N TRP G 15 53.67 -14.90 2.78
CA TRP G 15 53.65 -14.43 1.39
C TRP G 15 53.43 -12.93 1.31
N GLU G 16 52.75 -12.34 2.29
CA GLU G 16 52.58 -10.89 2.31
C GLU G 16 53.90 -10.19 2.55
N ALA G 17 54.77 -10.77 3.40
CA ALA G 17 56.09 -10.20 3.61
C ALA G 17 56.90 -10.19 2.32
N LYS G 18 56.81 -11.26 1.52
CA LYS G 18 57.48 -11.29 0.22
C LYS G 18 56.95 -10.18 -0.68
N ILE G 19 55.61 -10.09 -0.80
CA ILE G 19 54.98 -9.12 -1.69
C ILE G 19 55.37 -7.70 -1.30
N ALA G 20 55.58 -7.45 -0.02
CA ALA G 20 55.89 -6.11 0.46
C ALA G 20 57.23 -5.61 -0.08
N LYS G 21 58.12 -6.51 -0.48
CA LYS G 21 59.46 -6.13 -0.91
C LYS G 21 59.54 -5.89 -2.41
N LEU G 22 58.43 -6.01 -3.13
CA LEU G 22 58.42 -5.69 -4.55
C LEU G 22 58.49 -4.17 -4.73
N THR G 23 59.38 -3.71 -5.61
CA THR G 23 59.64 -2.29 -5.76
C THR G 23 59.55 -1.78 -7.19
N SER G 24 59.28 -2.64 -8.18
CA SER G 24 59.24 -2.18 -9.55
C SER G 24 58.20 -2.96 -10.33
N VAL G 25 57.72 -2.35 -11.42
CA VAL G 25 56.71 -2.98 -12.26
C VAL G 25 57.25 -4.26 -12.90
N ASP G 26 58.53 -4.24 -13.30
CA ASP G 26 59.14 -5.43 -13.88
C ASP G 26 59.26 -6.54 -12.85
N GLN G 27 59.66 -6.20 -11.63
CA GLN G 27 59.78 -7.19 -10.57
C GLN G 27 58.42 -7.80 -10.22
N ALA G 28 57.41 -6.96 -10.04
CA ALA G 28 56.08 -7.45 -9.69
C ALA G 28 55.45 -8.26 -10.83
N THR G 29 55.74 -7.90 -12.09
CA THR G 29 55.16 -8.64 -13.21
C THR G 29 55.73 -10.05 -13.30
N LYS G 30 57.05 -10.18 -13.21
CA LYS G 30 57.66 -11.50 -13.18
C LYS G 30 57.19 -12.27 -11.95
N PHE G 31 57.05 -11.59 -10.82
CA PHE G 31 56.60 -12.25 -9.59
C PHE G 31 55.18 -12.82 -9.76
N ILE G 32 54.27 -12.04 -10.37
CA ILE G 32 52.88 -12.48 -10.45
C ILE G 32 52.71 -13.55 -11.53
N GLN G 33 53.48 -13.48 -12.62
CA GLN G 33 53.40 -14.51 -13.65
C GLN G 33 53.94 -15.82 -13.13
N ASP G 34 55.10 -15.79 -12.48
CA ASP G 34 55.65 -17.00 -11.86
C ASP G 34 54.67 -17.60 -10.87
N PHE G 35 54.09 -16.76 -10.00
CA PHE G 35 53.10 -17.24 -9.04
C PHE G 35 51.94 -17.94 -9.76
N ARG G 36 51.39 -17.30 -10.78
CA ARG G 36 50.21 -17.86 -11.43
C ARG G 36 50.54 -19.14 -12.21
N LEU G 37 51.74 -19.23 -12.78
CA LEU G 37 52.15 -20.47 -13.43
C LEU G 37 52.39 -21.57 -12.42
N ALA G 38 52.85 -21.22 -11.22
CA ALA G 38 53.22 -22.23 -10.24
C ALA G 38 52.01 -22.75 -9.45
N TYR G 39 51.04 -21.87 -9.16
CA TYR G 39 50.05 -22.19 -8.15
C TYR G 39 48.60 -22.14 -8.59
N THR G 40 48.30 -21.69 -9.81
CA THR G 40 46.91 -21.58 -10.26
C THR G 40 46.66 -22.50 -11.46
N SER G 41 45.38 -22.89 -11.62
CA SER G 41 44.80 -23.68 -12.71
C SER G 41 45.06 -25.17 -12.47
N PRO G 42 44.36 -26.07 -13.19
CA PRO G 42 44.65 -27.51 -13.05
C PRO G 42 46.06 -27.89 -13.44
N PHE G 43 46.75 -27.06 -14.22
CA PHE G 43 48.11 -27.32 -14.66
C PHE G 43 49.13 -26.57 -13.81
N ARG G 44 48.74 -26.12 -12.63
CA ARG G 44 49.68 -25.51 -11.70
C ARG G 44 50.81 -26.49 -11.37
N LYS G 45 51.91 -25.94 -10.88
CA LYS G 45 53.04 -26.79 -10.53
C LYS G 45 52.96 -27.32 -9.11
N SER G 46 52.16 -26.70 -8.26
CA SER G 46 52.13 -27.10 -6.86
C SER G 46 50.81 -26.72 -6.22
N TYR G 47 50.26 -27.65 -5.44
CA TYR G 47 49.08 -27.40 -4.60
C TYR G 47 49.45 -27.11 -3.16
N ASP G 48 50.70 -26.72 -2.89
CA ASP G 48 51.16 -26.53 -1.52
C ASP G 48 50.46 -25.37 -0.81
N ILE G 49 49.91 -24.41 -1.56
CA ILE G 49 49.23 -23.28 -0.94
C ILE G 49 47.80 -23.21 -1.48
N ASP G 50 47.16 -24.37 -1.60
CA ASP G 50 45.89 -24.45 -2.33
C ASP G 50 44.80 -23.60 -1.68
N VAL G 51 44.68 -23.63 -0.35
CA VAL G 51 43.62 -22.86 0.31
C VAL G 51 44.02 -21.41 0.58
N ASP G 52 45.21 -20.99 0.16
CA ASP G 52 45.65 -19.62 0.38
C ASP G 52 46.01 -18.85 -0.89
N TYR G 53 46.19 -19.54 -2.04
CA TYR G 53 46.79 -18.87 -3.19
C TYR G 53 45.88 -17.80 -3.77
N GLN G 54 44.56 -17.96 -3.67
CA GLN G 54 43.67 -16.96 -4.23
C GLN G 54 43.75 -15.66 -3.45
N TYR G 55 43.81 -15.73 -2.12
CA TYR G 55 44.03 -14.52 -1.34
C TYR G 55 45.39 -13.91 -1.65
N ILE G 56 46.43 -14.75 -1.69
CA ILE G 56 47.78 -14.26 -1.97
C ILE G 56 47.83 -13.58 -3.34
N GLU G 57 47.22 -14.20 -4.34
CA GLU G 57 47.19 -13.63 -5.68
C GLU G 57 46.57 -12.23 -5.67
N ARG G 58 45.49 -12.06 -4.90
CA ARG G 58 44.87 -10.75 -4.75
C ARG G 58 45.88 -9.73 -4.20
N LYS G 59 46.64 -10.13 -3.20
CA LYS G 59 47.64 -9.22 -2.62
C LYS G 59 48.76 -8.90 -3.60
N ILE G 60 49.14 -9.86 -4.46
CA ILE G 60 50.12 -9.56 -5.49
C ILE G 60 49.54 -8.58 -6.50
N GLU G 61 48.30 -8.85 -6.96
CA GLU G 61 47.62 -7.95 -7.88
C GLU G 61 47.57 -6.53 -7.34
N GLU G 62 47.27 -6.37 -6.06
CA GLU G 62 47.17 -5.04 -5.47
C GLU G 62 48.53 -4.33 -5.49
N LYS G 63 49.60 -5.05 -5.16
CA LYS G 63 50.93 -4.44 -5.17
C LYS G 63 51.34 -4.04 -6.57
N LEU G 64 51.18 -4.95 -7.54
CA LEU G 64 51.51 -4.61 -8.93
C LEU G 64 50.71 -3.41 -9.40
N SER G 65 49.40 -3.41 -9.12
CA SER G 65 48.53 -2.35 -9.62
C SER G 65 48.91 -0.99 -9.03
N VAL G 66 49.28 -0.96 -7.75
CA VAL G 66 49.73 0.30 -7.14
C VAL G 66 51.03 0.77 -7.78
N LEU G 67 51.98 -0.16 -7.98
CA LEU G 67 53.23 0.18 -8.65
C LEU G 67 52.98 0.73 -10.05
N LYS G 68 52.00 0.17 -10.78
CA LYS G 68 51.67 0.67 -12.09
C LYS G 68 51.26 2.14 -12.04
N THR G 69 50.36 2.49 -11.11
CA THR G 69 49.90 3.88 -11.04
C THR G 69 50.98 4.82 -10.52
N GLU G 70 51.91 4.30 -9.71
CA GLU G 70 52.95 5.15 -9.14
C GLU G 70 54.04 5.49 -10.16
N LYS G 71 54.40 4.55 -11.02
N LYS G 71 54.35 4.56 -11.07
CA LYS G 71 55.54 4.70 -11.90
CA LYS G 71 55.56 4.64 -11.87
C LYS G 71 55.18 4.87 -13.37
C LYS G 71 55.33 4.62 -13.38
N LEU G 72 54.17 4.17 -13.86
CA LEU G 72 54.00 4.12 -15.29
C LEU G 72 53.30 5.36 -15.83
N PRO G 73 53.64 5.78 -17.04
CA PRO G 73 52.86 6.85 -17.68
C PRO G 73 51.45 6.39 -17.97
N VAL G 74 50.51 7.33 -17.89
CA VAL G 74 49.09 7.00 -18.00
C VAL G 74 48.81 6.23 -19.28
N ALA G 75 49.49 6.58 -20.37
CA ALA G 75 49.25 5.90 -21.64
C ALA G 75 49.56 4.42 -21.58
N ASP G 76 50.53 4.01 -20.77
CA ASP G 76 50.85 2.58 -20.68
C ASP G 76 49.78 1.81 -19.92
N LEU G 77 49.09 2.45 -18.98
CA LEU G 77 47.99 1.78 -18.29
C LEU G 77 46.90 1.36 -19.26
N ILE G 78 46.73 2.12 -20.34
CA ILE G 78 45.65 1.91 -21.29
C ILE G 78 46.07 0.98 -22.42
N THR G 79 47.31 1.11 -22.93
CA THR G 79 47.70 0.49 -24.19
C THR G 79 48.74 -0.60 -24.07
N LYS G 80 49.33 -0.82 -22.90
CA LYS G 80 50.43 -1.77 -22.78
C LYS G 80 50.17 -2.77 -21.67
N ALA G 81 50.70 -3.98 -21.87
CA ALA G 81 50.86 -4.90 -20.77
C ALA G 81 52.08 -4.48 -19.96
N THR G 82 52.14 -4.95 -18.71
CA THR G 82 53.30 -4.64 -17.88
C THR G 82 54.52 -5.47 -18.27
N THR G 83 54.39 -6.36 -19.25
CA THR G 83 55.54 -6.98 -19.90
C THR G 83 56.20 -6.05 -20.91
N GLY G 84 55.65 -4.85 -21.12
CA GLY G 84 56.11 -3.97 -22.17
C GLY G 84 55.41 -4.15 -23.50
N GLU G 85 54.81 -5.31 -23.73
CA GLU G 85 54.16 -5.58 -25.01
C GLU G 85 53.00 -4.61 -25.24
N ASP G 86 52.65 -4.47 -26.51
CA ASP G 86 51.44 -3.77 -26.88
C ASP G 86 50.23 -4.63 -26.56
N ALA G 87 49.27 -4.07 -25.82
CA ALA G 87 48.11 -4.85 -25.39
C ALA G 87 47.30 -5.33 -26.60
N ALA G 88 47.11 -4.47 -27.60
CA ALA G 88 46.39 -4.88 -28.79
C ALA G 88 47.11 -6.01 -29.53
N ALA G 89 48.45 -6.03 -29.45
CA ALA G 89 49.19 -7.12 -30.07
C ALA G 89 49.03 -8.41 -29.31
N VAL G 90 49.04 -8.35 -27.98
CA VAL G 90 48.81 -9.55 -27.17
C VAL G 90 47.46 -10.17 -27.50
N GLU G 91 46.45 -9.33 -27.68
CA GLU G 91 45.11 -9.82 -27.97
C GLU G 91 45.08 -10.60 -29.28
N ALA G 92 45.56 -9.98 -30.36
CA ALA G 92 45.52 -10.63 -31.67
C ALA G 92 46.39 -11.89 -31.69
N THR G 93 47.50 -11.88 -30.95
CA THR G 93 48.37 -13.05 -30.91
C THR G 93 47.67 -14.25 -30.31
N TRP G 94 47.02 -14.06 -29.17
CA TRP G 94 46.44 -15.20 -28.46
C TRP G 94 45.11 -15.64 -29.06
N ILE G 95 44.34 -14.72 -29.63
CA ILE G 95 43.13 -15.13 -30.35
C ILE G 95 43.49 -16.03 -31.52
N ALA G 96 44.50 -15.62 -32.30
CA ALA G 96 44.94 -16.43 -33.44
C ALA G 96 45.50 -17.77 -32.98
N LYS G 97 46.15 -17.77 -31.81
CA LYS G 97 46.70 -19.01 -31.25
C LYS G 97 45.61 -20.05 -31.05
N ILE G 98 44.54 -19.67 -30.33
CA ILE G 98 43.51 -20.64 -29.98
C ILE G 98 42.67 -20.99 -31.20
N LYS G 99 42.61 -20.11 -32.19
CA LYS G 99 41.86 -20.42 -33.41
C LYS G 99 42.61 -21.42 -34.28
N ALA G 100 43.92 -21.55 -34.10
CA ALA G 100 44.71 -22.57 -34.78
C ALA G 100 44.83 -23.85 -33.97
N ALA G 101 44.19 -23.92 -32.79
CA ALA G 101 44.27 -25.11 -31.96
C ALA G 101 43.57 -26.29 -32.64
N LYS G 102 44.28 -27.41 -32.74
CA LYS G 102 43.75 -28.56 -33.47
C LYS G 102 42.80 -29.41 -32.65
N SER G 103 42.84 -29.33 -31.33
CA SER G 103 41.94 -30.09 -30.47
C SER G 103 41.54 -29.25 -29.27
N LYS G 104 40.47 -29.67 -28.60
CA LYS G 104 40.02 -29.00 -27.40
C LYS G 104 41.08 -29.02 -26.30
N TYR G 105 42.00 -29.97 -26.34
CA TYR G 105 43.06 -30.02 -25.34
C TYR G 105 44.16 -28.99 -25.62
N GLU G 106 44.43 -28.70 -26.89
CA GLU G 106 45.33 -27.58 -27.19
C GLU G 106 44.64 -26.26 -26.88
N ALA G 107 43.37 -26.12 -27.26
CA ALA G 107 42.64 -24.88 -26.99
C ALA G 107 42.53 -24.61 -25.50
N GLU G 108 42.26 -25.63 -24.68
CA GLU G 108 42.09 -25.41 -23.25
C GLU G 108 43.38 -24.91 -22.63
N ARG G 109 44.53 -25.45 -23.04
CA ARG G 109 45.78 -25.02 -22.45
C ARG G 109 46.15 -23.62 -22.91
N ILE G 110 45.82 -23.28 -24.16
CA ILE G 110 46.08 -21.92 -24.66
C ILE G 110 45.28 -20.91 -23.84
N HIS G 111 44.00 -21.18 -23.62
CA HIS G 111 43.18 -20.27 -22.84
C HIS G 111 43.69 -20.16 -21.41
N ILE G 112 43.98 -21.31 -20.79
CA ILE G 112 44.42 -21.30 -19.40
C ILE G 112 45.72 -20.52 -19.25
N GLU G 113 46.68 -20.75 -20.14
CA GLU G 113 47.96 -20.08 -20.02
C GLU G 113 47.84 -18.58 -20.27
N PHE G 114 46.94 -18.17 -21.16
CA PHE G 114 46.74 -16.74 -21.38
C PHE G 114 46.32 -16.04 -20.10
N ARG G 115 45.44 -16.66 -19.31
CA ARG G 115 45.02 -16.08 -18.05
C ARG G 115 46.17 -16.08 -17.04
N GLN G 116 46.93 -17.16 -16.98
CA GLN G 116 48.09 -17.21 -16.08
C GLN G 116 49.08 -16.08 -16.35
N LEU G 117 49.26 -15.74 -17.63
CA LEU G 117 50.27 -14.75 -17.98
C LEU G 117 49.75 -13.32 -18.00
N TYR G 118 48.47 -13.11 -18.37
CA TYR G 118 48.00 -11.78 -18.72
C TYR G 118 46.81 -11.29 -17.91
N LYS G 119 46.28 -12.10 -16.98
CA LYS G 119 45.26 -11.64 -16.05
C LYS G 119 45.66 -10.29 -15.46
N PRO G 120 44.74 -9.33 -15.39
CA PRO G 120 45.07 -8.02 -14.80
C PRO G 120 45.67 -8.20 -13.41
N PRO G 121 46.59 -7.31 -13.01
CA PRO G 121 46.96 -6.06 -13.70
C PRO G 121 48.01 -6.16 -14.81
N VAL G 122 48.40 -7.36 -15.26
CA VAL G 122 49.42 -7.43 -16.32
C VAL G 122 48.90 -6.79 -17.59
N LEU G 123 47.73 -7.25 -18.07
CA LEU G 123 47.10 -6.66 -19.24
C LEU G 123 46.00 -5.69 -18.81
N PRO G 124 45.78 -4.60 -19.57
CA PRO G 124 44.66 -3.70 -19.25
C PRO G 124 43.34 -4.45 -19.20
N VAL G 125 42.50 -4.08 -18.23
CA VAL G 125 41.27 -4.81 -17.97
C VAL G 125 40.40 -4.91 -19.22
N ASN G 126 40.18 -3.78 -19.90
CA ASN G 126 39.28 -3.80 -21.06
C ASN G 126 39.78 -4.73 -22.15
N VAL G 127 41.11 -4.74 -22.38
CA VAL G 127 41.67 -5.63 -23.39
C VAL G 127 41.58 -7.08 -22.92
N PHE G 128 41.91 -7.32 -21.66
CA PHE G 128 41.91 -8.69 -21.14
C PHE G 128 40.53 -9.32 -21.26
N LEU G 129 39.49 -8.62 -20.80
CA LEU G 129 38.15 -9.19 -20.77
C LEU G 129 37.67 -9.56 -22.16
N ARG G 130 37.89 -8.69 -23.15
CA ARG G 130 37.40 -9.00 -24.49
C ARG G 130 38.22 -10.12 -25.14
N THR G 131 39.52 -10.20 -24.84
CA THR G 131 40.30 -11.35 -25.29
C THR G 131 39.82 -12.63 -24.61
N ASP G 132 39.72 -12.61 -23.28
CA ASP G 132 39.21 -13.76 -22.55
C ASP G 132 37.87 -14.23 -23.10
N ALA G 133 37.03 -13.29 -23.53
CA ALA G 133 35.73 -13.66 -24.10
C ALA G 133 35.90 -14.36 -25.45
N ALA G 134 36.77 -13.82 -26.32
CA ALA G 134 36.96 -14.43 -27.64
C ALA G 134 37.59 -15.81 -27.53
N LEU G 135 38.53 -15.98 -26.60
CA LEU G 135 39.12 -17.29 -26.36
C LEU G 135 38.06 -18.28 -25.86
N GLY G 136 37.27 -17.86 -24.87
CA GLY G 136 36.28 -18.75 -24.29
C GLY G 136 35.23 -19.18 -25.28
N THR G 137 34.88 -18.30 -26.23
CA THR G 137 33.95 -18.70 -27.27
C THR G 137 34.51 -19.86 -28.08
N VAL G 138 35.78 -19.78 -28.47
CA VAL G 138 36.41 -20.86 -29.22
C VAL G 138 36.44 -22.13 -28.38
N LEU G 139 36.95 -22.03 -27.14
CA LEU G 139 37.06 -23.21 -26.29
C LEU G 139 35.70 -23.86 -26.06
N MET G 140 34.66 -23.07 -25.82
CA MET G 140 33.32 -23.62 -25.64
C MET G 140 32.88 -24.39 -26.88
N GLU G 141 33.07 -23.79 -28.06
CA GLU G 141 32.58 -24.40 -29.30
C GLU G 141 33.25 -25.75 -29.56
N ILE G 142 34.57 -25.81 -29.37
CA ILE G 142 35.27 -27.05 -29.66
C ILE G 142 34.97 -28.12 -28.61
N ARG G 143 34.71 -27.71 -27.36
CA ARG G 143 34.37 -28.67 -26.32
C ARG G 143 32.96 -29.21 -26.51
N ASN G 144 32.03 -28.36 -26.93
CA ASN G 144 30.63 -28.76 -27.09
C ASN G 144 30.32 -29.38 -28.44
N THR G 145 31.35 -29.82 -29.18
CA THR G 145 31.17 -30.58 -30.41
C THR G 145 31.28 -32.05 -30.05
N ASP G 146 30.16 -32.78 -30.15
CA ASP G 146 30.09 -34.20 -29.80
C ASP G 146 30.49 -34.41 -28.34
N TYR G 147 29.81 -33.67 -27.45
CA TYR G 147 30.17 -33.64 -26.04
C TYR G 147 30.12 -35.03 -25.41
N TYR G 148 29.16 -35.84 -25.82
CA TYR G 148 28.99 -37.19 -25.27
C TYR G 148 29.61 -38.28 -26.14
N GLY G 149 30.45 -37.90 -27.13
CA GLY G 149 30.94 -38.88 -28.08
C GLY G 149 31.97 -39.84 -27.51
N THR G 150 32.77 -39.40 -26.53
CA THR G 150 33.84 -40.22 -25.99
C THR G 150 33.41 -40.86 -24.68
N PRO G 151 33.53 -42.19 -24.55
CA PRO G 151 33.15 -42.84 -23.28
C PRO G 151 34.02 -42.33 -22.12
N LEU G 152 33.49 -42.51 -20.91
CA LEU G 152 34.21 -42.07 -19.72
C LEU G 152 35.60 -42.70 -19.65
N GLU G 153 35.69 -44.00 -19.96
CA GLU G 153 37.00 -44.65 -19.99
C GLU G 153 37.94 -43.95 -20.95
N GLY G 154 37.42 -43.51 -22.11
CA GLY G 154 38.26 -42.79 -23.05
C GLY G 154 38.64 -41.40 -22.57
N LEU G 155 37.70 -40.68 -21.95
CA LEU G 155 38.00 -39.34 -21.45
C LEU G 155 39.02 -39.39 -20.33
N ARG G 156 38.96 -40.41 -19.47
CA ARG G 156 39.96 -40.58 -18.44
C ARG G 156 41.35 -40.75 -19.04
N LYS G 157 41.45 -41.53 -20.13
CA LYS G 157 42.74 -41.71 -20.81
C LYS G 157 43.20 -40.41 -21.45
N GLU G 158 42.30 -39.69 -22.11
CA GLU G 158 42.69 -38.45 -22.78
C GLU G 158 43.10 -37.38 -21.77
N ARG G 159 42.40 -37.30 -20.64
CA ARG G 159 42.79 -36.36 -19.60
C ARG G 159 44.11 -36.74 -18.95
N GLY G 160 44.41 -38.04 -18.88
CA GLY G 160 45.65 -38.49 -18.28
C GLY G 160 45.58 -38.66 -16.78
N VAL G 161 44.40 -38.92 -16.23
CA VAL G 161 44.28 -39.13 -14.79
C VAL G 161 44.87 -40.49 -14.42
N LYS G 162 45.44 -40.55 -13.22
CA LYS G 162 45.68 -41.83 -12.57
C LYS G 162 44.43 -42.19 -11.80
N VAL G 163 43.81 -43.32 -12.16
CA VAL G 163 42.56 -43.72 -11.53
C VAL G 163 42.88 -44.48 -10.25
N LEU G 164 42.43 -43.93 -9.11
CA LEU G 164 42.71 -44.53 -7.81
C LEU G 164 41.59 -45.44 -7.33
N HIS G 165 40.36 -45.21 -7.79
CA HIS G 165 39.22 -45.99 -7.32
C HIS G 165 38.02 -45.83 -8.22
N LEU G 166 37.38 -46.96 -8.56
CA LEU G 166 36.10 -46.97 -9.28
C LEU G 166 35.17 -47.89 -8.52
N GLN G 167 34.16 -47.32 -7.85
CA GLN G 167 33.19 -48.12 -7.13
C GLN G 167 32.47 -49.06 -8.09
N ALA G 168 32.34 -50.32 -7.69
CA ALA G 168 31.67 -51.32 -8.53
C ALA G 168 30.18 -51.06 -8.59
N SER H 1 -11.84 -34.85 -17.51
CA SER H 1 -11.67 -34.01 -16.33
C SER H 1 -10.75 -34.67 -15.28
N ALA H 2 -11.01 -35.95 -14.99
CA ALA H 2 -10.28 -36.63 -13.94
C ALA H 2 -8.79 -36.69 -14.22
N HIS H 3 -8.40 -36.79 -15.49
CA HIS H 3 -6.98 -36.98 -15.83
C HIS H 3 -6.14 -35.74 -15.51
N ASN H 4 -6.76 -34.58 -15.30
CA ASN H 4 -6.05 -33.37 -14.93
C ASN H 4 -6.00 -33.16 -13.42
N ALA H 5 -6.46 -34.13 -12.64
CA ALA H 5 -6.43 -34.01 -11.19
C ALA H 5 -4.99 -34.03 -10.69
N TYR H 6 -4.73 -33.28 -9.61
CA TYR H 6 -3.40 -33.25 -9.02
C TYR H 6 -2.90 -34.65 -8.69
N ASN H 7 -3.77 -35.48 -8.12
CA ASN H 7 -3.42 -36.85 -7.77
C ASN H 7 -3.95 -37.86 -8.77
N ALA H 8 -3.96 -37.51 -10.05
CA ALA H 8 -4.39 -38.44 -11.09
C ALA H 8 -3.32 -39.49 -11.38
N GLY H 9 -3.76 -40.61 -11.94
CA GLY H 9 -2.82 -41.61 -12.46
C GLY H 9 -2.01 -42.24 -11.35
N ILE H 10 -0.69 -42.27 -11.56
CA ILE H 10 0.26 -42.88 -10.64
C ILE H 10 0.18 -42.27 -9.25
N MET H 11 -0.29 -41.02 -9.13
CA MET H 11 -0.38 -40.35 -7.85
C MET H 11 -1.41 -40.96 -6.92
N GLN H 12 -2.26 -41.86 -7.43
CA GLN H 12 -3.19 -42.61 -6.58
C GLN H 12 -2.51 -43.75 -5.85
N CYS H 13 -1.42 -44.29 -6.41
CA CYS H 13 -0.73 -45.43 -5.81
C CYS H 13 0.13 -44.96 -4.64
N THR H 14 0.31 -45.86 -3.67
CA THR H 14 1.16 -45.61 -2.51
C THR H 14 2.08 -46.81 -2.30
N GLY H 15 3.08 -46.61 -1.46
CA GLY H 15 3.99 -47.69 -1.09
C GLY H 15 4.66 -48.30 -2.30
N LYS H 16 4.77 -49.64 -2.29
CA LYS H 16 5.41 -50.35 -3.40
C LYS H 16 4.69 -50.13 -4.71
N ALA H 17 3.36 -49.98 -4.67
CA ALA H 17 2.58 -49.73 -5.89
C ALA H 17 3.06 -48.47 -6.60
N PHE H 18 3.31 -47.39 -5.85
CA PHE H 18 3.81 -46.18 -6.48
C PHE H 18 5.22 -46.38 -7.02
N ALA H 19 6.10 -47.03 -6.24
CA ALA H 19 7.48 -47.23 -6.65
C ALA H 19 7.56 -48.01 -7.96
N ASP H 20 6.71 -49.03 -8.12
CA ASP H 20 6.74 -49.85 -9.33
C ASP H 20 6.33 -49.06 -10.56
N GLU H 21 5.35 -48.16 -10.42
CA GLU H 21 4.98 -47.31 -11.54
C GLU H 21 6.02 -46.22 -11.78
N PHE H 22 6.57 -45.66 -10.69
CA PHE H 22 7.56 -44.59 -10.80
C PHE H 22 8.81 -45.06 -11.50
N PHE H 23 9.22 -46.32 -11.27
CA PHE H 23 10.44 -46.85 -11.84
C PHE H 23 10.19 -47.78 -13.03
N ALA H 24 8.99 -47.77 -13.59
CA ALA H 24 8.69 -48.58 -14.76
C ALA H 24 9.47 -48.07 -15.97
N GLU H 25 9.87 -49.00 -16.83
CA GLU H 25 10.73 -48.67 -17.97
C GLU H 25 10.12 -47.57 -18.84
N GLU H 26 8.80 -47.62 -19.08
CA GLU H 26 8.19 -46.64 -19.97
C GLU H 26 8.16 -45.24 -19.37
N ASN H 27 8.32 -45.11 -18.05
CA ASN H 27 8.26 -43.83 -17.38
C ASN H 27 9.64 -43.23 -17.11
N GLN H 28 10.67 -43.67 -17.84
CA GLN H 28 12.01 -43.12 -17.71
C GLN H 28 12.31 -42.05 -18.77
N VAL H 29 11.32 -41.70 -19.61
CA VAL H 29 11.40 -40.57 -20.50
C VAL H 29 10.15 -39.72 -20.27
N VAL H 30 10.24 -38.43 -20.63
CA VAL H 30 9.06 -37.58 -20.50
C VAL H 30 8.02 -38.00 -21.53
N HIS H 31 6.78 -37.63 -21.26
CA HIS H 31 5.67 -37.90 -22.16
C HIS H 31 4.98 -36.58 -22.48
N GLU H 32 4.84 -36.29 -23.77
CA GLU H 32 4.19 -35.06 -24.20
C GLU H 32 2.82 -34.94 -23.55
N SER H 33 2.49 -33.73 -23.08
CA SER H 33 1.21 -33.45 -22.45
C SER H 33 0.56 -32.25 -23.14
N ASN H 34 -0.76 -32.33 -23.33
CA ASN H 34 -1.50 -31.23 -23.93
C ASN H 34 -2.03 -30.24 -22.89
N ALA H 35 -1.64 -30.41 -21.63
CA ALA H 35 -2.23 -29.66 -20.53
C ALA H 35 -1.46 -28.38 -20.25
N VAL H 36 -2.09 -27.51 -19.46
CA VAL H 36 -1.47 -26.33 -18.89
C VAL H 36 -1.84 -26.30 -17.42
N VAL H 37 -0.93 -25.74 -16.61
CA VAL H 37 -1.17 -25.57 -15.18
C VAL H 37 -1.09 -24.08 -14.87
N LEU H 38 -2.07 -23.60 -14.09
CA LEU H 38 -2.15 -22.21 -13.68
C LEU H 38 -2.29 -22.15 -12.18
N VAL H 39 -1.45 -21.34 -11.52
CA VAL H 39 -1.49 -21.15 -10.08
C VAL H 39 -1.91 -19.72 -9.80
N LEU H 40 -2.94 -19.56 -8.97
CA LEU H 40 -3.41 -18.24 -8.54
C LEU H 40 -3.35 -18.18 -7.02
N MET H 41 -2.63 -17.20 -6.48
CA MET H 41 -2.53 -17.09 -5.03
C MET H 41 -3.83 -16.53 -4.47
N LYS H 42 -4.29 -17.13 -3.37
CA LYS H 42 -5.57 -16.76 -2.79
C LYS H 42 -5.56 -15.29 -2.36
N SER H 43 -6.63 -14.59 -2.74
CA SER H 43 -6.85 -13.21 -2.32
C SER H 43 -8.34 -12.93 -2.54
N ASP H 44 -8.77 -11.75 -2.10
CA ASP H 44 -10.16 -11.37 -2.30
C ASP H 44 -10.54 -11.42 -3.78
N GLU H 45 -9.73 -10.79 -4.64
CA GLU H 45 -10.05 -10.71 -6.05
C GLU H 45 -9.97 -12.09 -6.72
N ILE H 46 -8.94 -12.86 -6.39
CA ILE H 46 -8.74 -14.16 -7.03
C ILE H 46 -9.85 -15.13 -6.64
N ASP H 47 -10.22 -15.15 -5.35
CA ASP H 47 -11.27 -16.07 -4.91
C ASP H 47 -12.59 -15.76 -5.61
N ALA H 48 -12.87 -14.47 -5.85
CA ALA H 48 -14.04 -14.12 -6.64
C ALA H 48 -13.91 -14.61 -8.08
N ILE H 49 -12.71 -14.51 -8.65
CA ILE H 49 -12.51 -14.92 -10.04
C ILE H 49 -12.64 -16.43 -10.18
N ILE H 50 -12.11 -17.19 -9.21
CA ILE H 50 -12.26 -18.64 -9.23
C ILE H 50 -13.74 -19.02 -9.24
N GLU H 51 -14.51 -18.42 -8.34
CA GLU H 51 -15.86 -18.90 -8.10
C GLU H 51 -16.81 -18.56 -9.25
N ASP H 52 -16.72 -17.33 -9.77
CA ASP H 52 -17.73 -16.84 -10.70
C ASP H 52 -17.27 -16.84 -12.16
N ILE H 53 -15.98 -17.04 -12.42
CA ILE H 53 -15.46 -17.11 -13.78
C ILE H 53 -14.93 -18.51 -14.11
N VAL H 54 -13.88 -18.95 -13.41
CA VAL H 54 -13.22 -20.19 -13.76
C VAL H 54 -14.15 -21.38 -13.51
N LEU H 55 -14.88 -21.38 -12.40
CA LEU H 55 -15.74 -22.51 -12.04
C LEU H 55 -17.10 -22.47 -12.72
N LYS H 56 -17.37 -21.46 -13.56
CA LYS H 56 -18.65 -21.41 -14.25
C LYS H 56 -18.44 -21.32 -15.76
N GLY H 57 -18.26 -20.11 -16.29
CA GLY H 57 -18.06 -19.97 -17.72
C GLY H 57 -16.80 -20.62 -18.20
N GLY H 58 -15.75 -20.59 -17.37
CA GLY H 58 -14.50 -21.24 -17.75
C GLY H 58 -14.65 -22.74 -17.91
N LYS H 59 -15.22 -23.39 -16.88
CA LYS H 59 -15.43 -24.83 -16.96
C LYS H 59 -16.51 -25.18 -17.99
N ALA H 60 -17.44 -24.25 -18.24
CA ALA H 60 -18.41 -24.47 -19.30
C ALA H 60 -17.73 -24.55 -20.66
N LYS H 61 -16.84 -23.59 -20.94
CA LYS H 61 -16.14 -23.60 -22.22
C LYS H 61 -15.11 -24.74 -22.26
N ASN H 62 -14.43 -25.01 -21.15
CA ASN H 62 -13.39 -26.04 -21.07
C ASN H 62 -13.71 -26.99 -19.92
N PRO H 63 -14.56 -28.00 -20.17
CA PRO H 63 -14.95 -28.92 -19.08
C PRO H 63 -13.81 -29.76 -18.52
N SER H 64 -12.62 -29.74 -19.12
CA SER H 64 -11.49 -30.49 -18.57
C SER H 64 -10.77 -29.75 -17.45
N ILE H 65 -11.27 -28.57 -17.05
CA ILE H 65 -10.60 -27.80 -16.01
C ILE H 65 -10.78 -28.48 -14.66
N VAL H 66 -9.69 -28.57 -13.90
CA VAL H 66 -9.70 -29.01 -12.52
C VAL H 66 -9.14 -27.89 -11.67
N VAL H 67 -9.84 -27.56 -10.58
CA VAL H 67 -9.40 -26.53 -9.64
C VAL H 67 -9.26 -27.20 -8.28
N GLU H 68 -8.08 -27.13 -7.69
CA GLU H 68 -7.80 -27.74 -6.40
C GLU H 68 -7.38 -26.68 -5.39
N ASP H 69 -7.80 -26.87 -4.14
CA ASP H 69 -7.49 -25.98 -3.04
C ASP H 69 -6.17 -26.43 -2.42
N LYS H 70 -5.14 -25.59 -2.53
CA LYS H 70 -3.81 -25.88 -1.99
C LYS H 70 -3.45 -24.93 -0.85
N ALA H 71 -4.44 -24.60 -0.02
CA ALA H 71 -4.30 -23.76 1.16
C ALA H 71 -4.01 -22.31 0.80
N GLY H 72 -2.78 -22.02 0.40
CA GLY H 72 -2.39 -20.65 0.11
C GLY H 72 -2.67 -20.22 -1.31
N PHE H 73 -2.83 -21.19 -2.20
CA PHE H 73 -3.12 -20.88 -3.60
C PHE H 73 -4.13 -21.83 -4.22
N FTR H 74 -4.63 -21.44 -5.39
CA FTR H 74 -5.42 -22.33 -6.23
CB FTR H 74 -6.56 -21.61 -6.97
CG FTR H 74 -7.42 -20.84 -6.08
CD2 FTR H 74 -8.45 -21.42 -5.23
CE2 FTR H 74 -9.05 -20.32 -4.50
CE3 FTR H 74 -8.89 -22.72 -5.04
CD1 FTR H 74 -7.42 -19.47 -5.83
NE1 FTR H 74 -8.41 -19.14 -4.88
CZ2 FTR H 74 -10.10 -20.55 -3.60
CZ3 FTR H 74 -9.94 -22.93 -4.14
F FTR H 74 -10.39 -24.20 -3.94
CH2 FTR H 74 -10.53 -21.86 -3.43
C FTR H 74 -4.54 -23.04 -7.31
O FTR H 74 -3.76 -22.35 -8.03
N FTR H 75 -4.67 -24.35 -7.41
CA FTR H 75 -4.01 -25.11 -8.47
CB FTR H 75 -3.36 -26.38 -7.90
CG FTR H 75 -2.53 -27.17 -8.81
CD2 FTR H 75 -3.02 -28.30 -9.58
CE2 FTR H 75 -1.89 -28.83 -10.32
CE3 FTR H 75 -4.27 -28.89 -9.70
CD1 FTR H 75 -1.17 -27.06 -9.09
NE1 FTR H 75 -0.77 -28.05 -10.00
CZ2 FTR H 75 -2.03 -29.93 -11.18
CZ3 FTR H 75 -4.40 -29.99 -10.55
F FTR H 75 -5.62 -30.58 -10.69
CH2 FTR H 75 -3.29 -30.50 -11.28
C FTR H 75 -5.02 -25.47 -9.60
O FTR H 75 -6.04 -26.18 -9.32
N ILE H 76 -4.77 -25.00 -10.81
CA ILE H 76 -5.67 -25.24 -11.94
C ILE H 76 -4.94 -25.93 -13.09
N LYS H 77 -5.53 -27.01 -13.60
CA LYS H 77 -4.97 -27.75 -14.72
C LYS H 77 -6.08 -28.01 -15.72
N ALA H 78 -5.74 -27.92 -17.01
CA ALA H 78 -6.74 -28.05 -18.06
C ALA H 78 -6.06 -28.48 -19.35
N ASP H 79 -6.85 -29.08 -20.24
CA ASP H 79 -6.39 -29.42 -21.58
C ASP H 79 -6.36 -28.17 -22.46
N GLY H 80 -5.30 -28.04 -23.25
CA GLY H 80 -5.28 -27.04 -24.29
C GLY H 80 -4.91 -25.64 -23.83
N ALA H 81 -5.81 -24.99 -23.08
CA ALA H 81 -5.59 -23.61 -22.70
C ALA H 81 -6.50 -23.23 -21.54
N ILE H 82 -6.10 -22.16 -20.84
CA ILE H 82 -6.92 -21.49 -19.84
C ILE H 82 -6.86 -19.99 -20.14
N GLU H 83 -8.00 -19.32 -20.11
CA GLU H 83 -8.05 -17.89 -20.34
C GLU H 83 -8.87 -17.20 -19.26
N ILE H 84 -8.45 -15.98 -18.92
CA ILE H 84 -9.15 -15.13 -17.96
C ILE H 84 -9.18 -13.72 -18.53
N ASP H 85 -10.37 -13.19 -18.76
CA ASP H 85 -10.53 -11.83 -19.26
C ASP H 85 -10.56 -10.88 -18.08
N ALA H 86 -9.55 -10.01 -17.99
CA ALA H 86 -9.52 -9.01 -16.92
C ALA H 86 -10.73 -8.08 -16.98
N ALA H 87 -11.34 -7.91 -18.16
CA ALA H 87 -12.54 -7.09 -18.25
C ALA H 87 -13.71 -7.75 -17.52
N GLU H 88 -13.86 -9.06 -17.68
CA GLU H 88 -14.91 -9.79 -16.96
C GLU H 88 -14.69 -9.72 -15.45
N ALA H 89 -13.43 -9.83 -15.02
CA ALA H 89 -13.13 -9.76 -13.59
C ALA H 89 -13.37 -8.37 -13.03
N GLY H 90 -13.03 -7.33 -13.78
CA GLY H 90 -13.34 -5.98 -13.34
C GLY H 90 -14.83 -5.73 -13.19
N GLU H 91 -15.63 -6.27 -14.12
CA GLU H 91 -17.08 -6.16 -13.98
C GLU H 91 -17.55 -6.83 -12.70
N LEU H 92 -17.01 -8.01 -12.40
CA LEU H 92 -17.41 -8.76 -11.22
C LEU H 92 -16.98 -8.05 -9.94
N LEU H 93 -15.80 -7.42 -9.95
CA LEU H 93 -15.24 -6.80 -8.76
C LEU H 93 -15.68 -5.36 -8.56
N GLY H 94 -16.12 -4.68 -9.61
CA GLY H 94 -16.62 -3.32 -9.49
C GLY H 94 -15.56 -2.28 -9.20
N LYS H 95 -14.32 -2.51 -9.61
CA LYS H 95 -13.25 -1.55 -9.39
C LYS H 95 -12.28 -1.63 -10.55
N PRO H 96 -11.40 -0.63 -10.70
CA PRO H 96 -10.42 -0.68 -11.80
C PRO H 96 -9.61 -1.97 -11.78
N PHE H 97 -9.52 -2.61 -12.94
CA PHE H 97 -8.90 -3.94 -13.02
C PHE H 97 -8.40 -4.26 -14.42
N SER H 98 -7.25 -3.69 -14.79
CA SER H 98 -6.63 -4.00 -16.07
C SER H 98 -6.00 -5.39 -16.04
N VAL H 99 -5.45 -5.80 -17.18
CA VAL H 99 -4.76 -7.08 -17.24
C VAL H 99 -3.48 -7.03 -16.40
N TYR H 100 -2.88 -5.85 -16.26
CA TYR H 100 -1.73 -5.71 -15.37
C TYR H 100 -2.12 -5.92 -13.92
N ASP H 101 -3.34 -5.50 -13.54
CA ASP H 101 -3.82 -5.70 -12.17
C ASP H 101 -4.16 -7.16 -11.90
N LEU H 102 -4.60 -7.88 -12.93
CA LEU H 102 -4.93 -9.30 -12.75
C LEU H 102 -3.68 -10.12 -12.44
N LEU H 103 -2.55 -9.78 -13.05
CA LEU H 103 -1.30 -10.51 -12.84
C LEU H 103 -0.76 -10.39 -11.42
N ILE H 104 -1.28 -9.46 -10.61
CA ILE H 104 -0.76 -9.24 -9.26
C ILE H 104 -0.82 -10.52 -8.43
N ASN H 105 -1.81 -11.39 -8.68
CA ASN H 105 -1.95 -12.63 -7.94
C ASN H 105 -1.95 -13.85 -8.84
N VAL H 106 -1.49 -13.72 -10.09
CA VAL H 106 -1.24 -14.88 -10.94
C VAL H 106 0.15 -15.37 -10.59
N SER H 107 0.20 -16.45 -9.80
CA SER H 107 1.45 -16.86 -9.17
C SER H 107 2.34 -17.69 -10.10
N SER H 108 1.81 -18.70 -10.78
CA SER H 108 2.68 -19.51 -11.62
C SER H 108 1.93 -20.06 -12.83
N THR H 109 2.70 -20.49 -13.82
CA THR H 109 2.20 -21.04 -15.07
C THR H 109 3.11 -22.18 -15.51
N VAL H 110 2.50 -23.27 -15.96
CA VAL H 110 3.21 -24.33 -16.67
C VAL H 110 2.62 -24.37 -18.06
N GLY H 111 3.29 -23.74 -19.02
CA GLY H 111 2.82 -23.62 -20.37
C GLY H 111 3.24 -22.29 -20.94
N ARG H 112 2.65 -21.94 -22.08
CA ARG H 112 2.96 -20.72 -22.80
C ARG H 112 1.92 -19.65 -22.44
N ALA H 113 2.33 -18.66 -21.66
CA ALA H 113 1.44 -17.62 -21.18
C ALA H 113 1.71 -16.31 -21.88
N TYR H 114 0.67 -15.48 -21.98
CA TYR H 114 0.76 -14.18 -22.63
C TYR H 114 -0.50 -13.39 -22.34
N THR H 115 -0.40 -12.07 -22.47
CA THR H 115 -1.54 -11.18 -22.42
C THR H 115 -1.81 -10.63 -23.81
N LEU H 116 -3.09 -10.51 -24.16
CA LEU H 116 -3.51 -10.00 -25.46
C LEU H 116 -4.76 -9.14 -25.24
N GLY H 117 -4.59 -7.83 -25.23
CA GLY H 117 -5.67 -6.92 -24.91
C GLY H 117 -5.97 -6.94 -23.43
N THR H 118 -7.20 -7.30 -23.07
CA THR H 118 -7.59 -7.43 -21.67
C THR H 118 -7.53 -8.87 -21.17
N LYS H 119 -7.11 -9.82 -22.01
CA LYS H 119 -7.22 -11.24 -21.69
C LYS H 119 -5.86 -11.82 -21.39
N PHE H 120 -5.77 -12.54 -20.28
CA PHE H 120 -4.61 -13.38 -19.99
C PHE H 120 -4.90 -14.79 -20.49
N THR H 121 -3.87 -15.43 -21.05
CA THR H 121 -4.03 -16.75 -21.64
C THR H 121 -2.78 -17.57 -21.40
N ILE H 122 -2.97 -18.81 -20.97
CA ILE H 122 -1.91 -19.81 -20.91
C ILE H 122 -2.33 -20.97 -21.80
N THR H 123 -1.43 -21.40 -22.69
CA THR H 123 -1.82 -22.35 -23.73
C THR H 123 -0.73 -23.40 -23.93
N SER H 124 -1.16 -24.58 -24.38
CA SER H 124 -0.25 -25.65 -24.73
C SER H 124 0.48 -25.38 -26.04
N GLU H 125 -0.05 -24.48 -26.87
CA GLU H 125 0.57 -24.16 -28.15
C GLU H 125 2.01 -23.70 -27.95
N LEU H 126 2.87 -24.08 -28.89
CA LEU H 126 4.25 -23.61 -28.93
C LEU H 126 4.34 -22.49 -29.97
N MET H 127 4.02 -21.27 -29.55
CA MET H 127 4.07 -20.14 -30.45
C MET H 127 5.47 -19.96 -31.02
N GLY H 128 5.56 -19.70 -32.31
CA GLY H 128 6.82 -19.61 -33.00
C GLY H 128 7.32 -20.94 -33.55
N LEU H 129 6.79 -22.06 -33.07
CA LEU H 129 7.09 -23.37 -33.61
C LEU H 129 5.86 -24.03 -34.21
N ASP H 130 4.77 -24.13 -33.45
CA ASP H 130 3.52 -24.66 -33.98
C ASP H 130 3.02 -23.77 -35.11
N ARG H 131 2.56 -24.40 -36.18
CA ARG H 131 2.06 -23.69 -37.34
C ARG H 131 0.55 -23.51 -37.23
N ALA H 132 0.09 -22.30 -37.55
CA ALA H 132 -1.33 -21.99 -37.46
C ALA H 132 -2.13 -22.86 -38.42
N LEU H 133 -3.14 -23.54 -37.90
CA LEU H 133 -3.94 -24.47 -38.69
C LEU H 133 -5.01 -23.78 -39.54
N THR H 134 -5.14 -22.46 -39.45
CA THR H 134 -6.11 -21.72 -40.22
C THR H 134 -5.51 -20.38 -40.63
N ASP H 135 -5.89 -19.91 -41.82
CA ASP H 135 -5.45 -18.61 -42.31
C ASP H 135 -6.28 -17.47 -41.77
N ILE H 136 -7.25 -17.76 -40.91
CA ILE H 136 -8.18 -16.76 -40.38
C ILE H 136 -7.55 -16.03 -39.19
FE FE I . -15.33 9.07 13.22
FE FE J . -14.56 11.76 15.13
C1 EDO K . -27.70 -3.68 42.32
O1 EDO K . -28.26 -5.00 42.45
C2 EDO K . -28.81 -2.66 42.45
O2 EDO K . -29.89 -2.99 41.56
C1 EDO L . -52.69 -13.58 22.60
O1 EDO L . -52.30 -12.34 22.00
C2 EDO L . -51.46 -14.31 23.12
O2 EDO L . -50.52 -14.42 22.05
C1 EDO M . -26.91 -9.65 18.28
O1 EDO M . -25.85 -10.44 17.73
C2 EDO M . -27.46 -8.73 17.20
O2 EDO M . -28.54 -7.96 17.75
C1 EDO N . -55.26 -1.00 25.63
O1 EDO N . -54.36 -1.87 26.33
C2 EDO N . -55.35 -1.41 24.17
O2 EDO N . -54.14 -1.07 23.49
C BEZ O . -17.12 10.09 15.58
O1 BEZ O . -16.92 9.58 14.46
O2 BEZ O . -16.44 11.08 15.93
C1 BEZ O . -18.14 9.50 16.51
C2 BEZ O . -18.79 8.31 16.19
C3 BEZ O . -19.73 7.77 17.06
C4 BEZ O . -20.01 8.41 18.27
C5 BEZ O . -19.36 9.60 18.60
C6 BEZ O . -18.43 10.15 17.72
C1 EDO P . -27.45 17.58 23.40
O1 EDO P . -26.08 17.91 23.17
C2 EDO P . -28.11 17.19 22.08
O2 EDO P . -29.39 16.63 22.35
C1 EDO Q . -31.61 -6.66 17.41
O1 EDO Q . -30.51 -6.58 16.49
C2 EDO Q . -32.86 -7.05 16.65
O2 EDO Q . -34.00 -6.94 17.52
C1 EDO R . -29.77 12.50 40.67
O1 EDO R . -28.79 11.91 41.53
C2 EDO R . -30.85 11.48 40.32
O2 EDO R . -31.77 12.07 39.41
C1 EDO S . -31.44 19.10 24.28
O1 EDO S . -32.86 18.90 24.29
C2 EDO S . -31.09 20.30 25.15
O2 EDO S . -31.71 21.48 24.62
C1 EDO T . -5.03 12.43 9.80
O1 EDO T . -3.85 13.21 10.04
C2 EDO T . -5.79 12.18 11.09
O2 EDO T . -6.88 13.11 11.14
C1 EDO U . -34.57 18.06 36.71
O1 EDO U . -35.91 17.85 37.16
C2 EDO U . -34.24 17.10 35.58
O2 EDO U . -35.11 17.34 34.46
C1 EDO V . -42.17 15.95 -16.75
O1 EDO V . -41.65 14.64 -16.94
C2 EDO V . -42.95 16.01 -15.44
O2 EDO V . -43.09 17.37 -15.04
C1 EDO W . -10.34 -1.78 -1.81
O1 EDO W . -10.65 -1.33 -3.14
C2 EDO W . -9.07 -1.07 -1.34
O2 EDO W . -8.06 -1.20 -2.34
C1 EDO X . -8.94 2.49 -5.55
O1 EDO X . -9.66 1.73 -4.59
C2 EDO X . -7.45 2.49 -5.18
O2 EDO X . -6.72 3.30 -6.11
C1 EDO Y . -30.22 7.24 -14.39
O1 EDO Y . -31.08 7.57 -13.29
C2 EDO Y . -28.80 7.04 -13.88
O2 EDO Y . -28.66 5.74 -13.30
C1 EDO Z . 8.19 45.90 -16.93
O1 EDO Z . 9.50 45.72 -16.41
C2 EDO Z . 7.77 47.35 -16.75
O2 EDO Z . 6.46 47.55 -17.31
C1 EDO AA . -52.50 9.18 8.81
O1 EDO AA . -51.70 10.04 8.00
C2 EDO AA . -52.33 9.54 10.28
O2 EDO AA . -50.97 9.33 10.66
C1 EDO BA . -47.41 38.19 -5.90
O1 EDO BA . -48.79 38.07 -5.53
C2 EDO BA . -46.87 36.81 -6.30
O2 EDO BA . -47.56 36.36 -7.47
C1 EDO CA . 0.78 -10.93 20.19
O1 EDO CA . 0.91 -9.56 20.58
C2 EDO CA . -0.58 -11.15 19.54
O2 EDO CA . -1.62 -11.14 20.53
C01 W6X DA . -13.74 -6.37 45.43
C02 W6X DA . -12.85 -6.17 46.60
C03 W6X DA . -13.50 -6.08 47.93
F04 W6X DA . -12.62 -5.93 48.90
F05 W6X DA . -14.21 -7.16 48.21
F06 W6X DA . -14.33 -5.05 48.01
O07 W6X DA . -11.64 -6.09 46.47
CL CL EA . 0.68 1.88 43.54
FE FE FA . 13.50 -14.87 -8.80
FE FE GA . 13.28 -15.56 -12.15
C1 EDO HA . 28.59 -13.10 20.06
O1 EDO HA . 29.87 -13.13 20.68
C2 EDO HA . 28.76 -12.78 18.58
O2 EDO HA . 29.14 -13.96 17.87
C1 EDO IA . -12.54 24.72 -28.97
O1 EDO IA . -12.09 23.70 -29.86
C2 EDO IA . -12.05 24.39 -27.56
O2 EDO IA . -12.01 22.96 -27.41
C1 EDO JA . 39.51 -40.69 9.45
O1 EDO JA . 38.92 -40.45 10.72
C2 EDO JA . 38.43 -40.94 8.39
O2 EDO JA . 38.97 -40.79 7.07
C BEZ KA . 14.77 -17.26 -10.21
O1 BEZ KA . 14.32 -17.07 -11.36
O2 BEZ KA . 14.83 -16.29 -9.43
C1 BEZ KA . 15.24 -18.63 -9.81
C2 BEZ KA . 15.47 -19.60 -10.77
C3 BEZ KA . 15.90 -20.87 -10.39
C4 BEZ KA . 16.09 -21.17 -9.06
C5 BEZ KA . 15.86 -20.20 -8.09
C6 BEZ KA . 15.43 -18.93 -8.46
C1 EDO LA . 4.32 -0.87 3.31
O1 EDO LA . 4.58 0.22 2.41
C2 EDO LA . 3.89 -0.34 4.67
O2 EDO LA . 3.49 -1.41 5.53
C1 EDO MA . 21.14 -29.04 8.37
O1 EDO MA . 20.28 -27.89 8.42
C2 EDO MA . 22.51 -28.69 8.95
O2 EDO MA . 23.41 -29.78 8.77
C1 EDO NA . 2.23 -35.87 9.88
O1 EDO NA . 1.76 -35.66 8.54
C2 EDO NA . 3.31 -36.95 9.87
O2 EDO NA . 3.95 -36.99 11.17
C1 EDO OA . 22.80 -25.56 6.33
O1 EDO OA . 23.27 -26.89 6.56
C2 EDO OA . 21.59 -25.26 7.21
O2 EDO OA . 21.94 -25.40 8.59
C1 EDO PA . 10.19 21.39 -14.31
O1 EDO PA . 9.07 22.14 -13.82
C2 EDO PA . 11.38 21.58 -13.38
O2 EDO PA . 12.38 20.59 -13.66
C1 EDO QA . 18.81 14.52 -4.32
O1 EDO QA . 18.26 15.10 -3.14
C2 EDO QA . 17.99 13.29 -4.71
O2 EDO QA . 16.88 13.67 -5.53
C1 EDO RA . -10.47 13.94 -16.86
O1 EDO RA . -9.34 13.20 -16.39
C2 EDO RA . -10.71 15.08 -15.90
O2 EDO RA . -10.50 14.63 -14.56
C1 EDO SA . 8.92 -2.61 5.06
O1 EDO SA . 9.67 -1.48 5.50
C2 EDO SA . 7.97 -2.14 3.96
O2 EDO SA . 7.29 -0.97 4.44
C1 EDO TA . 15.10 30.16 -37.50
O1 EDO TA . 16.41 30.72 -37.39
C2 EDO TA . 14.27 30.54 -36.28
O2 EDO TA . 12.92 30.09 -36.47
C1 EDO UA . 34.59 9.52 -29.55
O1 EDO UA . 35.96 9.50 -29.12
C2 EDO UA . 33.69 9.59 -28.33
O2 EDO UA . 34.17 8.67 -27.34
C1 EDO VA . 39.53 5.78 -21.08
O1 EDO VA . 40.92 5.46 -20.93
C2 EDO VA . 39.05 5.33 -22.44
O2 EDO VA . 38.59 3.97 -22.39
C1 EDO WA . 0.62 12.74 -38.51
O1 EDO WA . -0.78 12.45 -38.57
C2 EDO WA . 1.40 11.57 -39.11
O2 EDO WA . 1.05 10.38 -38.41
C1 EDO XA . -9.25 -29.31 20.47
O1 EDO XA . -10.04 -28.49 21.35
C2 EDO XA . -7.77 -29.20 20.80
O2 EDO XA . -7.05 -30.19 20.07
C1 EDO YA . 47.74 -24.67 2.75
O1 EDO YA . 47.61 -23.51 1.91
C2 EDO YA . 47.52 -25.92 1.90
O2 EDO YA . 46.23 -25.88 1.27
C1 EDO ZA . 57.40 -2.04 -19.25
O1 EDO ZA . 58.53 -2.91 -19.07
C2 EDO ZA . 56.67 -1.87 -17.92
O2 EDO ZA . 57.60 -1.40 -16.94
C1 EDO AB . 46.37 -32.94 -21.26
O1 EDO AB . 45.97 -32.75 -22.62
C2 EDO AB . 45.18 -33.51 -20.51
O2 EDO AB . 45.48 -33.57 -19.10
C1 EDO BB . -9.53 -20.06 1.68
O1 EDO BB . -10.08 -20.98 0.73
C2 EDO BB . -9.14 -20.81 2.95
O2 EDO BB . -8.02 -21.67 2.71
C01 W6X CB . -1.55 -47.78 -8.50
C02 W6X CB . -2.92 -47.43 -8.93
C03 W6X CB . -4.03 -47.74 -8.00
F04 W6X CB . -5.20 -47.34 -8.48
F05 W6X CB . -3.87 -47.15 -6.82
F06 W6X CB . -4.12 -49.04 -7.77
O07 W6X CB . -3.13 -46.89 -10.00
#